data_9ERJ
#
_entry.id   9ERJ
#
_cell.length_a   1.00
_cell.length_b   1.00
_cell.length_c   1.00
_cell.angle_alpha   90.00
_cell.angle_beta   90.00
_cell.angle_gamma   90.00
#
_symmetry.space_group_name_H-M   'P 1'
#
loop_
_entity.id
_entity.type
_entity.pdbx_description
1 polymer 'Na(+)-translocating ferredoxin:NAD(+) oxidoreductase complex subunit A'
2 polymer 'Na(+)-translocating ferredoxin:NAD(+) oxidoreductase complex subunit B'
3 polymer 'Na(+)-translocating ferredoxin:NAD(+) oxidoreductase complex subunit C'
4 polymer 'Na(+)-translocating ferredoxin:NAD(+) oxidoreductase complex subunit D'
5 polymer 'Na(+)-translocating ferredoxin:NAD(+) oxidoreductase complex subunit E'
6 polymer 'Na(+)-translocating ferredoxin:NAD(+) oxidoreductase complex subunit G'
7 non-polymer 'SODIUM ION'
8 non-polymer 'FE2/S2 (INORGANIC) CLUSTER'
9 non-polymer 'IRON/SULFUR CLUSTER'
10 non-polymer 'FLAVIN MONONUCLEOTIDE'
11 non-polymer RIBOFLAVIN
#
loop_
_entity_poly.entity_id
_entity_poly.type
_entity_poly.pdbx_seq_one_letter_code
_entity_poly.pdbx_strand_id
1 'polypeptide(L)'
;MTLIFIMISAIFVNNFVLSRFLGICPFLGVSKQVETAVGMGVAVTFVMALASAITYVVQYAILDPLSLGYLQTIAFILII
AALVQLVEMIIKKSSPSLYQALGVYLPLITTNCAVLGVALINIQNEYNFIETIFNGVGAALGFTLAIVLFAGIRERLETS
AVPKALEGFPIALLTAGLMAIAFLGFSGMKL
;
A
2 'polypeptide(L)'
;MLNAILVPVGILGVFGLIFGIGLAIAAKVFEVYEDPRVPLVRAALPGANCGGCGLPGCDALAANIVGGSAAIDACPVGGA
SCAAAVAEIMGMEAGSAVKKVATVICQGTCETAPNRAEYYGEMDCREAMIASGGSKGCRYGCLGYGTCKAVCPFDAIVIG
EDGLPKVDPEKCTSCGKCVEACPKSIMTLVPEAQEVIVKCHNFDKGKIARLSCTTACIACGACVKACRFDAITVENNCAK
IDYDKCRQCYECVDKCPMNCISGDVEYGKSTAYIIEENCIACGLCAKNCPVNAITGEIKKPPYVIDHDMCIGCGICFDKC
RKSAIEMRPNKTK
;
B
3 'polypeptide(L)'
;MNVKHGTFKGGIHPPYRKESTAEVPLGFGKKPEMVIIPMSLHIGAPCTPIVKKGDTVFLGQRVGEPNGFVSVPVHASVSG
KVIAVEERPHASGDRVMSVVIESDGLDTIDPSIKPYGTLEDMDADAIKKMVLNAGIVGLGGATFPTHVKLAIPPDKKVDC
VVLNGAECEPYLTADHHLMTSQAEKVVMGLKLAMKSVGVEKGFIGVEDNKTDAIEALVKAIGNDSRLEVYSLHTKYPQGA
EKQLIAAITGREVPSGALPADAGVVVMNVGTAAQIAESMITGLPLYKRYLTCTGDAIKNPQTIEIRIGVPFQSVIDQCGG
FSSEPGKVISGGPMMGVTQFVTDIPVMKGTSGILCLTKESAKIATPSNCIHCGKCVGVCPIHLQPLNIAEYSQRNMWDKC
ESNNAMDCIECGSCSYICPAKRTLVSSIRVAKREIIAQRRKGN
;
C
4 'polypeptide(L)'
;MNELNLTVSSSPHIRAKHSTASIMQNVIIALLPALAVAGYVFGLWALALVAICVISSVATEAVIQKLLKKPITVNDWSAV
VTGVLLAFNLPINAPWWIGVVGSVFAIAIVKQCFGGLGQNFINPALAARAFLLASWPGHMTSTAYIPLTDTVTTATPLAL
LKAGETGSMPSTLDLFTGLNGVYGCIGEISALALLIGGLYLIYKGIISWRIPTIYLLTIAIFALLVGQDPIVHMVSGGVM
LGAFFMATDYASSPVTAKGQIIYAIGCGLITMIIRLYGGYPEGCSYSILLMNVATPLIERFTKERIYGVTKIKKEAKA
;
D
5 'polypeptide(L)'
;MNFMKNLTRGIIRENPTFVLVLGMCPTLAVTTSAINGMGMGLATMLVLIGSNVAISALRKVIPDNIRIPAFVVVIASFVT
IVGMLMKAYVPALDAALGIFIPLIVVNCIILARAEAFAFSNGIADSFADAVGMGLGFTLALTILGSIREILGAGSIFGFS
LFGAAYEPVLLMILPPGAFLTLGLLIGLINWKTKKA
;
E
6 'polypeptide(L)'
;METKEKVQIDWKVVFKLGLILFVISAVAACALALTNYVTAGTIEEMNVQTNTVARQEVLPKAADFEAVPAKDVEKIASEI
GMEKPEELLEVYIGKSNGEVVGYTVKTGPTSGYAGEVQVLTGISADGVITGITIIKSNETPGLGAKASGVWNDQFTGKSA
KEELVVVKGTTKEGSNEIQAITGSTITSKAVTSGVNMSIQVYQNLSK
;
G
#
loop_
_chem_comp.id
_chem_comp.type
_chem_comp.name
_chem_comp.formula
FES non-polymer 'FE2/S2 (INORGANIC) CLUSTER' 'Fe2 S2'
FMN non-polymer 'FLAVIN MONONUCLEOTIDE' 'C17 H21 N4 O9 P'
NA non-polymer 'SODIUM ION' 'Na 1'
RBF non-polymer RIBOFLAVIN 'C17 H20 N4 O6'
SF4 non-polymer 'IRON/SULFUR CLUSTER' 'Fe4 S4'
#
# COMPACT_ATOMS: atom_id res chain seq x y z
N MET A 1 30.26 -0.26 -30.57
CA MET A 1 30.55 -0.59 -29.18
C MET A 1 30.42 0.64 -28.28
N THR A 2 30.77 1.81 -28.83
CA THR A 2 30.67 3.05 -28.06
C THR A 2 29.22 3.44 -27.82
N LEU A 3 28.34 3.16 -28.80
CA LEU A 3 26.92 3.48 -28.64
C LEU A 3 26.29 2.67 -27.51
N ILE A 4 26.65 1.39 -27.42
CA ILE A 4 26.14 0.53 -26.34
C ILE A 4 26.59 1.06 -24.99
N PHE A 5 27.86 1.47 -24.89
CA PHE A 5 28.36 2.01 -23.63
C PHE A 5 27.67 3.33 -23.28
N ILE A 6 27.40 4.16 -24.28
CA ILE A 6 26.68 5.41 -24.04
C ILE A 6 25.28 5.12 -23.51
N MET A 7 24.58 4.17 -24.12
CA MET A 7 23.25 3.80 -23.66
C MET A 7 23.28 3.26 -22.24
N ILE A 8 24.25 2.39 -21.94
CA ILE A 8 24.35 1.78 -20.61
C ILE A 8 24.65 2.85 -19.56
N SER A 9 25.56 3.78 -19.87
CA SER A 9 25.87 4.85 -18.93
C SER A 9 24.69 5.79 -18.74
N ALA A 10 23.88 5.96 -19.79
CA ALA A 10 22.70 6.82 -19.66
C ALA A 10 21.62 6.17 -18.81
N ILE A 11 21.46 4.85 -18.90
CA ILE A 11 20.36 4.18 -18.20
C ILE A 11 20.72 3.92 -16.74
N PHE A 12 21.87 3.31 -16.50
CA PHE A 12 22.19 2.77 -15.18
C PHE A 12 23.10 3.69 -14.35
N VAL A 13 24.28 4.00 -14.89
CA VAL A 13 25.30 4.70 -14.11
C VAL A 13 24.88 6.14 -13.80
N ASN A 14 24.24 6.80 -14.75
CA ASN A 14 23.90 8.21 -14.65
C ASN A 14 22.41 8.44 -14.89
N ASN A 15 21.58 7.70 -14.16
CA ASN A 15 20.13 7.82 -14.26
C ASN A 15 19.68 9.26 -14.01
N PHE A 16 18.75 9.73 -14.83
CA PHE A 16 18.37 11.14 -14.81
C PHE A 16 17.61 11.51 -13.54
N VAL A 17 16.74 10.62 -13.06
CA VAL A 17 15.87 10.96 -11.93
C VAL A 17 16.64 10.92 -10.63
N LEU A 18 17.32 9.80 -10.36
CA LEU A 18 17.89 9.57 -9.04
C LEU A 18 19.20 10.33 -8.87
N SER A 19 19.97 10.51 -9.95
CA SER A 19 21.29 11.13 -9.82
C SER A 19 21.27 12.61 -10.16
N ARG A 20 20.77 12.96 -11.34
CA ARG A 20 20.90 14.32 -11.86
C ARG A 20 19.78 15.25 -11.43
N PHE A 21 18.75 14.75 -10.74
CA PHE A 21 17.68 15.58 -10.16
C PHE A 21 16.93 16.38 -11.23
N LEU A 22 16.43 15.68 -12.24
CA LEU A 22 15.79 16.37 -13.36
C LEU A 22 14.30 16.07 -13.48
N GLY A 23 13.89 14.81 -13.58
CA GLY A 23 12.49 14.48 -13.73
C GLY A 23 11.76 14.14 -12.44
N ILE A 24 11.59 15.11 -11.55
CA ILE A 24 11.08 14.82 -10.22
C ILE A 24 9.59 15.11 -10.05
N CYS A 25 9.07 16.20 -10.62
CA CYS A 25 7.66 16.54 -10.41
C CYS A 25 6.70 15.50 -11.00
N PRO A 26 6.84 15.06 -12.26
CA PRO A 26 6.00 13.94 -12.72
C PRO A 26 6.28 12.64 -11.99
N PHE A 27 7.52 12.46 -11.50
CA PHE A 27 7.88 11.27 -10.76
C PHE A 27 7.01 11.10 -9.52
N LEU A 28 6.83 12.17 -8.75
CA LEU A 28 5.94 12.11 -7.59
C LEU A 28 4.48 12.23 -7.98
N GLY A 29 4.17 12.91 -9.08
CA GLY A 29 2.78 13.17 -9.40
C GLY A 29 2.04 11.98 -10.00
N VAL A 30 2.69 11.25 -10.91
CA VAL A 30 1.99 10.30 -11.77
C VAL A 30 2.17 8.85 -11.33
N SER A 31 3.12 8.56 -10.42
CA SER A 31 3.54 7.20 -10.14
C SER A 31 2.66 6.49 -9.13
N LYS A 32 1.40 6.91 -8.97
CA LYS A 32 0.49 6.20 -8.08
C LYS A 32 -0.01 4.89 -8.66
N GLN A 33 0.18 4.64 -9.95
CA GLN A 33 -0.29 3.41 -10.57
C GLN A 33 0.67 3.05 -11.71
N VAL A 34 0.66 1.76 -12.07
CA VAL A 34 1.62 1.27 -13.06
C VAL A 34 1.27 1.68 -14.50
N GLU A 35 -0.01 1.59 -14.89
CA GLU A 35 -0.40 1.86 -16.27
C GLU A 35 -0.14 3.31 -16.66
N THR A 36 -0.48 4.25 -15.78
CA THR A 36 -0.21 5.65 -16.05
C THR A 36 1.29 5.91 -16.14
N ALA A 37 2.09 5.24 -15.31
CA ALA A 37 3.54 5.37 -15.38
C ALA A 37 4.07 4.90 -16.72
N VAL A 38 3.57 3.75 -17.21
CA VAL A 38 4.02 3.24 -18.49
C VAL A 38 3.64 4.19 -19.62
N GLY A 39 2.40 4.70 -19.60
CA GLY A 39 1.97 5.63 -20.64
C GLY A 39 2.79 6.91 -20.64
N MET A 40 3.06 7.46 -19.46
CA MET A 40 3.86 8.67 -19.36
C MET A 40 5.29 8.42 -19.83
N GLY A 41 5.84 7.25 -19.51
CA GLY A 41 7.16 6.91 -20.02
C GLY A 41 7.21 6.84 -21.53
N VAL A 42 6.20 6.24 -22.15
CA VAL A 42 6.16 6.15 -23.61
C VAL A 42 6.05 7.54 -24.23
N ALA A 43 5.18 8.39 -23.68
CA ALA A 43 5.03 9.75 -24.21
C ALA A 43 6.31 10.56 -24.07
N VAL A 44 6.98 10.45 -22.91
CA VAL A 44 8.23 11.17 -22.69
C VAL A 44 9.31 10.68 -23.65
N THR A 45 9.35 9.36 -23.89
CA THR A 45 10.31 8.81 -24.85
C THR A 45 10.09 9.38 -26.24
N PHE A 46 8.84 9.44 -26.68
CA PHE A 46 8.54 9.99 -28.00
C PHE A 46 8.96 11.45 -28.09
N VAL A 47 8.64 12.24 -27.05
CA VAL A 47 8.93 13.67 -27.07
C VAL A 47 10.44 13.92 -27.13
N MET A 48 11.20 13.21 -26.27
CA MET A 48 12.65 13.40 -26.26
C MET A 48 13.30 12.97 -27.57
N ALA A 49 12.88 11.80 -28.10
CA ALA A 49 13.48 11.29 -29.32
C ALA A 49 13.19 12.22 -30.50
N LEU A 50 12.00 12.81 -30.54
CA LEU A 50 11.70 13.74 -31.63
C LEU A 50 12.36 15.10 -31.44
N ALA A 51 12.58 15.53 -30.19
CA ALA A 51 13.12 16.87 -29.95
C ALA A 51 14.63 16.92 -30.16
N SER A 52 15.34 15.83 -29.87
CA SER A 52 16.80 15.86 -29.90
C SER A 52 17.33 16.17 -31.30
N ALA A 53 16.79 15.51 -32.32
CA ALA A 53 17.28 15.71 -33.69
C ALA A 53 17.00 17.12 -34.18
N ILE A 54 15.81 17.65 -33.89
CA ILE A 54 15.46 19.00 -34.32
C ILE A 54 16.35 20.03 -33.64
N THR A 55 16.61 19.85 -32.34
CA THR A 55 17.51 20.78 -31.65
C THR A 55 18.92 20.71 -32.21
N TYR A 56 19.40 19.51 -32.52
CA TYR A 56 20.73 19.37 -33.13
C TYR A 56 20.81 20.10 -34.46
N VAL A 57 19.81 19.90 -35.33
CA VAL A 57 19.81 20.53 -36.65
C VAL A 57 19.74 22.04 -36.53
N VAL A 58 18.87 22.55 -35.65
CA VAL A 58 18.71 23.99 -35.48
C VAL A 58 20.00 24.60 -34.95
N GLN A 59 20.66 23.96 -33.99
CA GLN A 59 21.87 24.52 -33.41
C GLN A 59 23.02 24.53 -34.42
N TYR A 60 23.22 23.43 -35.14
CA TYR A 60 24.42 23.33 -35.96
C TYR A 60 24.21 23.83 -37.38
N ALA A 61 22.98 24.15 -37.78
CA ALA A 61 22.76 24.63 -39.14
C ALA A 61 22.53 26.14 -39.19
N ILE A 62 22.04 26.73 -38.10
CA ILE A 62 21.63 28.13 -38.12
C ILE A 62 22.44 28.96 -37.12
N LEU A 63 22.39 28.57 -35.85
CA LEU A 63 22.95 29.40 -34.78
C LEU A 63 24.47 29.51 -34.88
N ASP A 64 25.15 28.39 -35.18
CA ASP A 64 26.62 28.40 -35.16
C ASP A 64 27.23 29.27 -36.25
N PRO A 65 26.90 29.13 -37.56
CA PRO A 65 27.55 30.01 -38.53
C PRO A 65 26.82 31.34 -38.71
N LEU A 66 26.35 31.93 -37.60
CA LEU A 66 25.77 33.25 -37.63
C LEU A 66 26.16 34.11 -36.43
N SER A 67 26.87 33.56 -35.44
CA SER A 67 27.24 34.26 -34.21
C SER A 67 26.02 34.77 -33.46
N LEU A 68 25.04 33.89 -33.27
CA LEU A 68 23.83 34.17 -32.51
C LEU A 68 23.63 33.10 -31.43
N GLY A 69 24.68 32.84 -30.67
CA GLY A 69 24.66 31.79 -29.67
C GLY A 69 23.88 32.09 -28.41
N TYR A 70 23.40 33.32 -28.23
CA TYR A 70 22.62 33.69 -27.06
C TYR A 70 21.12 33.40 -27.22
N LEU A 71 20.71 32.92 -28.39
CA LEU A 71 19.30 32.60 -28.65
C LEU A 71 19.02 31.10 -28.55
N GLN A 72 19.84 30.35 -27.80
CA GLN A 72 19.68 28.91 -27.72
C GLN A 72 18.42 28.54 -26.94
N THR A 73 18.24 29.13 -25.76
CA THR A 73 17.19 28.70 -24.84
C THR A 73 15.80 29.01 -25.40
N ILE A 74 15.63 30.21 -25.96
CA ILE A 74 14.30 30.62 -26.43
C ILE A 74 13.87 29.78 -27.63
N ALA A 75 14.78 29.54 -28.58
CA ALA A 75 14.45 28.71 -29.74
C ALA A 75 14.19 27.27 -29.32
N PHE A 76 15.01 26.72 -28.41
CA PHE A 76 14.82 25.35 -27.97
C PHE A 76 13.48 25.18 -27.27
N ILE A 77 13.12 26.11 -26.38
CA ILE A 77 11.86 25.98 -25.66
C ILE A 77 10.67 26.23 -26.59
N LEU A 78 10.83 27.08 -27.61
CA LEU A 78 9.76 27.26 -28.59
C LEU A 78 9.50 25.97 -29.36
N ILE A 79 10.57 25.31 -29.80
CA ILE A 79 10.41 24.04 -30.53
C ILE A 79 9.77 22.98 -29.64
N ILE A 80 10.24 22.89 -28.38
CA ILE A 80 9.72 21.87 -27.48
C ILE A 80 8.23 22.12 -27.17
N ALA A 81 7.86 23.39 -26.95
CA ALA A 81 6.46 23.72 -26.69
C ALA A 81 5.58 23.41 -27.90
N ALA A 82 6.06 23.73 -29.10
CA ALA A 82 5.30 23.41 -30.31
C ALA A 82 5.13 21.92 -30.51
N LEU A 83 6.11 21.12 -30.08
CA LEU A 83 5.97 19.67 -30.17
C LEU A 83 4.98 19.14 -29.14
N VAL A 84 5.08 19.63 -27.90
CA VAL A 84 4.20 19.14 -26.83
C VAL A 84 2.76 19.56 -27.09
N GLN A 85 2.53 20.68 -27.78
CA GLN A 85 1.16 21.05 -28.14
C GLN A 85 0.55 20.02 -29.08
N LEU A 86 1.30 19.56 -30.08
CA LEU A 86 0.80 18.52 -30.98
C LEU A 86 0.63 17.20 -30.26
N VAL A 87 1.51 16.90 -29.29
CA VAL A 87 1.37 15.68 -28.50
C VAL A 87 0.07 15.72 -27.70
N GLU A 88 -0.22 16.87 -27.08
CA GLU A 88 -1.47 17.04 -26.35
C GLU A 88 -2.68 16.92 -27.29
N MET A 89 -2.56 17.45 -28.50
CA MET A 89 -3.66 17.36 -29.46
C MET A 89 -3.92 15.92 -29.89
N ILE A 90 -2.86 15.13 -30.06
CA ILE A 90 -3.05 13.77 -30.59
C ILE A 90 -3.45 12.81 -29.47
N ILE A 91 -2.99 13.05 -28.24
CA ILE A 91 -3.22 12.09 -27.16
C ILE A 91 -4.70 12.06 -26.78
N LYS A 92 -5.32 13.22 -26.61
CA LYS A 92 -6.67 13.26 -26.04
C LYS A 92 -7.71 12.72 -27.02
N LYS A 93 -7.51 12.93 -28.32
CA LYS A 93 -8.47 12.49 -29.34
C LYS A 93 -8.61 10.98 -29.43
N SER A 94 -7.55 10.28 -29.84
CA SER A 94 -7.60 8.86 -30.15
C SER A 94 -7.16 7.96 -29.00
N SER A 95 -6.07 8.30 -28.32
CA SER A 95 -5.72 7.61 -27.10
C SER A 95 -6.77 7.92 -26.03
N PRO A 96 -6.98 7.02 -25.06
CA PRO A 96 -8.16 7.12 -24.19
C PRO A 96 -8.26 8.44 -23.45
N SER A 97 -9.48 8.96 -23.36
CA SER A 97 -9.72 10.23 -22.70
C SER A 97 -9.60 10.11 -21.20
N LEU A 98 -9.74 8.90 -20.66
CA LEU A 98 -9.52 8.68 -19.23
C LEU A 98 -8.07 8.84 -18.82
N TYR A 99 -7.14 8.84 -19.79
CA TYR A 99 -5.74 9.09 -19.48
C TYR A 99 -5.44 10.55 -19.17
N GLN A 100 -6.38 11.46 -19.37
CA GLN A 100 -6.17 12.85 -18.95
C GLN A 100 -6.46 13.01 -17.47
N ALA A 101 -5.91 12.12 -16.65
CA ALA A 101 -5.94 12.22 -15.20
C ALA A 101 -4.60 12.67 -14.63
N LEU A 102 -3.66 13.07 -15.49
CA LEU A 102 -2.39 13.60 -15.02
C LEU A 102 -2.60 14.86 -14.19
N GLY A 103 -3.47 15.75 -14.66
CA GLY A 103 -3.82 16.94 -13.91
C GLY A 103 -2.67 17.91 -13.71
N VAL A 104 -2.29 18.60 -14.81
CA VAL A 104 -1.37 19.73 -14.93
C VAL A 104 -0.05 19.20 -15.47
N TYR A 105 0.27 17.94 -15.16
CA TYR A 105 1.52 17.35 -15.61
C TYR A 105 1.56 17.06 -17.11
N LEU A 106 0.44 17.16 -17.82
CA LEU A 106 0.47 16.96 -19.26
C LEU A 106 1.00 18.20 -19.98
N PRO A 107 0.59 19.43 -19.63
CA PRO A 107 1.34 20.59 -20.12
C PRO A 107 2.66 20.82 -19.42
N LEU A 108 2.99 20.06 -18.38
CA LEU A 108 4.33 20.10 -17.79
C LEU A 108 5.29 19.15 -18.48
N ILE A 109 4.82 18.39 -19.48
CA ILE A 109 5.74 17.72 -20.39
C ILE A 109 6.55 18.76 -21.15
N THR A 110 5.96 19.94 -21.39
CA THR A 110 6.72 21.09 -21.85
C THR A 110 7.81 21.45 -20.85
N THR A 111 7.48 21.43 -19.56
CA THR A 111 8.45 21.88 -18.55
C THR A 111 9.52 20.82 -18.33
N ASN A 112 9.14 19.68 -17.72
CA ASN A 112 9.83 18.39 -17.76
C ASN A 112 11.35 18.48 -17.86
N CYS A 113 11.99 19.04 -16.84
CA CYS A 113 13.39 19.49 -16.86
C CYS A 113 14.37 18.55 -17.56
N ALA A 114 14.06 17.25 -17.57
CA ALA A 114 14.92 16.28 -18.25
C ALA A 114 15.00 16.50 -19.76
N VAL A 115 13.96 17.07 -20.39
CA VAL A 115 13.95 17.21 -21.84
C VAL A 115 14.94 18.28 -22.29
N LEU A 116 14.74 19.52 -21.82
CA LEU A 116 15.68 20.60 -22.13
C LEU A 116 17.05 20.30 -21.55
N GLY A 117 17.09 19.61 -20.40
CA GLY A 117 18.37 19.22 -19.83
C GLY A 117 19.15 18.30 -20.74
N VAL A 118 18.50 17.27 -21.29
CA VAL A 118 19.21 16.35 -22.18
C VAL A 118 19.55 17.04 -23.50
N ALA A 119 18.73 18.00 -23.95
CA ALA A 119 19.07 18.75 -25.15
C ALA A 119 20.34 19.56 -24.95
N LEU A 120 20.43 20.27 -23.82
CA LEU A 120 21.63 21.05 -23.52
C LEU A 120 22.84 20.14 -23.28
N ILE A 121 22.62 18.96 -22.70
CA ILE A 121 23.73 18.03 -22.48
C ILE A 121 24.26 17.50 -23.81
N ASN A 122 23.36 17.17 -24.75
CA ASN A 122 23.81 16.75 -26.07
C ASN A 122 24.54 17.86 -26.80
N ILE A 123 24.07 19.11 -26.64
CA ILE A 123 24.74 20.22 -27.31
C ILE A 123 26.13 20.46 -26.72
N GLN A 124 26.25 20.43 -25.38
CA GLN A 124 27.49 20.80 -24.72
C GLN A 124 28.56 19.71 -24.82
N ASN A 125 28.18 18.47 -25.12
CA ASN A 125 29.13 17.36 -25.14
C ASN A 125 29.73 17.11 -26.50
N GLU A 126 29.35 17.89 -27.53
CA GLU A 126 29.88 17.79 -28.88
C GLU A 126 29.69 16.39 -29.47
N TYR A 127 28.45 15.96 -29.61
CA TYR A 127 28.11 14.64 -30.12
C TYR A 127 27.86 14.71 -31.63
N ASN A 128 27.45 13.58 -32.20
CA ASN A 128 26.99 13.48 -33.58
C ASN A 128 25.49 13.22 -33.57
N PHE A 129 24.94 12.95 -34.77
CA PHE A 129 23.51 12.70 -34.89
C PHE A 129 23.12 11.42 -34.13
N ILE A 130 23.79 10.31 -34.43
CA ILE A 130 23.42 9.03 -33.84
C ILE A 130 23.74 9.01 -32.34
N GLU A 131 24.78 9.73 -31.92
CA GLU A 131 25.08 9.81 -30.49
C GLU A 131 23.99 10.57 -29.74
N THR A 132 23.47 11.65 -30.33
CA THR A 132 22.39 12.39 -29.71
C THR A 132 21.12 11.55 -29.63
N ILE A 133 20.82 10.80 -30.70
CA ILE A 133 19.63 9.95 -30.69
C ILE A 133 19.76 8.88 -29.60
N PHE A 134 20.93 8.25 -29.51
CA PHE A 134 21.13 7.20 -28.50
C PHE A 134 21.06 7.77 -27.09
N ASN A 135 21.63 8.96 -26.88
CA ASN A 135 21.56 9.58 -25.56
C ASN A 135 20.13 9.91 -25.16
N GLY A 136 19.34 10.44 -26.09
CA GLY A 136 17.95 10.74 -25.79
C GLY A 136 17.14 9.50 -25.46
N VAL A 137 17.32 8.44 -26.25
CA VAL A 137 16.60 7.20 -25.99
C VAL A 137 17.02 6.58 -24.65
N GLY A 138 18.33 6.64 -24.34
CA GLY A 138 18.79 6.10 -23.07
C GLY A 138 18.24 6.86 -21.87
N ALA A 139 18.22 8.19 -21.95
CA ALA A 139 17.65 8.98 -20.86
C ALA A 139 16.16 8.68 -20.69
N ALA A 140 15.42 8.55 -21.79
CA ALA A 140 14.01 8.22 -21.71
C ALA A 140 13.78 6.84 -21.08
N LEU A 141 14.60 5.86 -21.45
CA LEU A 141 14.46 4.52 -20.88
C LEU A 141 14.79 4.52 -19.39
N GLY A 142 15.79 5.29 -18.97
CA GLY A 142 16.07 5.41 -17.54
C GLY A 142 14.92 6.01 -16.76
N PHE A 143 14.32 7.08 -17.32
CA PHE A 143 13.15 7.69 -16.68
C PHE A 143 12.00 6.69 -16.57
N THR A 144 11.75 5.93 -17.63
CA THR A 144 10.66 4.95 -17.62
C THR A 144 10.90 3.86 -16.57
N LEU A 145 12.14 3.35 -16.49
CA LEU A 145 12.45 2.31 -15.52
C LEU A 145 12.27 2.82 -14.09
N ALA A 146 12.75 4.03 -13.81
CA ALA A 146 12.62 4.59 -12.47
C ALA A 146 11.16 4.78 -12.08
N ILE A 147 10.34 5.32 -12.99
CA ILE A 147 8.95 5.57 -12.64
C ILE A 147 8.17 4.26 -12.49
N VAL A 148 8.51 3.23 -13.28
CA VAL A 148 7.83 1.95 -13.13
C VAL A 148 8.18 1.30 -11.80
N LEU A 149 9.45 1.37 -11.39
CA LEU A 149 9.84 0.80 -10.09
C LEU A 149 9.16 1.54 -8.94
N PHE A 150 9.08 2.87 -9.02
CA PHE A 150 8.39 3.64 -7.98
C PHE A 150 6.91 3.27 -7.89
N ALA A 151 6.25 3.16 -9.05
CA ALA A 151 4.84 2.81 -9.07
C ALA A 151 4.61 1.40 -8.53
N GLY A 152 5.56 0.49 -8.77
CA GLY A 152 5.47 -0.83 -8.18
C GLY A 152 5.61 -0.84 -6.68
N ILE A 153 6.53 -0.03 -6.15
CA ILE A 153 6.74 0.01 -4.69
C ILE A 153 5.54 0.64 -3.97
N ARG A 154 4.92 1.67 -4.56
CA ARG A 154 3.88 2.40 -3.83
C ARG A 154 2.65 1.55 -3.52
N GLU A 155 2.38 0.50 -4.31
CA GLU A 155 1.24 -0.36 -3.98
C GLU A 155 1.53 -1.25 -2.78
N ARG A 156 2.73 -1.82 -2.70
CA ARG A 156 3.14 -2.53 -1.49
C ARG A 156 3.11 -1.61 -0.29
N LEU A 157 3.45 -0.33 -0.49
CA LEU A 157 3.31 0.63 0.61
C LEU A 157 1.85 0.88 0.98
N GLU A 158 0.94 0.86 0.00
CA GLU A 158 -0.47 1.04 0.31
C GLU A 158 -1.01 -0.16 1.09
N THR A 159 -0.38 -1.33 0.93
CA THR A 159 -0.69 -2.46 1.80
C THR A 159 -0.26 -2.21 3.26
N SER A 160 0.88 -1.58 3.49
CA SER A 160 1.40 -1.34 4.83
C SER A 160 0.64 -0.22 5.55
N ALA A 161 1.12 0.19 6.73
CA ALA A 161 0.42 1.14 7.58
C ALA A 161 1.36 2.27 8.01
N VAL A 162 1.46 3.31 7.17
CA VAL A 162 2.13 4.53 7.62
C VAL A 162 1.26 5.19 8.69
N PRO A 163 1.84 5.81 9.75
CA PRO A 163 1.06 6.03 10.98
C PRO A 163 -0.16 6.94 10.84
N LYS A 164 0.02 8.25 10.70
CA LYS A 164 -1.07 9.11 10.26
C LYS A 164 -0.56 10.34 9.53
N ALA A 165 0.72 10.68 9.72
CA ALA A 165 1.21 12.01 9.39
C ALA A 165 2.14 12.03 8.20
N LEU A 166 2.77 10.90 7.85
CA LEU A 166 3.63 10.87 6.68
C LEU A 166 2.77 10.77 5.42
N GLU A 167 2.05 9.66 5.26
CA GLU A 167 1.06 9.42 4.20
C GLU A 167 1.69 9.72 2.84
N GLY A 168 1.13 10.64 2.05
CA GLY A 168 1.51 10.79 0.65
C GLY A 168 2.92 11.21 0.30
N PHE A 169 3.26 12.48 0.54
CA PHE A 169 4.53 13.01 0.04
C PHE A 169 5.76 12.65 0.89
N PRO A 170 5.70 12.73 2.24
CA PRO A 170 6.89 12.30 3.01
C PRO A 170 7.33 10.86 2.76
N ILE A 171 6.39 9.91 2.68
CA ILE A 171 6.81 8.53 2.48
C ILE A 171 7.33 8.33 1.05
N ALA A 172 6.80 9.09 0.09
CA ALA A 172 7.33 9.03 -1.27
C ALA A 172 8.75 9.56 -1.32
N LEU A 173 9.03 10.65 -0.59
CA LEU A 173 10.39 11.19 -0.57
C LEU A 173 11.36 10.24 0.13
N LEU A 174 10.93 9.61 1.22
CA LEU A 174 11.79 8.64 1.91
C LEU A 174 12.07 7.42 1.03
N THR A 175 11.05 6.92 0.31
CA THR A 175 11.24 5.83 -0.63
C THR A 175 12.22 6.22 -1.74
N ALA A 176 12.08 7.44 -2.25
CA ALA A 176 13.00 7.91 -3.29
C ALA A 176 14.43 7.99 -2.77
N GLY A 177 14.60 8.39 -1.51
CA GLY A 177 15.94 8.43 -0.93
C GLY A 177 16.55 7.04 -0.80
N LEU A 178 15.75 6.06 -0.37
CA LEU A 178 16.27 4.70 -0.27
C LEU A 178 16.63 4.13 -1.65
N MET A 179 15.80 4.39 -2.66
CA MET A 179 16.15 3.98 -4.02
C MET A 179 17.40 4.71 -4.52
N ALA A 180 17.58 5.97 -4.11
CA ALA A 180 18.78 6.70 -4.49
C ALA A 180 20.03 6.09 -3.88
N ILE A 181 19.95 5.59 -2.65
CA ILE A 181 21.09 4.86 -2.09
C ILE A 181 21.35 3.58 -2.87
N ALA A 182 20.29 2.80 -3.15
CA ALA A 182 20.45 1.55 -3.87
C ALA A 182 21.07 1.76 -5.24
N PHE A 183 20.79 2.91 -5.87
CA PHE A 183 21.44 3.25 -7.13
C PHE A 183 22.79 3.94 -6.94
N LEU A 184 23.07 4.50 -5.75
CA LEU A 184 24.43 4.89 -5.42
C LEU A 184 25.35 3.69 -5.37
N GLY A 185 24.77 2.50 -5.23
CA GLY A 185 25.55 1.29 -5.47
C GLY A 185 26.18 1.25 -6.85
N PHE A 186 25.52 1.86 -7.84
CA PHE A 186 26.01 1.90 -9.22
C PHE A 186 26.87 3.16 -9.41
N SER A 187 28.13 3.07 -8.95
CA SER A 187 29.01 4.24 -9.01
C SER A 187 30.43 3.77 -9.22
N GLY A 188 31.23 4.66 -9.83
CA GLY A 188 32.63 4.40 -10.07
C GLY A 188 32.93 3.53 -11.28
N MET A 189 31.92 3.13 -12.03
CA MET A 189 32.13 2.25 -13.17
C MET A 189 32.68 3.03 -14.36
N LYS A 190 33.83 2.59 -14.86
CA LYS A 190 34.44 3.19 -16.05
C LYS A 190 33.98 2.40 -17.27
N LEU A 191 33.29 3.07 -18.17
CA LEU A 191 32.73 2.41 -19.35
C LEU A 191 33.40 2.88 -20.63
N MET B 1 25.62 47.91 -36.76
CA MET B 1 24.57 47.80 -35.75
C MET B 1 23.24 47.38 -36.39
N LEU B 2 23.06 47.76 -37.66
CA LEU B 2 21.81 47.46 -38.36
C LEU B 2 21.62 45.96 -38.52
N ASN B 3 22.67 45.25 -38.94
CA ASN B 3 22.56 43.81 -39.18
C ASN B 3 22.36 43.05 -37.87
N ALA B 4 23.01 43.50 -36.80
CA ALA B 4 22.90 42.82 -35.50
C ALA B 4 21.49 42.90 -34.94
N ILE B 5 20.68 43.85 -35.43
CA ILE B 5 19.28 43.89 -35.03
C ILE B 5 18.41 43.22 -36.09
N LEU B 6 18.81 43.28 -37.36
CA LEU B 6 17.96 42.75 -38.41
C LEU B 6 17.93 41.22 -38.42
N VAL B 7 19.10 40.59 -38.29
CA VAL B 7 19.18 39.13 -38.43
C VAL B 7 18.43 38.37 -37.33
N PRO B 8 18.67 38.62 -36.04
CA PRO B 8 17.92 37.85 -35.02
C PRO B 8 16.42 38.11 -35.06
N VAL B 9 16.02 39.35 -35.34
CA VAL B 9 14.60 39.68 -35.46
C VAL B 9 13.97 38.88 -36.59
N GLY B 10 14.64 38.82 -37.74
CA GLY B 10 14.11 38.08 -38.87
C GLY B 10 14.00 36.59 -38.59
N ILE B 11 15.05 36.02 -38.00
CA ILE B 11 15.05 34.57 -37.75
C ILE B 11 13.95 34.20 -36.75
N LEU B 12 13.89 34.93 -35.63
CA LEU B 12 12.88 34.63 -34.62
C LEU B 12 11.48 34.91 -35.13
N GLY B 13 11.31 35.94 -35.95
CA GLY B 13 10.00 36.23 -36.51
C GLY B 13 9.52 35.15 -37.47
N VAL B 14 10.42 34.64 -38.31
CA VAL B 14 10.05 33.55 -39.21
C VAL B 14 9.70 32.30 -38.41
N PHE B 15 10.50 31.99 -37.39
CA PHE B 15 10.23 30.82 -36.55
C PHE B 15 8.87 30.94 -35.86
N GLY B 16 8.56 32.12 -35.33
CA GLY B 16 7.26 32.31 -34.70
C GLY B 16 6.11 32.30 -35.69
N LEU B 17 6.34 32.83 -36.89
CA LEU B 17 5.26 32.96 -37.86
C LEU B 17 4.86 31.61 -38.44
N ILE B 18 5.83 30.74 -38.72
CA ILE B 18 5.45 29.44 -39.29
C ILE B 18 4.72 28.57 -38.27
N PHE B 19 5.06 28.70 -36.99
CA PHE B 19 4.46 27.84 -35.97
C PHE B 19 3.00 28.20 -35.71
N GLY B 20 2.64 29.48 -35.83
CA GLY B 20 1.25 29.86 -35.66
C GLY B 20 0.35 29.27 -36.73
N ILE B 21 0.80 29.32 -37.99
CA ILE B 21 0.04 28.71 -39.09
C ILE B 21 0.01 27.19 -38.92
N GLY B 22 1.12 26.60 -38.49
CA GLY B 22 1.13 25.16 -38.25
C GLY B 22 0.14 24.74 -37.18
N LEU B 23 0.06 25.48 -36.08
CA LEU B 23 -0.91 25.16 -35.04
C LEU B 23 -2.34 25.43 -35.47
N ALA B 24 -2.56 26.48 -36.27
CA ALA B 24 -3.90 26.74 -36.79
C ALA B 24 -4.38 25.62 -37.68
N ILE B 25 -3.49 25.09 -38.53
CA ILE B 25 -3.86 23.94 -39.35
C ILE B 25 -4.03 22.69 -38.48
N ALA B 26 -3.19 22.53 -37.45
CA ALA B 26 -3.30 21.38 -36.58
C ALA B 26 -4.56 21.42 -35.71
N ALA B 27 -5.21 22.58 -35.63
CA ALA B 27 -6.51 22.65 -34.97
C ALA B 27 -7.53 21.76 -35.68
N LYS B 28 -7.53 21.78 -37.01
CA LYS B 28 -8.31 20.83 -37.80
C LYS B 28 -7.55 19.51 -37.88
N VAL B 29 -8.09 18.57 -38.68
CA VAL B 29 -7.50 17.25 -38.92
C VAL B 29 -7.39 16.46 -37.61
N PHE B 30 -6.61 16.99 -36.67
CA PHE B 30 -6.51 16.44 -35.33
C PHE B 30 -7.70 16.91 -34.51
N GLU B 31 -7.61 16.83 -33.17
CA GLU B 31 -8.71 16.80 -32.21
C GLU B 31 -9.92 17.65 -32.57
N VAL B 32 -11.08 17.02 -32.61
CA VAL B 32 -12.35 17.66 -32.96
C VAL B 32 -13.37 17.34 -31.88
N TYR B 33 -12.90 17.23 -30.64
CA TYR B 33 -13.68 16.81 -29.47
C TYR B 33 -14.71 17.86 -29.03
N GLU B 34 -14.97 18.88 -29.85
CA GLU B 34 -15.90 19.94 -29.49
C GLU B 34 -17.34 19.46 -29.40
N ASP B 35 -17.66 18.25 -29.88
CA ASP B 35 -19.05 17.81 -29.96
C ASP B 35 -19.83 17.70 -28.65
N PRO B 36 -19.23 17.60 -27.46
CA PRO B 36 -20.00 17.97 -26.26
C PRO B 36 -19.99 19.48 -26.08
N ARG B 37 -21.17 20.06 -25.90
CA ARG B 37 -21.28 21.51 -25.75
C ARG B 37 -20.70 21.93 -24.40
N VAL B 38 -19.50 22.51 -24.44
CA VAL B 38 -18.73 22.83 -23.24
C VAL B 38 -19.37 23.85 -22.30
N PRO B 39 -19.90 25.03 -22.76
CA PRO B 39 -20.15 26.10 -21.78
C PRO B 39 -21.41 25.86 -20.93
N LEU B 40 -21.40 24.76 -20.18
CA LEU B 40 -22.47 24.45 -19.24
C LEU B 40 -22.08 24.77 -17.81
N VAL B 41 -21.00 24.17 -17.31
CA VAL B 41 -20.53 24.35 -15.94
C VAL B 41 -19.06 24.76 -16.02
N ARG B 42 -18.80 26.07 -16.03
CA ARG B 42 -17.43 26.56 -15.92
C ARG B 42 -17.33 27.79 -15.02
N ALA B 43 -18.42 28.19 -14.38
CA ALA B 43 -18.41 29.33 -13.47
C ALA B 43 -18.93 29.01 -12.07
N ALA B 44 -19.85 28.05 -11.94
CA ALA B 44 -20.34 27.65 -10.63
C ALA B 44 -19.29 26.87 -9.83
N LEU B 45 -18.30 26.30 -10.51
CA LEU B 45 -17.24 25.59 -9.82
C LEU B 45 -16.26 26.59 -9.22
N PRO B 46 -15.95 26.49 -7.91
CA PRO B 46 -14.95 27.39 -7.32
C PRO B 46 -13.57 27.26 -7.98
N GLY B 47 -13.18 26.06 -8.38
CA GLY B 47 -11.93 25.87 -9.09
C GLY B 47 -10.79 25.42 -8.21
N ALA B 48 -10.42 24.14 -8.32
CA ALA B 48 -9.25 23.61 -7.61
C ALA B 48 -8.33 22.90 -8.59
N ASN B 49 -8.91 22.25 -9.61
CA ASN B 49 -8.19 21.56 -10.67
C ASN B 49 -7.27 20.48 -10.10
N CYS B 50 -7.90 19.47 -9.48
CA CYS B 50 -7.20 18.34 -8.90
C CYS B 50 -7.83 17.04 -9.39
N GLY B 51 -7.00 16.00 -9.45
CA GLY B 51 -7.46 14.72 -9.93
C GLY B 51 -8.00 13.81 -8.84
N GLY B 52 -8.85 14.34 -7.97
CA GLY B 52 -9.44 13.56 -6.91
C GLY B 52 -10.94 13.40 -7.06
N CYS B 53 -11.44 13.60 -8.29
CA CYS B 53 -12.86 13.51 -8.57
C CYS B 53 -13.18 12.69 -9.82
N GLY B 54 -12.19 12.18 -10.53
CA GLY B 54 -12.43 11.69 -11.87
C GLY B 54 -12.40 12.87 -12.81
N LEU B 55 -13.31 12.90 -13.79
CA LEU B 55 -13.58 14.07 -14.63
C LEU B 55 -12.30 14.63 -15.25
N PRO B 56 -11.77 14.00 -16.31
CA PRO B 56 -10.44 14.36 -16.82
C PRO B 56 -10.40 15.77 -17.38
N GLY B 57 -10.32 16.74 -16.47
CA GLY B 57 -10.42 18.15 -16.79
C GLY B 57 -11.53 18.79 -15.98
N CYS B 58 -11.28 19.94 -15.36
CA CYS B 58 -12.30 20.56 -14.54
C CYS B 58 -13.40 21.22 -15.37
N ASP B 59 -13.20 21.37 -16.68
CA ASP B 59 -14.22 21.85 -17.59
C ASP B 59 -14.96 20.69 -18.27
N ALA B 60 -14.71 19.46 -17.86
CA ALA B 60 -15.34 18.28 -18.44
C ALA B 60 -16.72 18.01 -17.87
N LEU B 61 -17.36 18.99 -17.22
CA LEU B 61 -18.75 18.83 -16.79
C LEU B 61 -19.69 19.20 -17.93
N ALA B 62 -19.44 18.63 -19.12
CA ALA B 62 -20.32 18.77 -20.27
C ALA B 62 -20.56 17.46 -20.99
N ALA B 63 -19.66 16.49 -20.87
CA ALA B 63 -19.90 15.13 -21.34
C ALA B 63 -20.04 14.13 -20.21
N ASN B 64 -19.62 14.49 -18.98
CA ASN B 64 -19.83 13.65 -17.82
C ASN B 64 -21.27 13.65 -17.34
N ILE B 65 -22.06 14.65 -17.74
CA ILE B 65 -23.46 14.75 -17.34
C ILE B 65 -24.30 14.90 -18.62
N VAL B 66 -25.24 13.96 -18.80
CA VAL B 66 -26.27 13.71 -19.84
C VAL B 66 -26.30 12.21 -20.05
N GLY B 67 -25.56 11.47 -19.23
CA GLY B 67 -25.50 10.02 -19.36
C GLY B 67 -25.65 9.30 -18.03
N GLY B 68 -25.60 10.06 -16.93
CA GLY B 68 -25.72 9.45 -15.62
C GLY B 68 -24.52 8.66 -15.17
N SER B 69 -23.35 8.92 -15.75
CA SER B 69 -22.14 8.19 -15.40
C SER B 69 -21.38 8.80 -14.23
N ALA B 70 -21.81 9.96 -13.75
CA ALA B 70 -21.15 10.63 -12.62
C ALA B 70 -22.19 11.07 -11.61
N ALA B 71 -21.78 11.08 -10.34
CA ALA B 71 -22.67 11.46 -9.27
C ALA B 71 -22.92 12.97 -9.28
N ILE B 72 -24.07 13.36 -8.73
CA ILE B 72 -24.41 14.78 -8.66
C ILE B 72 -23.48 15.52 -7.70
N ASP B 73 -23.17 14.89 -6.57
CA ASP B 73 -22.30 15.49 -5.55
C ASP B 73 -20.88 14.97 -5.64
N ALA B 74 -20.39 14.70 -6.85
CA ALA B 74 -19.03 14.19 -7.03
C ALA B 74 -17.96 15.23 -6.72
N CYS B 75 -18.33 16.50 -6.61
CA CYS B 75 -17.36 17.55 -6.30
C CYS B 75 -17.50 17.96 -4.84
N PRO B 76 -16.55 17.62 -3.97
CA PRO B 76 -16.67 18.03 -2.57
C PRO B 76 -16.22 19.47 -2.33
N VAL B 77 -15.31 19.95 -3.16
CA VAL B 77 -14.82 21.33 -3.04
C VAL B 77 -15.94 22.32 -3.36
N GLY B 78 -16.71 22.04 -4.41
CA GLY B 78 -17.82 22.93 -4.76
C GLY B 78 -18.89 22.97 -3.70
N GLY B 79 -19.24 21.82 -3.15
CA GLY B 79 -20.17 21.76 -2.05
C GLY B 79 -21.63 21.71 -2.47
N ALA B 80 -22.48 21.94 -1.48
CA ALA B 80 -23.92 21.83 -1.67
C ALA B 80 -24.44 22.88 -2.64
N SER B 81 -23.93 24.11 -2.56
CA SER B 81 -24.40 25.17 -3.44
C SER B 81 -24.03 24.89 -4.89
N CYS B 82 -22.79 24.46 -5.13
CA CYS B 82 -22.35 24.14 -6.48
C CYS B 82 -23.10 22.94 -7.04
N ALA B 83 -23.31 21.91 -6.21
CA ALA B 83 -24.07 20.75 -6.65
C ALA B 83 -25.51 21.13 -6.99
N ALA B 84 -26.12 22.00 -6.17
CA ALA B 84 -27.48 22.45 -6.43
C ALA B 84 -27.55 23.26 -7.72
N ALA B 85 -26.55 24.11 -7.97
CA ALA B 85 -26.54 24.88 -9.22
C ALA B 85 -26.39 23.96 -10.43
N VAL B 86 -25.48 22.98 -10.34
CA VAL B 86 -25.27 22.06 -11.45
C VAL B 86 -26.55 21.25 -11.72
N ALA B 87 -27.21 20.79 -10.66
CA ALA B 87 -28.43 20.01 -10.86
C ALA B 87 -29.58 20.89 -11.37
N GLU B 88 -29.70 22.12 -10.87
CA GLU B 88 -30.76 23.01 -11.30
C GLU B 88 -30.54 23.57 -12.70
N ILE B 89 -29.33 23.40 -13.25
CA ILE B 89 -29.18 23.59 -14.70
C ILE B 89 -30.10 22.62 -15.44
N MET B 90 -30.21 21.38 -14.95
CA MET B 90 -31.21 20.45 -15.46
C MET B 90 -32.47 20.36 -14.60
N GLY B 91 -32.41 20.78 -13.33
CA GLY B 91 -33.58 20.75 -12.47
C GLY B 91 -33.36 20.07 -11.13
N MET B 92 -34.07 18.96 -10.90
CA MET B 92 -34.11 18.14 -9.69
C MET B 92 -33.93 18.91 -8.38
N GLU B 93 -32.76 19.50 -8.16
CA GLU B 93 -32.40 20.05 -6.86
C GLU B 93 -33.07 21.41 -6.65
N ALA B 94 -32.59 22.15 -5.64
CA ALA B 94 -33.19 23.38 -5.14
C ALA B 94 -34.63 23.12 -4.68
N GLY B 95 -34.74 22.28 -3.64
CA GLY B 95 -36.03 21.84 -3.16
C GLY B 95 -36.37 22.31 -1.75
N SER B 96 -36.83 21.39 -0.91
CA SER B 96 -37.41 21.73 0.38
C SER B 96 -37.13 20.59 1.35
N ALA B 97 -37.93 20.53 2.42
CA ALA B 97 -37.93 19.48 3.45
C ALA B 97 -36.66 19.48 4.29
N VAL B 98 -36.31 20.65 4.82
CA VAL B 98 -35.27 20.94 5.83
C VAL B 98 -34.05 20.02 5.78
N LYS B 99 -33.48 19.73 6.95
CA LYS B 99 -32.26 18.93 7.05
C LYS B 99 -32.43 17.91 8.17
N LYS B 100 -31.65 16.84 8.10
CA LYS B 100 -31.77 15.72 9.01
C LYS B 100 -30.43 15.41 9.66
N VAL B 101 -30.50 14.64 10.76
CA VAL B 101 -29.33 14.18 11.49
C VAL B 101 -29.46 12.67 11.70
N ALA B 102 -28.43 12.08 12.31
CA ALA B 102 -28.38 10.65 12.57
C ALA B 102 -28.62 10.38 14.05
N THR B 103 -29.43 9.36 14.34
CA THR B 103 -29.78 9.01 15.70
C THR B 103 -29.68 7.50 15.90
N VAL B 104 -29.54 7.14 17.18
CA VAL B 104 -29.37 5.76 17.63
C VAL B 104 -30.61 5.38 18.43
N ILE B 105 -31.37 4.40 17.95
CA ILE B 105 -32.58 3.94 18.66
C ILE B 105 -32.14 2.78 19.55
N CYS B 106 -31.57 3.13 20.70
CA CYS B 106 -31.19 2.19 21.75
C CYS B 106 -30.74 2.99 22.97
N GLN B 107 -31.07 2.50 24.16
CA GLN B 107 -30.61 3.13 25.40
C GLN B 107 -30.25 2.08 26.44
N GLY B 108 -29.52 1.04 26.03
CA GLY B 108 -29.01 0.07 26.97
C GLY B 108 -27.49 0.12 27.05
N THR B 109 -26.95 0.54 28.19
CA THR B 109 -25.55 0.93 28.29
C THR B 109 -24.84 0.10 29.36
N CYS B 110 -24.45 -1.12 29.01
CA CYS B 110 -23.44 -1.92 29.72
C CYS B 110 -23.74 -2.18 31.20
N GLU B 111 -24.89 -1.71 31.70
CA GLU B 111 -25.30 -1.95 33.07
C GLU B 111 -26.76 -2.37 33.20
N THR B 112 -27.63 -1.96 32.28
CA THR B 112 -28.99 -2.42 32.22
C THR B 112 -29.17 -3.59 31.25
N ALA B 113 -28.26 -3.74 30.29
CA ALA B 113 -28.25 -4.86 29.35
C ALA B 113 -26.86 -5.47 29.36
N PRO B 114 -26.58 -6.35 30.33
CA PRO B 114 -25.23 -6.93 30.42
C PRO B 114 -24.95 -7.97 29.35
N ASN B 115 -23.77 -8.59 29.42
CA ASN B 115 -23.30 -9.52 28.41
C ASN B 115 -23.51 -10.96 28.86
N ARG B 116 -23.87 -11.83 27.92
CA ARG B 116 -24.07 -13.24 28.23
C ARG B 116 -22.74 -13.97 28.44
N ALA B 117 -21.77 -13.70 27.57
CA ALA B 117 -20.51 -14.43 27.57
C ALA B 117 -19.38 -13.46 27.25
N GLU B 118 -18.20 -14.01 26.97
CA GLU B 118 -17.02 -13.24 26.62
C GLU B 118 -16.63 -13.53 25.18
N TYR B 119 -16.18 -12.49 24.47
CA TYR B 119 -15.91 -12.56 23.05
C TYR B 119 -14.43 -12.32 22.80
N TYR B 120 -13.82 -13.20 22.01
CA TYR B 120 -12.41 -13.09 21.63
C TYR B 120 -12.31 -12.87 20.13
N GLY B 121 -11.59 -11.82 19.73
CA GLY B 121 -11.40 -11.55 18.33
C GLY B 121 -11.04 -10.09 18.11
N GLU B 122 -11.30 -9.62 16.89
CA GLU B 122 -11.07 -8.23 16.54
C GLU B 122 -12.19 -7.35 17.09
N MET B 123 -11.83 -6.12 17.46
CA MET B 123 -12.78 -5.17 18.05
C MET B 123 -13.48 -4.42 16.92
N ASP B 124 -14.45 -5.09 16.32
CA ASP B 124 -15.26 -4.50 15.25
C ASP B 124 -16.65 -5.11 15.32
N CYS B 125 -17.63 -4.38 14.77
CA CYS B 125 -19.02 -4.84 14.85
C CYS B 125 -19.27 -6.02 13.92
N ARG B 126 -18.75 -5.96 12.69
CA ARG B 126 -18.98 -7.07 11.75
C ARG B 126 -18.20 -8.31 12.14
N GLU B 127 -16.96 -8.13 12.63
CA GLU B 127 -16.19 -9.25 13.15
C GLU B 127 -16.88 -9.89 14.34
N ALA B 128 -17.53 -9.08 15.18
CA ALA B 128 -18.31 -9.63 16.28
C ALA B 128 -19.56 -10.34 15.78
N MET B 129 -20.15 -9.86 14.68
CA MET B 129 -21.29 -10.54 14.09
C MET B 129 -20.92 -11.87 13.47
N ILE B 130 -19.65 -12.06 13.09
CA ILE B 130 -19.20 -13.37 12.64
C ILE B 130 -19.27 -14.39 13.77
N ALA B 131 -18.90 -13.98 14.98
CA ALA B 131 -18.87 -14.88 16.14
C ALA B 131 -20.28 -15.11 16.71
N SER B 132 -21.12 -15.73 15.87
CA SER B 132 -22.48 -16.15 16.24
C SER B 132 -23.36 -14.98 16.67
N GLY B 133 -23.17 -13.80 16.07
CA GLY B 133 -24.05 -12.68 16.28
C GLY B 133 -23.70 -11.76 17.43
N GLY B 134 -22.71 -12.09 18.24
CA GLY B 134 -22.31 -11.29 19.37
C GLY B 134 -22.56 -11.98 20.69
N SER B 135 -22.17 -11.31 21.77
CA SER B 135 -22.25 -11.87 23.11
C SER B 135 -23.13 -11.02 24.04
N LYS B 136 -24.06 -10.27 23.49
CA LYS B 136 -24.95 -9.44 24.31
C LYS B 136 -26.22 -10.21 24.68
N GLY B 137 -26.83 -9.82 25.80
CA GLY B 137 -28.08 -10.45 26.21
C GLY B 137 -29.22 -10.16 25.26
N CYS B 138 -29.31 -8.91 24.79
CA CYS B 138 -30.31 -8.52 23.81
C CYS B 138 -29.75 -8.75 22.41
N ARG B 139 -30.46 -9.54 21.60
CA ARG B 139 -30.01 -9.88 20.26
C ARG B 139 -30.31 -8.79 19.24
N TYR B 140 -30.69 -7.59 19.69
CA TYR B 140 -31.02 -6.50 18.78
C TYR B 140 -30.32 -5.20 19.16
N GLY B 141 -29.44 -5.20 20.16
CA GLY B 141 -28.86 -3.99 20.69
C GLY B 141 -27.50 -3.65 20.08
N CYS B 142 -26.95 -2.54 20.58
CA CYS B 142 -25.68 -2.04 20.08
C CYS B 142 -24.52 -2.87 20.62
N LEU B 143 -23.62 -3.27 19.71
CA LEU B 143 -22.43 -4.00 20.14
C LEU B 143 -21.42 -3.09 20.81
N GLY B 144 -21.20 -1.89 20.26
CA GLY B 144 -20.40 -0.88 20.91
C GLY B 144 -18.95 -0.77 20.44
N TYR B 145 -18.57 -1.44 19.35
CA TYR B 145 -17.20 -1.42 18.87
C TYR B 145 -16.93 -0.31 17.86
N GLY B 146 -17.95 0.41 17.42
CA GLY B 146 -17.76 1.62 16.63
C GLY B 146 -17.36 1.44 15.18
N THR B 147 -18.20 0.75 14.39
CA THR B 147 -18.00 0.74 12.94
C THR B 147 -18.50 2.05 12.31
N CYS B 148 -19.61 2.58 12.84
CA CYS B 148 -20.16 3.83 12.32
C CYS B 148 -19.20 4.99 12.51
N LYS B 149 -18.45 5.01 13.61
CA LYS B 149 -17.42 6.03 13.79
C LYS B 149 -16.31 5.86 12.77
N ALA B 150 -15.96 4.62 12.43
CA ALA B 150 -14.88 4.39 11.48
C ALA B 150 -15.27 4.74 10.06
N VAL B 151 -16.57 4.66 9.72
CA VAL B 151 -16.99 4.96 8.35
C VAL B 151 -17.42 6.41 8.16
N CYS B 152 -17.50 7.21 9.23
CA CYS B 152 -17.92 8.61 9.09
C CYS B 152 -16.78 9.45 8.54
N PRO B 153 -16.99 10.18 7.44
CA PRO B 153 -15.88 10.96 6.86
C PRO B 153 -15.76 12.37 7.43
N PHE B 154 -16.81 12.87 8.07
CA PHE B 154 -16.85 14.25 8.53
C PHE B 154 -16.59 14.39 10.03
N ASP B 155 -16.27 13.29 10.72
CA ASP B 155 -15.88 13.28 12.13
C ASP B 155 -16.98 13.89 13.02
N ALA B 156 -18.14 13.21 13.00
CA ALA B 156 -19.29 13.65 13.76
C ALA B 156 -19.74 12.68 14.85
N ILE B 157 -19.21 11.47 14.88
CA ILE B 157 -19.63 10.44 15.83
C ILE B 157 -18.50 10.21 16.82
N VAL B 158 -18.84 10.19 18.11
CA VAL B 158 -17.90 9.81 19.16
C VAL B 158 -18.55 8.75 20.03
N ILE B 159 -17.76 7.77 20.46
CA ILE B 159 -18.29 6.68 21.28
C ILE B 159 -18.15 7.07 22.75
N GLY B 160 -19.27 7.12 23.45
CA GLY B 160 -19.27 7.55 24.83
C GLY B 160 -18.71 6.48 25.76
N GLU B 161 -18.58 6.87 27.03
CA GLU B 161 -18.06 5.94 28.04
C GLU B 161 -19.07 4.88 28.41
N ASP B 162 -20.35 5.07 28.04
CA ASP B 162 -21.39 4.09 28.32
C ASP B 162 -21.62 3.12 27.16
N GLY B 163 -20.92 3.31 26.04
CA GLY B 163 -21.00 2.40 24.92
C GLY B 163 -21.86 2.88 23.76
N LEU B 164 -22.64 3.94 23.93
CA LEU B 164 -23.47 4.32 22.80
C LEU B 164 -22.88 5.53 22.08
N PRO B 165 -23.02 5.58 20.75
CA PRO B 165 -22.47 6.72 20.00
C PRO B 165 -23.29 7.99 20.19
N LYS B 166 -22.58 9.11 20.03
CA LYS B 166 -23.17 10.44 20.08
C LYS B 166 -22.77 11.19 18.82
N VAL B 167 -23.73 11.93 18.25
CA VAL B 167 -23.57 12.60 16.96
C VAL B 167 -23.64 14.10 17.19
N ASP B 168 -22.65 14.82 16.66
CA ASP B 168 -22.65 16.27 16.73
C ASP B 168 -23.58 16.84 15.67
N PRO B 169 -24.59 17.63 16.04
CA PRO B 169 -25.54 18.13 15.05
C PRO B 169 -24.96 19.18 14.10
N GLU B 170 -23.79 19.74 14.40
CA GLU B 170 -23.21 20.79 13.57
C GLU B 170 -22.22 20.26 12.53
N LYS B 171 -21.79 19.01 12.64
CA LYS B 171 -20.85 18.42 11.70
C LYS B 171 -21.45 17.30 10.85
N CYS B 172 -22.68 16.87 11.13
CA CYS B 172 -23.32 15.82 10.37
C CYS B 172 -24.08 16.43 9.20
N THR B 173 -23.77 15.97 7.99
CA THR B 173 -24.41 16.48 6.77
C THR B 173 -25.14 15.34 6.07
N SER B 174 -26.34 15.02 6.57
CA SER B 174 -27.44 14.33 5.89
C SER B 174 -27.04 13.26 4.87
N CYS B 175 -26.13 12.36 5.22
CA CYS B 175 -25.78 11.25 4.34
C CYS B 175 -26.13 9.94 5.03
N GLY B 176 -25.82 8.83 4.36
CA GLY B 176 -26.16 7.53 4.89
C GLY B 176 -24.98 6.59 5.02
N LYS B 177 -23.77 7.15 5.11
CA LYS B 177 -22.58 6.31 5.17
C LYS B 177 -22.53 5.50 6.47
N CYS B 178 -23.12 6.02 7.55
CA CYS B 178 -23.20 5.31 8.80
C CYS B 178 -24.49 4.50 8.94
N VAL B 179 -25.36 4.53 7.94
CA VAL B 179 -26.65 3.85 8.02
C VAL B 179 -26.58 2.44 7.47
N GLU B 180 -25.94 2.25 6.30
CA GLU B 180 -25.78 0.89 5.77
C GLU B 180 -24.55 0.19 6.32
N ALA B 181 -23.75 0.84 7.16
CA ALA B 181 -22.59 0.21 7.78
C ALA B 181 -22.91 -0.42 9.13
N CYS B 182 -24.11 -0.21 9.66
CA CYS B 182 -24.47 -0.79 10.95
C CYS B 182 -25.04 -2.19 10.74
N PRO B 183 -24.43 -3.23 11.32
CA PRO B 183 -24.98 -4.59 11.15
C PRO B 183 -26.31 -4.81 11.86
N LYS B 184 -26.67 -3.98 12.83
CA LYS B 184 -27.89 -4.18 13.61
C LYS B 184 -29.06 -3.35 13.09
N SER B 185 -28.86 -2.57 12.02
CA SER B 185 -29.90 -1.71 11.45
C SER B 185 -30.48 -0.75 12.49
N ILE B 186 -29.59 -0.13 13.25
CA ILE B 186 -29.98 0.71 14.37
C ILE B 186 -29.85 2.20 14.05
N MET B 187 -28.79 2.60 13.36
CA MET B 187 -28.61 3.99 12.98
C MET B 187 -29.70 4.43 12.01
N THR B 188 -30.28 5.60 12.27
CA THR B 188 -31.39 6.06 11.43
C THR B 188 -31.28 7.56 11.24
N LEU B 189 -32.05 8.08 10.27
CA LEU B 189 -32.05 9.50 9.96
C LEU B 189 -33.35 10.13 10.46
N VAL B 190 -33.23 11.20 11.22
CA VAL B 190 -34.36 11.85 11.89
C VAL B 190 -34.26 13.36 11.66
N PRO B 191 -35.38 14.05 11.41
CA PRO B 191 -35.31 15.52 11.27
C PRO B 191 -34.80 16.19 12.54
N GLU B 192 -34.09 17.30 12.35
CA GLU B 192 -33.44 17.98 13.46
C GLU B 192 -34.43 18.66 14.39
N ALA B 193 -35.67 18.85 13.97
CA ALA B 193 -36.69 19.50 14.79
C ALA B 193 -37.52 18.51 15.60
N GLN B 194 -37.20 17.22 15.53
CA GLN B 194 -37.96 16.18 16.21
C GLN B 194 -37.29 15.83 17.53
N GLU B 195 -38.09 15.73 18.59
CA GLU B 195 -37.59 15.40 19.92
C GLU B 195 -38.34 14.26 20.58
N VAL B 196 -39.26 13.60 19.86
CA VAL B 196 -40.03 12.48 20.39
C VAL B 196 -39.71 11.28 19.50
N ILE B 197 -38.85 10.38 19.98
CA ILE B 197 -38.40 9.21 19.25
C ILE B 197 -38.53 7.99 20.15
N VAL B 198 -39.05 6.90 19.60
CA VAL B 198 -39.10 5.62 20.31
C VAL B 198 -37.75 4.93 20.13
N LYS B 199 -37.02 4.76 21.23
CA LYS B 199 -35.64 4.26 21.17
C LYS B 199 -35.61 2.80 21.63
N CYS B 200 -35.94 1.91 20.70
CA CYS B 200 -35.81 0.46 20.90
C CYS B 200 -35.99 -0.23 19.56
N HIS B 201 -35.39 -1.42 19.43
CA HIS B 201 -35.49 -2.22 18.22
C HIS B 201 -35.66 -3.70 18.57
N ASN B 202 -36.36 -3.97 19.67
CA ASN B 202 -36.54 -5.33 20.17
C ASN B 202 -37.84 -5.91 19.63
N PHE B 203 -37.76 -7.09 19.03
CA PHE B 203 -38.89 -7.74 18.38
C PHE B 203 -39.39 -8.96 19.13
N ASP B 204 -39.13 -9.04 20.44
CA ASP B 204 -39.58 -10.15 21.25
C ASP B 204 -40.86 -9.77 21.99
N LYS B 205 -41.42 -10.73 22.72
CA LYS B 205 -42.65 -10.51 23.48
C LYS B 205 -42.30 -9.89 24.84
N GLY B 206 -43.30 -9.76 25.71
CA GLY B 206 -43.16 -9.02 26.94
C GLY B 206 -42.17 -9.56 27.96
N LYS B 207 -42.27 -10.85 28.30
CA LYS B 207 -41.47 -11.40 29.38
C LYS B 207 -40.00 -11.53 28.98
N ILE B 208 -39.73 -11.97 27.75
CA ILE B 208 -38.35 -12.13 27.30
C ILE B 208 -37.66 -10.78 27.20
N ALA B 209 -38.36 -9.77 26.66
CA ALA B 209 -37.80 -8.43 26.58
C ALA B 209 -37.60 -7.84 27.97
N ARG B 210 -38.53 -8.10 28.90
CA ARG B 210 -38.38 -7.61 30.26
C ARG B 210 -37.15 -8.22 30.94
N LEU B 211 -36.91 -9.52 30.71
CA LEU B 211 -35.74 -10.16 31.26
C LEU B 211 -34.45 -9.65 30.61
N SER B 212 -34.52 -9.32 29.31
CA SER B 212 -33.30 -8.97 28.58
C SER B 212 -32.76 -7.59 28.97
N CYS B 213 -33.65 -6.59 29.03
CA CYS B 213 -33.21 -5.20 29.19
C CYS B 213 -34.14 -4.48 30.16
N THR B 214 -33.63 -3.40 30.75
CA THR B 214 -34.40 -2.62 31.70
C THR B 214 -35.45 -1.76 31.01
N THR B 215 -35.11 -1.17 29.88
CA THR B 215 -35.98 -0.24 29.16
C THR B 215 -36.45 -0.81 27.83
N ALA B 216 -36.86 -2.08 27.85
CA ALA B 216 -37.32 -2.76 26.65
C ALA B 216 -38.78 -2.47 26.38
N CYS B 217 -39.21 -2.74 25.14
CA CYS B 217 -40.61 -2.60 24.78
C CYS B 217 -41.32 -3.94 24.95
N ILE B 218 -42.45 -3.91 25.65
CA ILE B 218 -43.22 -5.12 25.93
C ILE B 218 -44.49 -5.17 25.09
N ALA B 219 -44.68 -4.23 24.17
CA ALA B 219 -45.82 -4.18 23.24
C ALA B 219 -47.16 -4.19 23.99
N CYS B 220 -47.24 -3.35 25.03
CA CYS B 220 -48.47 -3.25 25.79
C CYS B 220 -49.56 -2.49 25.04
N GLY B 221 -49.17 -1.56 24.16
CA GLY B 221 -50.12 -0.81 23.38
C GLY B 221 -50.73 0.40 24.08
N ALA B 222 -50.19 0.81 25.22
CA ALA B 222 -50.72 1.96 25.94
C ALA B 222 -50.36 3.30 25.29
N CYS B 223 -49.35 3.33 24.43
CA CYS B 223 -48.95 4.55 23.76
C CYS B 223 -49.80 4.86 22.53
N VAL B 224 -50.61 3.91 22.07
CA VAL B 224 -51.47 4.12 20.91
C VAL B 224 -52.79 4.77 21.32
N LYS B 225 -53.32 4.40 22.50
CA LYS B 225 -54.57 4.97 22.98
C LYS B 225 -54.43 6.47 23.26
N ALA B 226 -53.29 6.88 23.80
CA ALA B 226 -53.09 8.30 24.12
C ALA B 226 -53.04 9.15 22.86
N CYS B 227 -52.36 8.66 21.81
CA CYS B 227 -52.29 9.41 20.56
C CYS B 227 -53.62 9.39 19.84
N ARG B 228 -54.00 10.53 19.28
CA ARG B 228 -55.24 10.66 18.54
C ARG B 228 -55.05 11.13 17.11
N PHE B 229 -53.82 11.43 16.69
CA PHE B 229 -53.52 11.82 15.33
C PHE B 229 -53.06 10.66 14.46
N ASP B 230 -53.04 9.44 15.01
CA ASP B 230 -52.68 8.21 14.29
C ASP B 230 -51.27 8.32 13.71
N ALA B 231 -50.30 8.51 14.61
CA ALA B 231 -48.91 8.66 14.24
C ALA B 231 -47.99 7.58 14.77
N ILE B 232 -48.40 6.84 15.81
CA ILE B 232 -47.56 5.80 16.39
C ILE B 232 -48.30 4.47 16.28
N THR B 233 -47.61 3.46 15.74
CA THR B 233 -48.19 2.14 15.52
C THR B 233 -47.30 1.07 16.12
N VAL B 234 -47.91 -0.01 16.59
CA VAL B 234 -47.21 -1.15 17.15
C VAL B 234 -47.26 -2.27 16.13
N GLU B 235 -46.08 -2.65 15.62
CA GLU B 235 -45.95 -3.70 14.63
C GLU B 235 -44.71 -4.52 14.95
N ASN B 236 -44.79 -5.83 14.72
CA ASN B 236 -43.67 -6.76 14.95
C ASN B 236 -43.21 -6.69 16.41
N ASN B 237 -44.18 -6.53 17.32
CA ASN B 237 -43.94 -6.40 18.75
C ASN B 237 -43.04 -5.22 19.09
N CYS B 238 -43.14 -4.12 18.35
CA CYS B 238 -42.39 -2.92 18.67
C CYS B 238 -43.14 -1.71 18.18
N ALA B 239 -43.02 -0.61 18.92
CA ALA B 239 -43.70 0.63 18.57
C ALA B 239 -42.82 1.50 17.68
N LYS B 240 -43.48 2.31 16.85
CA LYS B 240 -42.76 3.19 15.93
C LYS B 240 -43.62 4.43 15.66
N ILE B 241 -42.94 5.57 15.54
CA ILE B 241 -43.58 6.87 15.39
C ILE B 241 -43.37 7.37 13.97
N ASP B 242 -44.45 7.82 13.33
CA ASP B 242 -44.38 8.47 12.03
C ASP B 242 -44.15 9.97 12.24
N TYR B 243 -43.09 10.50 11.62
CA TYR B 243 -42.72 11.89 11.83
C TYR B 243 -43.48 12.86 10.94
N ASP B 244 -44.25 12.36 9.97
CA ASP B 244 -45.02 13.25 9.12
C ASP B 244 -46.37 13.63 9.71
N LYS B 245 -46.84 12.90 10.72
CA LYS B 245 -48.11 13.18 11.35
C LYS B 245 -47.97 13.53 12.83
N CYS B 246 -46.77 13.51 13.39
CA CYS B 246 -46.58 13.78 14.80
C CYS B 246 -46.64 15.29 15.06
N ARG B 247 -47.52 15.70 15.96
CA ARG B 247 -47.68 17.10 16.33
C ARG B 247 -46.88 17.46 17.57
N GLN B 248 -46.12 16.51 18.14
CA GLN B 248 -45.33 16.70 19.36
C GLN B 248 -46.20 17.22 20.51
N CYS B 249 -47.25 16.45 20.80
CA CYS B 249 -48.15 16.78 21.91
C CYS B 249 -47.62 16.32 23.26
N TYR B 250 -46.59 15.48 23.28
CA TYR B 250 -45.98 14.96 24.51
C TYR B 250 -46.99 14.24 25.40
N GLU B 251 -47.96 13.55 24.78
CA GLU B 251 -48.96 12.80 25.53
C GLU B 251 -48.56 11.34 25.72
N CYS B 252 -47.92 10.76 24.70
CA CYS B 252 -47.48 9.38 24.80
C CYS B 252 -46.24 9.20 25.67
N VAL B 253 -45.50 10.29 25.91
CA VAL B 253 -44.25 10.20 26.66
C VAL B 253 -44.53 9.78 28.11
N ASP B 254 -45.54 10.38 28.73
CA ASP B 254 -45.82 10.12 30.13
C ASP B 254 -46.49 8.78 30.37
N LYS B 255 -47.09 8.19 29.33
CA LYS B 255 -47.87 6.96 29.50
C LYS B 255 -47.04 5.69 29.32
N CYS B 256 -45.78 5.79 28.93
CA CYS B 256 -44.97 4.59 28.72
C CYS B 256 -44.49 4.06 30.07
N PRO B 257 -44.83 2.82 30.43
CA PRO B 257 -44.40 2.29 31.74
C PRO B 257 -42.95 1.89 31.81
N MET B 258 -42.25 1.77 30.66
CA MET B 258 -40.88 1.28 30.64
C MET B 258 -39.89 2.33 30.16
N ASN B 259 -40.36 3.56 29.90
CA ASN B 259 -39.52 4.70 29.52
C ASN B 259 -38.72 4.43 28.24
N CYS B 260 -39.46 4.17 27.16
CA CYS B 260 -38.85 3.96 25.85
C CYS B 260 -38.96 5.17 24.93
N ILE B 261 -39.85 6.10 25.22
CA ILE B 261 -40.09 7.26 24.35
C ILE B 261 -39.28 8.44 24.87
N SER B 262 -38.48 9.03 24.00
CA SER B 262 -37.63 10.14 24.37
C SER B 262 -38.43 11.44 24.53
N GLY B 263 -37.86 12.38 25.26
CA GLY B 263 -38.49 13.67 25.47
C GLY B 263 -38.79 13.96 26.92
N ASP B 264 -38.91 15.25 27.26
CA ASP B 264 -39.24 15.68 28.61
C ASP B 264 -40.55 16.46 28.59
N VAL B 265 -41.23 16.49 29.72
CA VAL B 265 -42.55 17.15 29.82
C VAL B 265 -42.26 18.62 30.02
N GLU B 266 -42.15 19.34 28.90
CA GLU B 266 -42.07 20.80 28.90
C GLU B 266 -42.64 21.23 27.55
N TYR B 267 -43.92 21.58 27.53
CA TYR B 267 -44.64 21.70 26.27
C TYR B 267 -45.93 22.46 26.48
N GLY B 268 -46.43 23.02 25.37
CA GLY B 268 -47.80 23.49 25.25
C GLY B 268 -48.31 24.39 26.34
N LYS B 269 -49.51 24.07 26.85
CA LYS B 269 -50.16 24.73 27.98
C LYS B 269 -50.55 26.17 27.64
N SER B 270 -50.29 26.59 26.41
CA SER B 270 -50.64 27.93 25.94
C SER B 270 -51.95 27.84 25.18
N THR B 271 -53.06 27.99 25.90
CA THR B 271 -54.38 27.93 25.29
C THR B 271 -54.83 29.34 24.92
N ALA B 272 -54.84 29.62 23.62
CA ALA B 272 -55.32 30.88 23.05
C ALA B 272 -54.54 32.08 23.59
N TYR B 273 -53.23 32.06 23.36
CA TYR B 273 -52.40 33.25 23.56
C TYR B 273 -52.60 34.12 22.33
N ILE B 274 -53.67 34.91 22.35
CA ILE B 274 -54.16 35.61 21.17
C ILE B 274 -53.67 37.06 21.21
N ILE B 275 -53.04 37.49 20.11
CA ILE B 275 -52.66 38.88 19.98
C ILE B 275 -53.91 39.73 19.75
N GLU B 276 -54.04 40.82 20.50
CA GLU B 276 -55.23 41.65 20.47
C GLU B 276 -55.37 42.46 19.19
N GLU B 277 -54.33 42.54 18.37
CA GLU B 277 -54.34 43.44 17.23
C GLU B 277 -55.23 42.96 16.09
N ASN B 278 -55.18 41.67 15.77
CA ASN B 278 -55.77 41.16 14.54
C ASN B 278 -56.80 40.05 14.80
N CYS B 279 -57.61 40.21 15.84
CA CYS B 279 -58.78 39.36 16.03
C CYS B 279 -60.02 40.25 16.17
N ILE B 280 -61.13 39.79 15.61
CA ILE B 280 -62.33 40.61 15.50
C ILE B 280 -63.39 40.14 16.48
N ALA B 281 -62.96 39.54 17.59
CA ALA B 281 -63.86 38.96 18.60
C ALA B 281 -64.80 37.95 17.96
N CYS B 282 -64.25 37.11 17.07
CA CYS B 282 -65.04 36.12 16.36
C CYS B 282 -65.64 35.09 17.32
N GLY B 283 -64.84 34.61 18.28
CA GLY B 283 -65.34 33.66 19.25
C GLY B 283 -65.59 32.27 18.72
N LEU B 284 -64.99 31.91 17.59
CA LEU B 284 -65.17 30.57 17.03
C LEU B 284 -64.35 29.52 17.76
N CYS B 285 -63.32 29.90 18.51
CA CYS B 285 -62.55 28.96 19.31
C CYS B 285 -63.16 28.70 20.67
N ALA B 286 -64.14 29.50 21.09
CA ALA B 286 -64.76 29.32 22.39
C ALA B 286 -65.59 28.04 22.45
N LYS B 287 -66.25 27.68 21.34
CA LYS B 287 -67.12 26.51 21.32
C LYS B 287 -66.36 25.21 21.54
N ASN B 288 -65.51 24.82 20.60
CA ASN B 288 -64.79 23.56 20.72
C ASN B 288 -63.71 23.45 19.65
N CYS B 289 -62.57 22.91 20.07
CA CYS B 289 -61.51 22.31 19.29
C CYS B 289 -60.94 21.25 20.23
N PRO B 290 -60.90 19.97 19.85
CA PRO B 290 -61.51 18.91 20.67
C PRO B 290 -61.60 19.07 22.19
N VAL B 291 -60.72 19.82 22.85
CA VAL B 291 -60.90 20.11 24.27
C VAL B 291 -61.59 21.47 24.41
N ASN B 292 -62.14 21.78 25.58
CA ASN B 292 -62.90 23.03 25.69
C ASN B 292 -61.96 24.22 25.87
N ALA B 293 -61.34 24.32 27.05
CA ALA B 293 -60.15 25.13 27.32
C ALA B 293 -60.21 26.60 26.89
N ILE B 294 -61.38 27.11 26.49
CA ILE B 294 -61.50 28.49 26.03
C ILE B 294 -62.65 29.24 26.68
N THR B 295 -63.63 28.54 27.26
CA THR B 295 -64.99 29.03 27.52
C THR B 295 -65.04 30.45 28.07
N GLY B 296 -65.89 31.26 27.47
CA GLY B 296 -66.00 32.66 27.83
C GLY B 296 -67.22 33.29 27.20
N GLU B 297 -67.25 34.62 27.23
CA GLU B 297 -68.37 35.41 26.72
C GLU B 297 -67.85 36.41 25.69
N ILE B 298 -68.05 36.09 24.40
CA ILE B 298 -67.75 36.96 23.26
C ILE B 298 -66.26 37.25 23.11
N LYS B 299 -65.59 37.57 24.23
CA LYS B 299 -64.15 37.83 24.29
C LYS B 299 -63.76 39.01 23.40
N LYS B 300 -64.27 40.17 23.77
CA LYS B 300 -63.80 41.42 23.19
C LYS B 300 -62.34 41.64 23.59
N PRO B 301 -61.54 42.29 22.75
CA PRO B 301 -60.12 42.48 23.07
C PRO B 301 -59.95 43.47 24.21
N PRO B 302 -59.03 43.20 25.14
CA PRO B 302 -58.16 42.01 25.25
C PRO B 302 -58.87 40.77 25.76
N TYR B 303 -58.44 39.59 25.34
CA TYR B 303 -59.12 38.36 25.71
C TYR B 303 -58.89 38.01 27.17
N VAL B 304 -59.95 37.64 27.87
CA VAL B 304 -59.88 37.21 29.25
C VAL B 304 -60.06 35.69 29.26
N ILE B 305 -58.95 34.97 29.43
CA ILE B 305 -58.95 33.51 29.37
C ILE B 305 -57.94 32.97 30.38
N ASP B 306 -58.35 31.99 31.16
CA ASP B 306 -57.47 31.29 32.09
C ASP B 306 -56.76 30.16 31.36
N HIS B 307 -55.49 29.94 31.72
CA HIS B 307 -54.63 28.97 31.04
C HIS B 307 -54.24 27.89 32.03
N ASP B 308 -55.07 26.84 32.13
CA ASP B 308 -54.75 25.70 32.99
C ASP B 308 -55.18 24.37 32.38
N MET B 309 -55.36 24.31 31.06
CA MET B 309 -55.98 23.14 30.43
C MET B 309 -55.42 23.07 29.00
N CYS B 310 -55.96 22.16 28.18
CA CYS B 310 -55.63 21.93 26.77
C CYS B 310 -54.29 21.23 26.60
N ILE B 311 -54.05 20.70 25.40
CA ILE B 311 -52.89 19.85 25.14
C ILE B 311 -51.86 20.51 24.24
N GLY B 312 -52.21 21.58 23.53
CA GLY B 312 -51.25 22.27 22.68
C GLY B 312 -50.86 21.50 21.43
N CYS B 313 -51.84 21.19 20.58
CA CYS B 313 -51.55 20.46 19.35
C CYS B 313 -50.96 21.38 18.28
N GLY B 314 -51.59 22.52 18.04
CA GLY B 314 -51.11 23.48 17.06
C GLY B 314 -52.02 23.70 15.87
N ILE B 315 -53.19 23.05 15.82
CA ILE B 315 -54.10 23.25 14.69
C ILE B 315 -54.69 24.65 14.72
N CYS B 316 -54.88 25.22 15.91
CA CYS B 316 -55.46 26.55 16.07
C CYS B 316 -54.48 27.66 15.68
N PHE B 317 -53.27 27.33 15.25
CA PHE B 317 -52.31 28.32 14.79
C PHE B 317 -52.43 28.61 13.31
N ASP B 318 -53.03 27.71 12.53
CA ASP B 318 -53.15 27.89 11.09
C ASP B 318 -54.59 27.89 10.58
N LYS B 319 -55.55 27.41 11.36
CA LYS B 319 -56.93 27.37 10.89
C LYS B 319 -57.62 28.72 10.98
N CYS B 320 -57.04 29.69 11.70
CA CYS B 320 -57.62 31.02 11.77
C CYS B 320 -57.44 31.75 10.46
N ARG B 321 -58.41 32.59 10.11
CA ARG B 321 -58.31 33.38 8.89
C ARG B 321 -57.26 34.48 9.01
N LYS B 322 -57.03 34.99 10.22
CA LYS B 322 -56.04 36.03 10.45
C LYS B 322 -54.85 35.55 11.27
N SER B 323 -54.96 34.40 11.94
CA SER B 323 -53.89 33.82 12.75
C SER B 323 -53.45 34.78 13.85
N ALA B 324 -54.40 35.12 14.72
CA ALA B 324 -54.14 36.02 15.84
C ALA B 324 -53.59 35.30 17.06
N ILE B 325 -53.53 33.98 17.05
CA ILE B 325 -53.03 33.20 18.17
C ILE B 325 -51.53 32.98 17.99
N GLU B 326 -50.76 33.20 19.05
CA GLU B 326 -49.32 33.00 19.03
C GLU B 326 -48.96 31.81 19.93
N MET B 327 -48.07 30.95 19.43
CA MET B 327 -47.65 29.75 20.13
C MET B 327 -46.30 30.01 20.80
N ARG B 328 -46.27 29.89 22.13
CA ARG B 328 -45.04 30.08 22.89
C ARG B 328 -44.89 28.93 23.88
N PRO B 329 -43.79 28.17 23.81
CA PRO B 329 -43.54 27.11 24.82
C PRO B 329 -43.05 27.71 26.12
N ASN B 330 -43.91 27.69 27.14
CA ASN B 330 -43.57 28.27 28.44
C ASN B 330 -44.11 27.35 29.54
N LYS B 331 -43.19 26.64 30.20
CA LYS B 331 -43.52 25.75 31.30
C LYS B 331 -42.35 25.76 32.29
N THR B 332 -42.36 24.81 33.21
CA THR B 332 -41.26 24.69 34.17
C THR B 332 -40.00 24.23 33.45
N LYS B 333 -38.85 24.71 33.95
CA LYS B 333 -37.54 24.46 33.34
C LYS B 333 -37.50 24.90 31.88
N MET C 1 -7.79 -57.35 -3.99
CA MET C 1 -8.53 -56.32 -4.70
C MET C 1 -7.61 -55.19 -5.15
N ASN C 2 -8.10 -54.37 -6.09
CA ASN C 2 -7.31 -53.25 -6.61
C ASN C 2 -7.61 -52.01 -5.76
N VAL C 3 -6.83 -51.87 -4.68
CA VAL C 3 -6.93 -50.72 -3.81
C VAL C 3 -5.90 -49.70 -4.28
N LYS C 4 -6.38 -48.60 -4.86
CA LYS C 4 -5.51 -47.56 -5.40
C LYS C 4 -5.32 -46.46 -4.36
N HIS C 5 -4.45 -45.51 -4.69
CA HIS C 5 -4.07 -44.44 -3.76
C HIS C 5 -4.29 -43.08 -4.41
N GLY C 6 -4.29 -42.05 -3.59
CA GLY C 6 -4.43 -40.69 -4.08
C GLY C 6 -4.23 -39.68 -2.97
N THR C 7 -3.95 -38.44 -3.38
CA THR C 7 -3.74 -37.35 -2.45
C THR C 7 -3.92 -36.03 -3.21
N PHE C 8 -3.70 -34.92 -2.51
CA PHE C 8 -3.85 -33.59 -3.09
C PHE C 8 -2.67 -32.72 -2.64
N LYS C 9 -2.70 -31.46 -3.04
CA LYS C 9 -1.62 -30.51 -2.80
C LYS C 9 -2.05 -29.49 -1.75
N GLY C 10 -1.18 -29.27 -0.75
CA GLY C 10 -1.51 -28.41 0.36
C GLY C 10 -2.05 -29.18 1.54
N GLY C 11 -2.27 -28.47 2.64
CA GLY C 11 -2.83 -29.04 3.84
C GLY C 11 -1.86 -29.00 5.02
N ILE C 12 -2.35 -29.51 6.14
CA ILE C 12 -1.65 -29.47 7.42
C ILE C 12 -1.78 -30.82 8.11
N HIS C 13 -1.10 -30.96 9.25
CA HIS C 13 -1.09 -32.19 10.03
C HIS C 13 -1.40 -31.87 11.50
N PRO C 14 -2.67 -31.87 11.87
CA PRO C 14 -3.04 -31.65 13.29
C PRO C 14 -2.67 -32.86 14.14
N PRO C 15 -2.73 -32.74 15.47
CA PRO C 15 -2.32 -33.87 16.34
C PRO C 15 -3.12 -35.16 16.16
N TYR C 16 -4.40 -35.09 15.77
CA TYR C 16 -5.23 -36.28 15.50
C TYR C 16 -5.34 -37.15 16.76
N ARG C 17 -6.07 -36.63 17.74
CA ARG C 17 -6.16 -37.23 19.06
C ARG C 17 -7.25 -38.30 19.16
N LYS C 18 -7.54 -38.98 18.04
CA LYS C 18 -8.64 -39.93 17.95
C LYS C 18 -8.43 -41.20 18.76
N GLU C 19 -7.24 -41.42 19.33
CA GLU C 19 -6.94 -42.69 19.99
C GLU C 19 -7.74 -42.91 21.27
N SER C 20 -8.38 -41.87 21.82
CA SER C 20 -9.04 -42.01 23.11
C SER C 20 -10.31 -42.83 23.01
N THR C 21 -11.14 -42.57 21.99
CA THR C 21 -12.44 -43.21 21.86
C THR C 21 -12.47 -44.28 20.77
N ALA C 22 -11.34 -44.56 20.13
CA ALA C 22 -11.33 -45.55 19.04
C ALA C 22 -11.45 -46.98 19.59
N GLU C 23 -10.76 -47.27 20.68
CA GLU C 23 -10.77 -48.61 21.25
C GLU C 23 -11.88 -48.82 22.29
N VAL C 24 -12.57 -47.76 22.69
CA VAL C 24 -13.69 -47.85 23.62
C VAL C 24 -14.88 -48.45 22.89
N PRO C 25 -15.60 -49.41 23.47
CA PRO C 25 -16.75 -50.01 22.78
C PRO C 25 -17.89 -49.02 22.55
N LEU C 26 -18.87 -49.42 21.74
CA LEU C 26 -19.97 -48.54 21.36
C LEU C 26 -21.05 -48.58 22.44
N GLY C 27 -21.50 -47.39 22.85
CA GLY C 27 -22.55 -47.27 23.84
C GLY C 27 -23.88 -46.86 23.24
N PHE C 28 -24.94 -47.19 23.97
CA PHE C 28 -26.31 -46.85 23.56
C PHE C 28 -26.96 -46.00 24.63
N GLY C 29 -27.61 -44.91 24.21
CA GLY C 29 -28.25 -44.02 25.14
C GLY C 29 -29.50 -44.63 25.76
N LYS C 30 -29.91 -44.06 26.89
CA LYS C 30 -31.10 -44.52 27.58
C LYS C 30 -32.36 -43.90 26.97
N LYS C 31 -33.51 -44.30 27.48
CA LYS C 31 -34.78 -43.80 26.96
C LYS C 31 -35.01 -42.38 27.45
N PRO C 32 -35.22 -41.42 26.55
CA PRO C 32 -35.42 -40.04 26.99
C PRO C 32 -36.80 -39.83 27.58
N GLU C 33 -36.93 -38.74 28.33
CA GLU C 33 -38.21 -38.37 28.94
C GLU C 33 -38.77 -37.06 28.42
N MET C 34 -38.03 -36.33 27.58
CA MET C 34 -38.50 -35.06 27.03
C MET C 34 -37.66 -34.74 25.81
N VAL C 35 -38.31 -34.34 24.72
CA VAL C 35 -37.63 -34.00 23.47
C VAL C 35 -38.14 -32.67 22.96
N ILE C 36 -37.24 -31.88 22.40
CA ILE C 36 -37.57 -30.62 21.73
C ILE C 36 -37.18 -30.78 20.27
N ILE C 37 -38.15 -30.67 19.37
CA ILE C 37 -37.89 -30.84 17.95
C ILE C 37 -38.09 -29.50 17.24
N PRO C 38 -37.04 -28.93 16.66
CA PRO C 38 -37.19 -27.66 15.95
C PRO C 38 -37.90 -27.86 14.60
N MET C 39 -38.36 -26.74 14.05
CA MET C 39 -39.04 -26.75 12.76
C MET C 39 -38.11 -26.57 11.58
N SER C 40 -36.82 -26.30 11.81
CA SER C 40 -35.85 -26.11 10.75
C SER C 40 -34.64 -27.01 11.04
N LEU C 41 -34.67 -28.22 10.51
CA LEU C 41 -33.57 -29.17 10.64
C LEU C 41 -32.81 -29.34 9.32
N HIS C 42 -32.96 -28.40 8.40
CA HIS C 42 -32.34 -28.46 7.09
C HIS C 42 -32.05 -27.02 6.65
N ILE C 43 -31.77 -26.85 5.35
CA ILE C 43 -31.67 -25.54 4.75
C ILE C 43 -32.76 -25.41 3.69
N GLY C 44 -33.38 -24.23 3.63
CA GLY C 44 -34.51 -24.03 2.75
C GLY C 44 -35.66 -23.30 3.43
N ALA C 45 -36.86 -23.86 3.31
CA ALA C 45 -38.06 -23.26 3.89
C ALA C 45 -38.48 -24.03 5.14
N PRO C 46 -38.65 -23.36 6.27
CA PRO C 46 -39.09 -24.07 7.49
C PRO C 46 -40.50 -24.61 7.36
N CYS C 47 -40.77 -25.66 8.11
CA CYS C 47 -42.06 -26.34 8.06
C CYS C 47 -43.11 -25.59 8.88
N THR C 48 -44.31 -26.15 8.94
CA THR C 48 -45.42 -25.59 9.70
C THR C 48 -45.96 -26.67 10.63
N PRO C 49 -46.11 -26.39 11.92
CA PRO C 49 -46.63 -27.41 12.85
C PRO C 49 -48.06 -27.80 12.50
N ILE C 50 -48.36 -29.09 12.68
CA ILE C 50 -49.70 -29.60 12.42
C ILE C 50 -50.21 -30.33 13.65
N VAL C 51 -49.72 -29.93 14.83
CA VAL C 51 -50.15 -30.50 16.09
C VAL C 51 -50.46 -29.37 17.06
N LYS C 52 -51.27 -29.68 18.08
CA LYS C 52 -51.69 -28.72 19.09
C LYS C 52 -51.23 -29.19 20.46
N LYS C 53 -51.32 -28.28 21.43
CA LYS C 53 -50.98 -28.61 22.81
C LYS C 53 -52.02 -29.57 23.38
N GLY C 54 -51.54 -30.61 24.07
CA GLY C 54 -52.40 -31.63 24.63
C GLY C 54 -52.68 -32.80 23.73
N ASP C 55 -52.20 -32.78 22.48
CA ASP C 55 -52.41 -33.89 21.56
C ASP C 55 -51.55 -35.08 21.96
N THR C 56 -51.92 -36.25 21.43
CA THR C 56 -51.19 -37.49 21.66
C THR C 56 -50.58 -37.95 20.34
N VAL C 57 -49.28 -38.23 20.35
CA VAL C 57 -48.54 -38.57 19.15
C VAL C 57 -47.96 -39.97 19.29
N PHE C 58 -47.65 -40.57 18.14
CA PHE C 58 -47.02 -41.88 18.06
C PHE C 58 -45.54 -41.71 17.78
N LEU C 59 -44.86 -42.83 17.55
CA LEU C 59 -43.45 -42.83 17.16
C LEU C 59 -43.37 -42.86 15.64
N GLY C 60 -42.63 -41.91 15.07
CA GLY C 60 -42.54 -41.80 13.63
C GLY C 60 -43.68 -41.04 12.97
N GLN C 61 -44.52 -40.37 13.75
CA GLN C 61 -45.63 -39.60 13.21
C GLN C 61 -45.17 -38.20 12.84
N ARG C 62 -45.63 -37.73 11.68
CA ARG C 62 -45.21 -36.43 11.18
C ARG C 62 -45.83 -35.30 11.99
N VAL C 63 -45.02 -34.33 12.39
CA VAL C 63 -45.47 -33.16 13.14
C VAL C 63 -45.16 -31.87 12.41
N GLY C 64 -44.67 -31.94 11.18
CA GLY C 64 -44.38 -30.75 10.41
C GLY C 64 -44.49 -30.99 8.91
N GLU C 65 -45.07 -30.03 8.18
CA GLU C 65 -45.32 -30.24 6.76
C GLU C 65 -44.45 -29.33 5.91
N PRO C 66 -43.83 -29.86 4.85
CA PRO C 66 -42.97 -29.02 4.00
C PRO C 66 -43.76 -27.93 3.29
N ASN C 67 -43.07 -26.82 3.03
CA ASN C 67 -43.71 -25.67 2.38
C ASN C 67 -43.50 -25.70 0.86
N GLY C 68 -42.24 -25.67 0.42
CA GLY C 68 -41.94 -25.63 -0.99
C GLY C 68 -41.36 -26.92 -1.53
N PHE C 69 -40.49 -26.81 -2.54
CA PHE C 69 -39.83 -27.98 -3.11
C PHE C 69 -38.58 -28.37 -2.33
N VAL C 70 -37.78 -27.38 -1.92
CA VAL C 70 -36.58 -27.65 -1.11
C VAL C 70 -37.03 -27.58 0.35
N SER C 71 -37.61 -28.68 0.82
CA SER C 71 -38.13 -28.77 2.18
C SER C 71 -38.45 -30.23 2.47
N VAL C 72 -38.10 -30.68 3.68
CA VAL C 72 -38.33 -32.07 4.08
C VAL C 72 -39.24 -32.08 5.31
N PRO C 73 -40.00 -33.15 5.54
CA PRO C 73 -40.87 -33.19 6.72
C PRO C 73 -40.08 -33.45 8.00
N VAL C 74 -40.80 -33.39 9.12
CA VAL C 74 -40.23 -33.54 10.45
C VAL C 74 -41.09 -34.53 11.23
N HIS C 75 -40.46 -35.52 11.85
CA HIS C 75 -41.15 -36.58 12.56
C HIS C 75 -40.85 -36.52 14.04
N ALA C 76 -41.51 -37.39 14.80
CA ALA C 76 -41.39 -37.45 16.26
C ALA C 76 -40.52 -38.63 16.68
N SER C 77 -39.70 -38.41 17.71
CA SER C 77 -38.73 -39.42 18.14
C SER C 77 -39.28 -40.38 19.18
N VAL C 78 -40.24 -39.93 20.00
CA VAL C 78 -40.79 -40.76 21.07
C VAL C 78 -42.32 -40.71 20.99
N SER C 79 -42.96 -41.50 21.84
CA SER C 79 -44.41 -41.56 21.95
C SER C 79 -44.84 -40.93 23.27
N GLY C 80 -45.73 -39.95 23.19
CA GLY C 80 -46.19 -39.27 24.39
C GLY C 80 -47.26 -38.24 24.12
N LYS C 81 -47.15 -37.07 24.76
CA LYS C 81 -48.11 -35.99 24.60
C LYS C 81 -47.37 -34.68 24.36
N VAL C 82 -48.05 -33.75 23.69
CA VAL C 82 -47.48 -32.45 23.36
C VAL C 82 -47.79 -31.47 24.48
N ILE C 83 -46.76 -30.78 24.97
CA ILE C 83 -46.92 -29.84 26.07
C ILE C 83 -46.64 -28.40 25.67
N ALA C 84 -45.94 -28.14 24.56
CA ALA C 84 -45.63 -26.78 24.17
C ALA C 84 -45.33 -26.73 22.68
N VAL C 85 -45.88 -25.71 22.01
CA VAL C 85 -45.62 -25.47 20.60
C VAL C 85 -45.04 -24.06 20.47
N GLU C 86 -44.28 -23.64 21.47
CA GLU C 86 -43.66 -22.32 21.48
C GLU C 86 -42.25 -22.41 20.89
N GLU C 87 -41.49 -21.33 20.96
CA GLU C 87 -40.14 -21.29 20.45
C GLU C 87 -39.11 -21.40 21.58
N ARG C 88 -38.04 -22.12 21.31
CA ARG C 88 -37.04 -22.51 22.29
C ARG C 88 -35.65 -22.21 21.74
N PRO C 89 -34.63 -22.13 22.60
CA PRO C 89 -33.28 -21.84 22.13
C PRO C 89 -32.77 -22.87 21.12
N HIS C 90 -31.99 -22.37 20.16
CA HIS C 90 -31.45 -23.15 19.05
C HIS C 90 -29.94 -23.07 19.06
N ALA C 91 -29.31 -23.93 18.25
CA ALA C 91 -27.85 -23.98 18.17
C ALA C 91 -27.24 -22.78 17.47
N SER C 92 -28.04 -21.94 16.80
CA SER C 92 -27.53 -20.78 16.11
C SER C 92 -27.45 -19.54 16.98
N GLY C 93 -27.91 -19.62 18.24
CA GLY C 93 -27.84 -18.53 19.17
C GLY C 93 -29.16 -17.80 19.39
N ASP C 94 -30.16 -18.02 18.53
CA ASP C 94 -31.44 -17.35 18.63
C ASP C 94 -32.56 -18.38 18.68
N ARG C 95 -33.68 -17.99 19.28
CA ARG C 95 -34.78 -18.92 19.51
C ARG C 95 -35.49 -19.27 18.21
N VAL C 96 -35.86 -20.55 18.07
CA VAL C 96 -36.49 -21.08 16.87
C VAL C 96 -37.73 -21.86 17.29
N MET C 97 -38.82 -21.70 16.54
CA MET C 97 -40.07 -22.39 16.84
C MET C 97 -39.87 -23.90 16.86
N SER C 98 -40.39 -24.55 17.91
CA SER C 98 -40.17 -25.97 18.13
C SER C 98 -41.44 -26.60 18.70
N VAL C 99 -41.40 -27.92 18.84
CA VAL C 99 -42.47 -28.70 19.46
C VAL C 99 -41.85 -29.53 20.57
N VAL C 100 -42.42 -29.46 21.78
CA VAL C 100 -41.90 -30.17 22.93
C VAL C 100 -42.82 -31.35 23.25
N ILE C 101 -42.23 -32.53 23.38
CA ILE C 101 -42.98 -33.76 23.63
C ILE C 101 -42.43 -34.42 24.89
N GLU C 102 -43.33 -34.83 25.77
CA GLU C 102 -42.98 -35.55 27.00
C GLU C 102 -43.24 -37.04 26.79
N SER C 103 -42.22 -37.85 27.07
CA SER C 103 -42.29 -39.28 26.78
C SER C 103 -43.23 -39.98 27.75
N ASP C 104 -43.75 -41.13 27.29
CA ASP C 104 -44.67 -41.94 28.06
C ASP C 104 -44.01 -43.18 28.67
N GLY C 105 -42.91 -43.66 28.09
CA GLY C 105 -42.22 -44.86 28.54
C GLY C 105 -42.26 -45.98 27.53
N LEU C 106 -43.35 -46.09 26.77
CA LEU C 106 -43.49 -47.09 25.73
C LEU C 106 -43.28 -46.44 24.36
N ASP C 107 -42.75 -47.24 23.43
CA ASP C 107 -42.46 -46.79 22.07
C ASP C 107 -43.46 -47.46 21.13
N THR C 108 -44.62 -46.82 20.97
CA THR C 108 -45.67 -47.36 20.11
C THR C 108 -45.48 -46.84 18.69
N ILE C 109 -45.35 -47.76 17.75
CA ILE C 109 -45.09 -47.44 16.35
C ILE C 109 -46.40 -47.07 15.69
N ASP C 110 -46.36 -46.05 14.82
CA ASP C 110 -47.54 -45.60 14.10
C ASP C 110 -48.13 -46.76 13.28
N PRO C 111 -49.46 -46.94 13.27
CA PRO C 111 -50.04 -48.07 12.53
C PRO C 111 -50.20 -47.78 11.05
N SER C 112 -49.17 -47.22 10.43
CA SER C 112 -49.15 -47.03 8.98
C SER C 112 -47.76 -47.27 8.41
N ILE C 113 -46.83 -47.82 9.18
CA ILE C 113 -45.44 -47.99 8.76
C ILE C 113 -45.24 -49.44 8.32
N LYS C 114 -44.83 -49.61 7.08
CA LYS C 114 -44.55 -50.93 6.51
C LYS C 114 -43.32 -50.82 5.64
N PRO C 115 -42.60 -51.92 5.43
CA PRO C 115 -41.43 -51.89 4.55
C PRO C 115 -41.78 -51.45 3.14
N TYR C 116 -40.89 -50.67 2.53
CA TYR C 116 -41.15 -50.14 1.20
C TYR C 116 -41.03 -51.23 0.13
N GLY C 117 -40.01 -52.08 0.24
CA GLY C 117 -39.83 -53.14 -0.74
C GLY C 117 -38.45 -53.73 -0.80
N THR C 118 -37.98 -54.03 -2.00
CA THR C 118 -36.70 -54.67 -2.24
C THR C 118 -35.97 -53.89 -3.32
N LEU C 119 -34.66 -54.12 -3.45
CA LEU C 119 -33.84 -53.40 -4.42
C LEU C 119 -34.30 -53.66 -5.85
N GLU C 120 -34.76 -54.88 -6.14
CA GLU C 120 -35.15 -55.24 -7.49
C GLU C 120 -36.54 -54.73 -7.86
N ASP C 121 -37.34 -54.27 -6.90
CA ASP C 121 -38.73 -53.91 -7.14
C ASP C 121 -39.02 -52.42 -7.03
N MET C 122 -38.04 -51.59 -6.67
CA MET C 122 -38.33 -50.21 -6.31
C MET C 122 -38.25 -49.25 -7.49
N ASP C 123 -37.14 -49.26 -8.24
CA ASP C 123 -36.78 -48.34 -9.32
C ASP C 123 -36.74 -46.87 -8.87
N ALA C 124 -36.37 -45.98 -9.80
CA ALA C 124 -35.84 -44.67 -9.44
C ALA C 124 -36.90 -43.75 -8.85
N ASP C 125 -38.09 -43.71 -9.46
CA ASP C 125 -39.13 -42.80 -8.99
C ASP C 125 -39.59 -43.16 -7.59
N ALA C 126 -39.81 -44.44 -7.32
CA ALA C 126 -40.20 -44.85 -5.98
C ALA C 126 -39.07 -44.69 -4.98
N ILE C 127 -37.81 -44.87 -5.41
CA ILE C 127 -36.69 -44.64 -4.51
C ILE C 127 -36.63 -43.18 -4.09
N LYS C 128 -36.80 -42.27 -5.05
CA LYS C 128 -36.77 -40.84 -4.72
C LYS C 128 -37.97 -40.45 -3.86
N LYS C 129 -39.15 -41.04 -4.13
CA LYS C 129 -40.32 -40.76 -3.29
C LYS C 129 -40.11 -41.25 -1.87
N MET C 130 -39.50 -42.43 -1.70
CA MET C 130 -39.22 -42.94 -0.37
C MET C 130 -38.19 -42.09 0.36
N VAL C 131 -37.17 -41.61 -0.36
CA VAL C 131 -36.17 -40.74 0.26
C VAL C 131 -36.81 -39.43 0.71
N LEU C 132 -37.69 -38.87 -0.12
CA LEU C 132 -38.38 -37.64 0.26
C LEU C 132 -39.31 -37.87 1.46
N ASN C 133 -40.01 -39.01 1.49
CA ASN C 133 -41.01 -39.24 2.53
C ASN C 133 -40.37 -39.49 3.89
N ALA C 134 -39.17 -40.07 3.93
CA ALA C 134 -38.52 -40.38 5.19
C ALA C 134 -37.78 -39.20 5.81
N GLY C 135 -37.74 -38.06 5.13
CA GLY C 135 -37.09 -36.88 5.66
C GLY C 135 -35.59 -36.99 5.83
N ILE C 136 -34.90 -37.58 4.85
CA ILE C 136 -33.45 -37.76 4.94
C ILE C 136 -32.76 -36.52 4.40
N VAL C 137 -31.85 -35.95 5.18
CA VAL C 137 -31.02 -34.84 4.74
C VAL C 137 -29.57 -35.27 4.77
N GLY C 138 -28.66 -34.37 4.39
CA GLY C 138 -27.26 -34.71 4.35
C GLY C 138 -26.66 -34.77 5.75
N LEU C 139 -26.14 -35.93 6.14
CA LEU C 139 -25.55 -36.11 7.45
C LEU C 139 -24.09 -35.69 7.50
N GLY C 140 -23.53 -35.20 6.40
CA GLY C 140 -22.13 -34.78 6.38
C GLY C 140 -21.87 -33.48 7.08
N GLY C 141 -22.90 -32.66 7.31
CA GLY C 141 -22.74 -31.41 8.03
C GLY C 141 -23.50 -30.25 7.44
N ALA C 142 -23.72 -30.27 6.13
CA ALA C 142 -24.40 -29.16 5.46
C ALA C 142 -25.92 -29.27 5.52
N THR C 143 -26.46 -30.47 5.71
CA THR C 143 -27.90 -30.73 5.82
C THR C 143 -28.67 -30.19 4.62
N PHE C 144 -28.19 -30.53 3.43
CA PHE C 144 -28.90 -30.27 2.19
C PHE C 144 -29.85 -31.43 1.88
N PRO C 145 -31.06 -31.15 1.41
CA PRO C 145 -32.02 -32.23 1.12
C PRO C 145 -31.49 -33.19 0.07
N THR C 146 -31.79 -34.48 0.27
CA THR C 146 -31.25 -35.52 -0.59
C THR C 146 -32.07 -35.68 -1.87
N HIS C 147 -33.40 -35.56 -1.77
CA HIS C 147 -34.24 -35.73 -2.96
C HIS C 147 -34.00 -34.65 -3.99
N VAL C 148 -33.57 -33.46 -3.57
CA VAL C 148 -33.16 -32.43 -4.51
C VAL C 148 -31.85 -32.83 -5.19
N LYS C 149 -30.94 -33.46 -4.44
CA LYS C 149 -29.64 -33.85 -4.99
C LYS C 149 -29.78 -34.97 -6.01
N LEU C 150 -30.72 -35.88 -5.84
CA LEU C 150 -30.90 -37.00 -6.75
C LEU C 150 -31.76 -36.66 -7.96
N ALA C 151 -32.22 -35.42 -8.07
CA ALA C 151 -33.02 -34.98 -9.22
C ALA C 151 -32.11 -34.17 -10.13
N ILE C 152 -31.47 -34.86 -11.06
CA ILE C 152 -30.53 -34.20 -11.98
C ILE C 152 -31.33 -33.44 -13.04
N PRO C 153 -30.99 -32.18 -13.33
CA PRO C 153 -31.66 -31.46 -14.40
C PRO C 153 -31.34 -32.10 -15.75
N PRO C 154 -32.23 -31.98 -16.73
CA PRO C 154 -32.00 -32.63 -18.03
C PRO C 154 -30.79 -32.10 -18.80
N ASP C 155 -30.30 -30.89 -18.48
CA ASP C 155 -29.18 -30.30 -19.20
C ASP C 155 -27.83 -30.60 -18.54
N LYS C 156 -27.77 -31.62 -17.68
CA LYS C 156 -26.53 -32.03 -17.04
C LYS C 156 -26.36 -33.53 -17.16
N LYS C 157 -25.11 -33.97 -17.24
CA LYS C 157 -24.78 -35.39 -17.38
C LYS C 157 -23.83 -35.80 -16.27
N VAL C 158 -24.15 -36.91 -15.60
CA VAL C 158 -23.31 -37.48 -14.55
C VAL C 158 -23.07 -38.94 -14.88
N ASP C 159 -21.97 -39.48 -14.36
CA ASP C 159 -21.62 -40.87 -14.63
C ASP C 159 -21.04 -41.65 -13.45
N CYS C 160 -20.95 -41.06 -12.25
CA CYS C 160 -20.41 -41.81 -11.13
C CYS C 160 -20.91 -41.24 -9.81
N VAL C 161 -20.88 -42.10 -8.79
CA VAL C 161 -21.30 -41.76 -7.43
C VAL C 161 -20.13 -42.08 -6.50
N VAL C 162 -19.76 -41.11 -5.66
CA VAL C 162 -18.62 -41.22 -4.77
C VAL C 162 -19.12 -41.08 -3.33
N LEU C 163 -18.72 -42.02 -2.48
CA LEU C 163 -19.05 -41.98 -1.06
C LEU C 163 -17.87 -41.40 -0.27
N ASN C 164 -18.17 -40.49 0.65
CA ASN C 164 -17.15 -39.79 1.41
C ASN C 164 -16.95 -40.49 2.74
N GLY C 165 -15.98 -41.41 2.79
CA GLY C 165 -15.58 -42.05 4.02
C GLY C 165 -14.32 -41.50 4.64
N ALA C 166 -13.77 -40.40 4.12
CA ALA C 166 -12.52 -39.82 4.62
C ALA C 166 -12.83 -38.83 5.74
N GLU C 167 -13.23 -39.38 6.88
CA GLU C 167 -13.47 -38.57 8.07
C GLU C 167 -12.14 -38.05 8.59
N CYS C 168 -11.99 -36.73 8.62
CA CYS C 168 -10.68 -36.10 8.77
C CYS C 168 -10.54 -35.18 9.97
N GLU C 169 -11.63 -34.73 10.58
CA GLU C 169 -11.49 -33.83 11.71
C GLU C 169 -11.02 -34.59 12.95
N PRO C 170 -10.19 -33.96 13.78
CA PRO C 170 -9.73 -34.62 15.01
C PRO C 170 -10.88 -34.87 15.99
N TYR C 171 -10.61 -35.78 16.93
CA TYR C 171 -11.48 -36.15 18.05
C TYR C 171 -12.71 -36.94 17.62
N LEU C 172 -12.97 -37.08 16.32
CA LEU C 172 -14.21 -37.65 15.82
C LEU C 172 -13.96 -39.04 15.26
N THR C 173 -14.74 -40.03 15.76
CA THR C 173 -14.59 -41.41 15.31
C THR C 173 -15.92 -42.11 15.09
N ALA C 174 -16.99 -41.38 14.72
CA ALA C 174 -18.29 -42.02 14.53
C ALA C 174 -18.33 -42.81 13.23
N ASP C 175 -17.79 -42.25 12.14
CA ASP C 175 -17.81 -42.93 10.86
C ASP C 175 -16.97 -44.20 10.88
N HIS C 176 -15.91 -44.24 11.68
CA HIS C 176 -15.11 -45.45 11.85
C HIS C 176 -15.96 -46.59 12.39
N HIS C 177 -16.71 -46.32 13.46
CA HIS C 177 -17.59 -47.33 14.04
C HIS C 177 -18.69 -47.73 13.07
N LEU C 178 -19.26 -46.75 12.35
CA LEU C 178 -20.33 -47.06 11.41
C LEU C 178 -19.83 -47.94 10.27
N MET C 179 -18.64 -47.66 9.74
CA MET C 179 -18.09 -48.47 8.66
C MET C 179 -17.67 -49.85 9.14
N THR C 180 -17.17 -49.94 10.37
CA THR C 180 -16.75 -51.24 10.89
C THR C 180 -17.94 -52.13 11.20
N SER C 181 -19.05 -51.55 11.67
CA SER C 181 -20.18 -52.35 12.10
C SER C 181 -21.20 -52.62 10.99
N GLN C 182 -21.51 -51.62 10.17
CA GLN C 182 -22.63 -51.70 9.24
C GLN C 182 -22.22 -51.53 7.79
N ALA C 183 -21.19 -52.25 7.35
CA ALA C 183 -20.69 -52.08 5.98
C ALA C 183 -21.72 -52.54 4.94
N GLU C 184 -22.49 -53.57 5.25
CA GLU C 184 -23.47 -54.10 4.31
C GLU C 184 -24.54 -53.06 3.99
N LYS C 185 -25.00 -52.33 5.01
CA LYS C 185 -25.97 -51.26 4.78
C LYS C 185 -25.38 -50.15 3.91
N VAL C 186 -24.10 -49.83 4.11
CA VAL C 186 -23.45 -48.82 3.28
C VAL C 186 -23.41 -49.25 1.82
N VAL C 187 -23.06 -50.52 1.57
CA VAL C 187 -23.01 -51.03 0.21
C VAL C 187 -24.41 -51.03 -0.42
N MET C 188 -25.42 -51.43 0.36
CA MET C 188 -26.79 -51.43 -0.16
C MET C 188 -27.27 -50.02 -0.48
N GLY C 189 -26.93 -49.05 0.37
CA GLY C 189 -27.29 -47.67 0.09
C GLY C 189 -26.58 -47.12 -1.14
N LEU C 190 -25.31 -47.50 -1.32
CA LEU C 190 -24.60 -47.10 -2.53
C LEU C 190 -25.26 -47.68 -3.78
N LYS C 191 -25.65 -48.95 -3.73
CA LYS C 191 -26.34 -49.56 -4.86
C LYS C 191 -27.67 -48.87 -5.14
N LEU C 192 -28.42 -48.54 -4.09
CA LEU C 192 -29.70 -47.85 -4.26
C LEU C 192 -29.52 -46.49 -4.89
N ALA C 193 -28.52 -45.72 -4.44
CA ALA C 193 -28.27 -44.41 -5.02
C ALA C 193 -27.81 -44.53 -6.46
N MET C 194 -26.98 -45.53 -6.78
CA MET C 194 -26.53 -45.73 -8.14
C MET C 194 -27.69 -46.08 -9.06
N LYS C 195 -28.63 -46.90 -8.59
CA LYS C 195 -29.81 -47.22 -9.39
C LYS C 195 -30.72 -46.01 -9.54
N SER C 196 -30.83 -45.19 -8.48
CA SER C 196 -31.69 -44.02 -8.55
C SER C 196 -31.18 -42.99 -9.56
N VAL C 197 -29.87 -42.70 -9.53
CA VAL C 197 -29.32 -41.76 -10.50
C VAL C 197 -29.28 -42.38 -11.89
N GLY C 198 -28.87 -43.64 -11.99
CA GLY C 198 -28.83 -44.33 -13.27
C GLY C 198 -27.45 -44.44 -13.87
N VAL C 199 -26.44 -44.68 -13.03
CA VAL C 199 -25.06 -44.82 -13.48
C VAL C 199 -24.59 -46.24 -13.21
N GLU C 200 -23.39 -46.55 -13.67
CA GLU C 200 -22.82 -47.90 -13.55
C GLU C 200 -21.44 -47.85 -12.90
N LYS C 201 -21.13 -46.79 -12.16
CA LYS C 201 -19.83 -46.66 -11.52
C LYS C 201 -20.01 -46.12 -10.11
N GLY C 202 -19.22 -46.66 -9.17
CA GLY C 202 -19.28 -46.23 -7.79
C GLY C 202 -17.95 -46.38 -7.08
N PHE C 203 -17.55 -45.37 -6.31
CA PHE C 203 -16.26 -45.36 -5.62
C PHE C 203 -16.47 -45.07 -4.14
N ILE C 204 -15.58 -45.60 -3.32
CA ILE C 204 -15.56 -45.36 -1.89
C ILE C 204 -14.16 -44.90 -1.50
N GLY C 205 -14.05 -43.76 -0.82
CA GLY C 205 -12.77 -43.24 -0.43
C GLY C 205 -12.55 -43.21 1.08
N VAL C 206 -11.62 -44.04 1.56
CA VAL C 206 -11.33 -44.17 2.99
C VAL C 206 -9.86 -43.84 3.21
N GLU C 207 -9.57 -43.13 4.30
CA GLU C 207 -8.19 -42.80 4.62
C GLU C 207 -7.45 -44.03 5.16
N ASP C 208 -6.13 -43.93 5.19
CA ASP C 208 -5.29 -45.07 5.46
C ASP C 208 -5.13 -45.37 6.95
N ASN C 209 -5.71 -44.55 7.83
CA ASN C 209 -5.69 -44.84 9.26
C ASN C 209 -6.93 -45.61 9.72
N LYS C 210 -7.69 -46.17 8.79
CA LYS C 210 -8.88 -46.98 9.06
C LYS C 210 -8.82 -48.29 8.27
N THR C 211 -7.69 -49.00 8.38
CA THR C 211 -7.46 -50.19 7.56
C THR C 211 -8.47 -51.30 7.85
N ASP C 212 -8.94 -51.40 9.09
CA ASP C 212 -9.97 -52.39 9.40
C ASP C 212 -11.28 -52.08 8.69
N ALA C 213 -11.63 -50.80 8.60
CA ALA C 213 -12.81 -50.40 7.85
C ALA C 213 -12.65 -50.72 6.36
N ILE C 214 -11.45 -50.52 5.82
CA ILE C 214 -11.19 -50.85 4.42
C ILE C 214 -11.35 -52.35 4.20
N GLU C 215 -10.81 -53.17 5.11
CA GLU C 215 -10.95 -54.62 4.99
C GLU C 215 -12.42 -55.03 5.07
N ALA C 216 -13.18 -54.44 5.99
CA ALA C 216 -14.59 -54.75 6.12
C ALA C 216 -15.37 -54.38 4.85
N LEU C 217 -15.08 -53.21 4.29
CA LEU C 217 -15.77 -52.80 3.07
C LEU C 217 -15.40 -53.69 1.89
N VAL C 218 -14.13 -54.09 1.80
CA VAL C 218 -13.71 -54.99 0.72
C VAL C 218 -14.40 -56.34 0.83
N LYS C 219 -14.51 -56.86 2.07
CA LYS C 219 -15.22 -58.11 2.28
C LYS C 219 -16.71 -57.97 1.97
N ALA C 220 -17.30 -56.82 2.29
CA ALA C 220 -18.73 -56.64 2.09
C ALA C 220 -19.09 -56.42 0.63
N ILE C 221 -18.17 -55.87 -0.18
CA ILE C 221 -18.47 -55.62 -1.58
C ILE C 221 -18.68 -56.93 -2.33
N GLY C 222 -17.79 -57.90 -2.13
CA GLY C 222 -17.97 -59.21 -2.72
C GLY C 222 -17.36 -59.30 -4.10
N ASN C 223 -18.14 -59.84 -5.05
CA ASN C 223 -17.67 -60.08 -6.41
C ASN C 223 -18.12 -59.00 -7.39
N ASP C 224 -18.71 -57.91 -6.92
CA ASP C 224 -19.15 -56.85 -7.81
C ASP C 224 -17.94 -56.11 -8.38
N SER C 225 -17.89 -55.99 -9.71
CA SER C 225 -16.77 -55.37 -10.40
C SER C 225 -16.99 -53.89 -10.68
N ARG C 226 -18.17 -53.35 -10.38
CA ARG C 226 -18.46 -51.94 -10.62
C ARG C 226 -18.14 -51.07 -9.40
N LEU C 227 -17.70 -51.65 -8.30
CA LEU C 227 -17.43 -50.92 -7.07
C LEU C 227 -15.94 -50.99 -6.75
N GLU C 228 -15.38 -49.87 -6.30
CA GLU C 228 -13.96 -49.76 -6.03
C GLU C 228 -13.74 -49.04 -4.71
N VAL C 229 -12.60 -49.32 -4.08
CA VAL C 229 -12.21 -48.70 -2.81
C VAL C 229 -10.85 -48.04 -3.00
N TYR C 230 -10.73 -46.79 -2.57
CA TYR C 230 -9.49 -46.03 -2.64
C TYR C 230 -8.97 -45.76 -1.24
N SER C 231 -7.66 -45.95 -1.04
CA SER C 231 -7.00 -45.65 0.22
C SER C 231 -6.27 -44.32 0.07
N LEU C 232 -6.67 -43.33 0.87
CA LEU C 232 -6.20 -41.97 0.72
C LEU C 232 -5.23 -41.61 1.84
N HIS C 233 -4.29 -40.73 1.52
CA HIS C 233 -3.32 -40.27 2.50
C HIS C 233 -3.99 -39.40 3.56
N THR C 234 -3.47 -39.46 4.78
CA THR C 234 -4.08 -38.78 5.92
C THR C 234 -3.71 -37.30 5.90
N LYS C 235 -4.71 -36.45 5.65
CA LYS C 235 -4.53 -35.00 5.65
C LYS C 235 -5.85 -34.37 6.08
N TYR C 236 -5.78 -33.11 6.51
CA TYR C 236 -6.98 -32.49 7.10
C TYR C 236 -8.04 -32.13 6.05
N PRO C 237 -7.73 -31.28 5.02
CA PRO C 237 -8.83 -30.88 4.12
C PRO C 237 -9.14 -31.91 3.04
N GLN C 238 -8.73 -33.16 3.28
CA GLN C 238 -8.87 -34.21 2.27
C GLN C 238 -10.32 -34.49 1.90
N GLY C 239 -11.21 -34.45 2.89
CA GLY C 239 -12.58 -34.87 2.69
C GLY C 239 -13.58 -33.80 2.29
N ALA C 240 -13.13 -32.62 1.86
CA ALA C 240 -14.05 -31.51 1.61
C ALA C 240 -14.62 -31.51 0.20
N GLU C 241 -15.07 -32.66 -0.30
CA GLU C 241 -15.95 -32.79 -1.47
C GLU C 241 -15.30 -32.33 -2.78
N LYS C 242 -14.14 -31.69 -2.69
CA LYS C 242 -13.47 -31.13 -3.86
C LYS C 242 -12.08 -31.74 -4.03
N GLN C 243 -11.30 -31.77 -2.97
CA GLN C 243 -10.05 -32.51 -2.97
C GLN C 243 -10.29 -34.01 -3.07
N LEU C 244 -11.43 -34.48 -2.56
CA LEU C 244 -11.82 -35.87 -2.77
C LEU C 244 -12.03 -36.17 -4.25
N ILE C 245 -12.70 -35.24 -4.95
CA ILE C 245 -12.90 -35.39 -6.40
C ILE C 245 -11.57 -35.37 -7.12
N ALA C 246 -10.69 -34.45 -6.74
CA ALA C 246 -9.39 -34.37 -7.39
C ALA C 246 -8.55 -35.62 -7.14
N ALA C 247 -8.62 -36.18 -5.94
CA ALA C 247 -7.80 -37.34 -5.62
C ALA C 247 -8.33 -38.62 -6.27
N ILE C 248 -9.65 -38.79 -6.29
CA ILE C 248 -10.22 -40.04 -6.79
C ILE C 248 -10.36 -40.03 -8.31
N THR C 249 -11.01 -39.00 -8.87
CA THR C 249 -11.30 -38.97 -10.30
C THR C 249 -10.28 -38.18 -11.11
N GLY C 250 -9.61 -37.20 -10.51
CA GLY C 250 -8.65 -36.38 -11.23
C GLY C 250 -9.21 -35.13 -11.87
N ARG C 251 -10.53 -34.95 -11.86
CA ARG C 251 -11.14 -33.77 -12.45
C ARG C 251 -11.17 -32.63 -11.43
N GLU C 252 -11.52 -31.45 -11.91
CA GLU C 252 -11.60 -30.25 -11.08
C GLU C 252 -12.95 -29.58 -11.29
N VAL C 253 -13.61 -29.25 -10.19
CA VAL C 253 -14.88 -28.51 -10.27
C VAL C 253 -14.61 -27.10 -10.75
N PRO C 254 -15.38 -26.58 -11.73
CA PRO C 254 -15.13 -25.22 -12.23
C PRO C 254 -15.36 -24.13 -11.20
N SER C 255 -15.08 -22.88 -11.59
CA SER C 255 -15.12 -21.75 -10.66
C SER C 255 -16.58 -21.36 -10.40
N GLY C 256 -17.18 -22.03 -9.42
CA GLY C 256 -18.54 -21.71 -9.03
C GLY C 256 -19.58 -22.38 -9.91
N ALA C 257 -19.50 -23.71 -10.03
CA ALA C 257 -20.39 -24.43 -10.92
C ALA C 257 -20.94 -25.72 -10.33
N LEU C 258 -20.68 -26.02 -9.05
CA LEU C 258 -21.17 -27.17 -8.29
C LEU C 258 -20.56 -28.48 -8.81
N PRO C 259 -20.49 -29.53 -7.97
CA PRO C 259 -19.94 -30.81 -8.44
C PRO C 259 -20.73 -31.46 -9.55
N ALA C 260 -22.00 -31.09 -9.76
CA ALA C 260 -22.81 -31.73 -10.79
C ALA C 260 -22.29 -31.41 -12.18
N ASP C 261 -21.56 -30.31 -12.35
CA ASP C 261 -20.94 -30.00 -13.63
C ASP C 261 -19.66 -30.79 -13.86
N ALA C 262 -19.14 -31.46 -12.85
CA ALA C 262 -18.01 -32.37 -13.02
C ALA C 262 -18.44 -33.79 -13.36
N GLY C 263 -19.75 -34.07 -13.35
CA GLY C 263 -20.26 -35.38 -13.68
C GLY C 263 -20.31 -36.36 -12.55
N VAL C 264 -20.15 -35.92 -11.30
CA VAL C 264 -20.12 -36.82 -10.16
C VAL C 264 -21.28 -36.50 -9.23
N VAL C 265 -21.64 -37.47 -8.39
CA VAL C 265 -22.58 -37.26 -7.31
C VAL C 265 -21.93 -37.74 -6.02
N VAL C 266 -21.76 -36.84 -5.06
CA VAL C 266 -21.03 -37.12 -3.82
C VAL C 266 -22.03 -37.27 -2.69
N MET C 267 -21.95 -38.38 -1.97
CA MET C 267 -22.80 -38.66 -0.83
C MET C 267 -21.95 -39.11 0.35
N ASN C 268 -22.59 -39.32 1.49
CA ASN C 268 -21.93 -39.73 2.72
C ASN C 268 -22.29 -41.18 3.04
N VAL C 269 -21.45 -41.81 3.86
CA VAL C 269 -21.70 -43.19 4.25
C VAL C 269 -22.87 -43.28 5.23
N GLY C 270 -23.04 -42.27 6.09
CA GLY C 270 -24.17 -42.27 7.00
C GLY C 270 -25.50 -42.11 6.29
N THR C 271 -25.52 -41.27 5.25
CA THR C 271 -26.73 -41.11 4.46
C THR C 271 -27.10 -42.41 3.75
N ALA C 272 -26.11 -43.12 3.21
CA ALA C 272 -26.37 -44.39 2.55
C ALA C 272 -26.88 -45.44 3.54
N ALA C 273 -26.29 -45.49 4.73
CA ALA C 273 -26.77 -46.42 5.75
C ALA C 273 -28.20 -46.09 6.17
N GLN C 274 -28.51 -44.79 6.30
CA GLN C 274 -29.87 -44.39 6.65
C GLN C 274 -30.86 -44.75 5.54
N ILE C 275 -30.46 -44.60 4.28
CA ILE C 275 -31.34 -44.96 3.17
C ILE C 275 -31.64 -46.45 3.19
N ALA C 276 -30.60 -47.27 3.39
CA ALA C 276 -30.78 -48.71 3.45
C ALA C 276 -31.68 -49.11 4.63
N GLU C 277 -31.45 -48.52 5.79
CA GLU C 277 -32.25 -48.85 6.97
C GLU C 277 -33.70 -48.44 6.79
N SER C 278 -33.94 -47.26 6.20
CA SER C 278 -35.30 -46.81 5.98
C SER C 278 -36.00 -47.65 4.92
N MET C 279 -35.26 -48.20 3.96
CA MET C 279 -35.89 -49.11 3.00
C MET C 279 -36.24 -50.45 3.66
N ILE C 280 -35.34 -50.99 4.47
CA ILE C 280 -35.58 -52.30 5.08
C ILE C 280 -36.71 -52.22 6.11
N THR C 281 -36.67 -51.23 6.99
CA THR C 281 -37.60 -51.16 8.11
C THR C 281 -38.83 -50.31 7.82
N GLY C 282 -38.68 -49.15 7.19
CA GLY C 282 -39.79 -48.26 6.94
C GLY C 282 -39.92 -47.10 7.90
N LEU C 283 -39.00 -46.96 8.86
CA LEU C 283 -39.00 -45.90 9.86
C LEU C 283 -38.23 -44.68 9.37
N PRO C 284 -38.65 -43.48 9.78
CA PRO C 284 -37.95 -42.26 9.32
C PRO C 284 -36.65 -42.00 10.07
N LEU C 285 -36.03 -40.86 9.80
CA LEU C 285 -34.79 -40.49 10.46
C LEU C 285 -35.10 -39.92 11.85
N TYR C 286 -34.73 -40.67 12.89
CA TYR C 286 -34.93 -40.18 14.25
C TYR C 286 -33.78 -40.53 15.19
N LYS C 287 -32.62 -40.94 14.67
CA LYS C 287 -31.55 -41.45 15.52
C LYS C 287 -30.25 -41.45 14.73
N ARG C 288 -29.14 -41.14 15.39
CA ARG C 288 -27.84 -41.12 14.75
C ARG C 288 -26.75 -41.32 15.81
N TYR C 289 -25.50 -41.19 15.37
CA TYR C 289 -24.32 -41.41 16.21
C TYR C 289 -23.71 -40.07 16.60
N LEU C 290 -23.01 -40.06 17.74
CA LEU C 290 -22.31 -38.88 18.24
C LEU C 290 -21.03 -39.33 18.92
N THR C 291 -20.09 -38.40 19.05
CA THR C 291 -18.84 -38.62 19.77
C THR C 291 -18.73 -37.56 20.85
N CYS C 292 -18.89 -37.97 22.11
CA CYS C 292 -18.78 -37.07 23.24
C CYS C 292 -17.36 -37.22 23.79
N THR C 293 -16.54 -36.20 23.57
CA THR C 293 -15.13 -36.23 23.93
C THR C 293 -14.67 -34.81 24.21
N GLY C 294 -13.43 -34.67 24.65
CA GLY C 294 -12.85 -33.38 24.95
C GLY C 294 -11.90 -33.50 26.13
N ASP C 295 -11.60 -32.35 26.72
CA ASP C 295 -10.67 -32.28 27.85
C ASP C 295 -11.37 -32.20 29.19
N ALA C 296 -12.65 -31.80 29.22
CA ALA C 296 -13.42 -31.67 30.45
C ALA C 296 -14.51 -32.73 30.57
N ILE C 297 -14.34 -33.88 29.91
CA ILE C 297 -15.30 -34.97 29.96
C ILE C 297 -14.62 -36.15 30.67
N LYS C 298 -15.32 -36.72 31.65
CA LYS C 298 -14.73 -37.79 32.45
C LYS C 298 -14.53 -39.06 31.64
N ASN C 299 -15.56 -39.50 30.91
CA ASN C 299 -15.52 -40.75 30.16
C ASN C 299 -15.97 -40.50 28.72
N PRO C 300 -15.06 -40.06 27.86
CA PRO C 300 -15.43 -39.86 26.45
C PRO C 300 -15.75 -41.17 25.76
N GLN C 301 -16.71 -41.13 24.84
CA GLN C 301 -17.12 -42.32 24.11
C GLN C 301 -17.98 -41.92 22.91
N THR C 302 -18.24 -42.89 22.05
CA THR C 302 -19.14 -42.74 20.91
C THR C 302 -20.46 -43.42 21.26
N ILE C 303 -21.56 -42.69 21.11
CA ILE C 303 -22.86 -43.13 21.59
C ILE C 303 -23.93 -42.85 20.55
N GLU C 304 -24.90 -43.76 20.45
CA GLU C 304 -26.03 -43.60 19.54
C GLU C 304 -27.18 -42.94 20.31
N ILE C 305 -27.62 -41.78 19.83
CA ILE C 305 -28.55 -40.94 20.58
C ILE C 305 -29.62 -40.40 19.65
N ARG C 306 -30.87 -40.43 20.10
CA ARG C 306 -32.01 -39.96 19.32
C ARG C 306 -31.93 -38.45 19.09
N ILE C 307 -32.81 -37.97 18.21
CA ILE C 307 -32.82 -36.56 17.83
C ILE C 307 -33.80 -35.81 18.73
N GLY C 308 -33.33 -34.72 19.33
CA GLY C 308 -34.11 -33.91 20.24
C GLY C 308 -33.62 -33.94 21.68
N VAL C 309 -32.68 -34.81 21.99
CA VAL C 309 -32.15 -34.90 23.35
C VAL C 309 -31.23 -33.71 23.62
N PRO C 310 -31.35 -33.03 24.75
CA PRO C 310 -30.48 -31.88 25.03
C PRO C 310 -29.03 -32.29 25.23
N PHE C 311 -28.14 -31.30 25.13
CA PHE C 311 -26.71 -31.54 25.29
C PHE C 311 -26.37 -32.00 26.71
N GLN C 312 -27.03 -31.41 27.70
CA GLN C 312 -26.72 -31.71 29.09
C GLN C 312 -27.03 -33.16 29.44
N SER C 313 -28.07 -33.74 28.83
CA SER C 313 -28.36 -35.16 29.06
C SER C 313 -27.22 -36.04 28.55
N VAL C 314 -26.68 -35.71 27.38
CA VAL C 314 -25.54 -36.45 26.83
C VAL C 314 -24.33 -36.31 27.74
N ILE C 315 -24.06 -35.08 28.21
CA ILE C 315 -22.91 -34.85 29.08
C ILE C 315 -23.05 -35.61 30.39
N ASP C 316 -24.27 -35.64 30.95
CA ASP C 316 -24.51 -36.41 32.17
C ASP C 316 -24.36 -37.91 31.94
N GLN C 317 -24.83 -38.41 30.79
CA GLN C 317 -24.65 -39.81 30.46
C GLN C 317 -23.20 -40.19 30.21
N CYS C 318 -22.35 -39.23 29.85
CA CYS C 318 -20.94 -39.49 29.61
C CYS C 318 -20.07 -39.04 30.79
N GLY C 319 -20.54 -39.29 32.01
CA GLY C 319 -19.78 -39.00 33.21
C GLY C 319 -20.06 -37.64 33.82
N GLY C 320 -19.74 -36.57 33.09
CA GLY C 320 -19.95 -35.22 33.56
C GLY C 320 -18.70 -34.40 33.35
N PHE C 321 -18.64 -33.27 34.04
CA PHE C 321 -17.51 -32.35 33.94
C PHE C 321 -16.51 -32.69 35.04
N SER C 322 -15.27 -33.02 34.64
CA SER C 322 -14.21 -33.21 35.63
C SER C 322 -13.71 -31.89 36.18
N SER C 323 -13.78 -30.82 35.38
CA SER C 323 -13.38 -29.49 35.79
C SER C 323 -14.33 -28.48 35.15
N GLU C 324 -14.09 -27.21 35.43
CA GLU C 324 -14.94 -26.16 34.87
C GLU C 324 -14.60 -25.96 33.40
N PRO C 325 -15.55 -26.13 32.48
CA PRO C 325 -15.25 -25.95 31.06
C PRO C 325 -15.13 -24.48 30.70
N GLY C 326 -14.35 -24.22 29.64
CA GLY C 326 -14.17 -22.87 29.16
C GLY C 326 -14.72 -22.67 27.76
N LYS C 327 -15.15 -23.77 27.13
CA LYS C 327 -15.65 -23.73 25.76
C LYS C 327 -16.41 -24.99 25.41
N VAL C 328 -17.61 -24.86 24.85
CA VAL C 328 -18.42 -25.98 24.39
C VAL C 328 -18.70 -25.78 22.92
N ILE C 329 -18.37 -26.80 22.11
CA ILE C 329 -18.39 -26.72 20.66
C ILE C 329 -19.27 -27.83 20.12
N SER C 330 -20.15 -27.47 19.17
CA SER C 330 -21.01 -28.42 18.48
C SER C 330 -20.35 -28.78 17.15
N GLY C 331 -19.68 -29.92 17.11
CA GLY C 331 -18.98 -30.35 15.92
C GLY C 331 -17.51 -30.67 16.20
N GLY C 332 -16.64 -30.32 15.26
CA GLY C 332 -15.23 -30.56 15.42
C GLY C 332 -14.49 -29.32 15.86
N PRO C 333 -13.19 -29.48 16.16
CA PRO C 333 -12.40 -28.32 16.61
C PRO C 333 -11.99 -27.36 15.49
N MET C 334 -12.21 -27.73 14.23
CA MET C 334 -11.74 -26.92 13.11
C MET C 334 -12.87 -26.20 12.38
N MET C 335 -14.11 -26.66 12.49
CA MET C 335 -15.23 -25.99 11.86
C MET C 335 -16.46 -25.93 12.75
N GLY C 336 -16.34 -26.22 14.04
CA GLY C 336 -17.48 -26.21 14.93
C GLY C 336 -17.88 -24.83 15.35
N VAL C 337 -19.05 -24.75 16.00
CA VAL C 337 -19.65 -23.49 16.44
C VAL C 337 -19.73 -23.51 17.96
N THR C 338 -19.20 -22.48 18.60
CA THR C 338 -19.26 -22.38 20.05
C THR C 338 -20.67 -22.04 20.51
N GLN C 339 -21.06 -22.58 21.66
CA GLN C 339 -22.41 -22.44 22.18
C GLN C 339 -22.45 -21.45 23.33
N PHE C 340 -23.67 -21.03 23.67
CA PHE C 340 -23.93 -20.14 24.81
C PHE C 340 -24.44 -20.90 26.03
N VAL C 341 -25.38 -21.82 25.82
CA VAL C 341 -25.98 -22.60 26.90
C VAL C 341 -25.94 -24.07 26.51
N THR C 342 -26.38 -24.92 27.44
CA THR C 342 -26.43 -26.36 27.24
C THR C 342 -27.86 -26.90 27.14
N ASP C 343 -28.82 -26.04 26.86
CA ASP C 343 -30.20 -26.44 26.63
C ASP C 343 -30.45 -26.84 25.19
N ILE C 344 -29.42 -26.80 24.35
CA ILE C 344 -29.57 -27.04 22.91
C ILE C 344 -29.86 -28.53 22.67
N PRO C 345 -30.84 -28.88 21.86
CA PRO C 345 -31.03 -30.28 21.49
C PRO C 345 -30.10 -30.68 20.34
N VAL C 346 -29.86 -31.98 20.23
CA VAL C 346 -29.07 -32.48 19.11
C VAL C 346 -29.91 -32.44 17.84
N MET C 347 -29.23 -32.46 16.70
CA MET C 347 -29.89 -32.26 15.42
C MET C 347 -29.50 -33.34 14.42
N LYS C 348 -29.93 -33.17 13.16
CA LYS C 348 -29.62 -34.16 12.14
C LYS C 348 -28.19 -34.05 11.64
N GLY C 349 -27.51 -32.94 11.92
CA GLY C 349 -26.14 -32.76 11.46
C GLY C 349 -25.15 -32.58 12.58
N THR C 350 -25.50 -33.00 13.79
CA THR C 350 -24.63 -32.90 14.95
C THR C 350 -23.78 -34.16 15.03
N SER C 351 -22.47 -34.02 14.86
CA SER C 351 -21.57 -35.15 14.79
C SER C 351 -20.68 -35.28 16.03
N GLY C 352 -20.77 -34.36 16.98
CA GLY C 352 -19.98 -34.48 18.19
C GLY C 352 -20.20 -33.29 19.10
N ILE C 353 -19.82 -33.48 20.36
CA ILE C 353 -19.85 -32.44 21.39
C ILE C 353 -18.44 -32.37 21.97
N LEU C 354 -17.81 -31.20 21.88
CA LEU C 354 -16.41 -31.04 22.28
C LEU C 354 -16.32 -30.01 23.39
N CYS C 355 -15.87 -30.44 24.57
CA CYS C 355 -15.75 -29.56 25.72
C CYS C 355 -14.27 -29.37 26.05
N LEU C 356 -13.85 -28.10 26.09
CA LEU C 356 -12.46 -27.74 26.38
C LEU C 356 -12.38 -27.10 27.76
N THR C 357 -11.25 -27.32 28.43
CA THR C 357 -11.01 -26.74 29.73
C THR C 357 -10.55 -25.29 29.57
N LYS C 358 -10.39 -24.60 30.70
CA LYS C 358 -10.06 -23.18 30.66
C LYS C 358 -8.63 -22.95 30.17
N GLU C 359 -7.71 -23.82 30.55
CA GLU C 359 -6.31 -23.64 30.15
C GLU C 359 -6.09 -23.95 28.67
N SER C 360 -6.84 -24.91 28.12
CA SER C 360 -6.67 -25.34 26.74
C SER C 360 -7.44 -24.49 25.75
N ALA C 361 -8.21 -23.50 26.22
CA ALA C 361 -9.01 -22.65 25.35
C ALA C 361 -8.50 -21.21 25.31
N LYS C 362 -7.21 -21.00 25.56
CA LYS C 362 -6.62 -19.68 25.58
C LYS C 362 -5.74 -19.47 24.36
N ILE C 363 -6.00 -18.38 23.63
CA ILE C 363 -5.23 -18.02 22.43
C ILE C 363 -4.74 -16.59 22.60
N ALA C 364 -3.49 -16.35 22.21
CA ALA C 364 -2.87 -15.05 22.39
C ALA C 364 -3.48 -14.01 21.45
N THR C 365 -3.18 -12.75 21.73
CA THR C 365 -3.72 -11.65 20.95
C THR C 365 -3.01 -11.58 19.59
N PRO C 366 -3.73 -11.19 18.53
CA PRO C 366 -3.08 -11.00 17.23
C PRO C 366 -2.00 -9.93 17.27
N SER C 367 -0.98 -10.12 16.43
CA SER C 367 0.17 -9.23 16.34
C SER C 367 0.38 -8.80 14.89
N ASN C 368 1.52 -8.16 14.63
CA ASN C 368 1.85 -7.70 13.30
C ASN C 368 2.21 -8.86 12.38
N CYS C 369 2.03 -8.65 11.08
CA CYS C 369 2.42 -9.64 10.10
C CYS C 369 3.92 -9.58 9.85
N ILE C 370 4.56 -10.75 9.76
CA ILE C 370 6.01 -10.85 9.60
C ILE C 370 6.39 -11.36 8.22
N HIS C 371 5.41 -11.55 7.33
CA HIS C 371 5.64 -11.93 5.92
C HIS C 371 6.40 -13.26 5.81
N CYS C 372 6.04 -14.23 6.65
CA CYS C 372 6.68 -15.54 6.58
C CYS C 372 6.26 -16.30 5.32
N GLY C 373 4.98 -16.23 4.95
CA GLY C 373 4.50 -16.86 3.74
C GLY C 373 4.04 -18.29 3.87
N LYS C 374 3.74 -18.76 5.09
CA LYS C 374 3.25 -20.13 5.26
C LYS C 374 1.79 -20.28 4.87
N CYS C 375 0.99 -19.22 5.06
CA CYS C 375 -0.42 -19.27 4.70
C CYS C 375 -0.60 -19.46 3.19
N VAL C 376 0.31 -18.91 2.39
CA VAL C 376 0.29 -19.16 0.95
C VAL C 376 0.60 -20.63 0.67
N GLY C 377 1.54 -21.21 1.43
CA GLY C 377 1.92 -22.59 1.20
C GLY C 377 0.83 -23.59 1.55
N VAL C 378 0.07 -23.33 2.62
CA VAL C 378 -0.88 -24.33 3.11
C VAL C 378 -2.25 -24.24 2.46
N CYS C 379 -2.50 -23.25 1.61
CA CYS C 379 -3.83 -23.08 1.04
C CYS C 379 -4.08 -24.11 -0.06
N PRO C 380 -5.18 -24.88 0.02
CA PRO C 380 -5.47 -25.85 -1.05
C PRO C 380 -6.07 -25.22 -2.31
N ILE C 381 -6.60 -24.00 -2.24
CA ILE C 381 -7.14 -23.33 -3.42
C ILE C 381 -6.09 -22.44 -4.10
N HIS C 382 -4.89 -22.37 -3.54
CA HIS C 382 -3.78 -21.58 -4.09
C HIS C 382 -4.12 -20.10 -4.16
N LEU C 383 -4.62 -19.57 -3.05
CA LEU C 383 -4.85 -18.14 -2.88
C LEU C 383 -3.74 -17.54 -2.03
N GLN C 384 -3.87 -16.26 -1.69
CA GLN C 384 -2.93 -15.56 -0.83
C GLN C 384 -3.72 -14.89 0.28
N PRO C 385 -3.90 -15.58 1.42
CA PRO C 385 -4.80 -15.06 2.47
C PRO C 385 -4.37 -13.73 3.07
N LEU C 386 -3.08 -13.43 3.10
CA LEU C 386 -2.61 -12.20 3.76
C LEU C 386 -3.12 -10.95 3.05
N ASN C 387 -3.09 -10.96 1.71
CA ASN C 387 -3.56 -9.80 0.95
C ASN C 387 -5.05 -9.59 1.11
N ILE C 388 -5.83 -10.67 1.05
CA ILE C 388 -7.27 -10.57 1.22
C ILE C 388 -7.62 -10.05 2.61
N ALA C 389 -6.95 -10.56 3.63
CA ALA C 389 -7.21 -10.10 5.00
C ALA C 389 -6.84 -8.64 5.18
N GLU C 390 -5.69 -8.22 4.63
CA GLU C 390 -5.26 -6.83 4.79
C GLU C 390 -6.15 -5.88 4.01
N TYR C 391 -6.69 -6.30 2.86
CA TYR C 391 -7.62 -5.45 2.13
C TYR C 391 -8.98 -5.41 2.81
N SER C 392 -9.41 -6.51 3.42
CA SER C 392 -10.70 -6.53 4.11
C SER C 392 -10.67 -5.72 5.40
N GLN C 393 -9.51 -5.63 6.05
CA GLN C 393 -9.43 -4.94 7.33
C GLN C 393 -9.57 -3.43 7.20
N ARG C 394 -9.47 -2.86 6.01
CA ARG C 394 -9.62 -1.41 5.81
C ARG C 394 -10.70 -1.08 4.78
N ASN C 395 -11.67 -1.99 4.61
CA ASN C 395 -12.88 -1.75 3.82
C ASN C 395 -12.56 -1.43 2.36
N MET C 396 -11.90 -2.37 1.69
CA MET C 396 -11.61 -2.30 0.26
C MET C 396 -12.20 -3.55 -0.39
N TRP C 397 -13.49 -3.49 -0.72
CA TRP C 397 -14.18 -4.68 -1.23
C TRP C 397 -13.84 -4.98 -2.67
N ASP C 398 -13.53 -3.95 -3.48
CA ASP C 398 -13.16 -4.18 -4.86
C ASP C 398 -11.84 -4.94 -4.96
N LYS C 399 -10.86 -4.58 -4.12
CA LYS C 399 -9.58 -5.28 -4.11
C LYS C 399 -9.74 -6.70 -3.57
N CYS C 400 -10.64 -6.91 -2.61
CA CYS C 400 -10.91 -8.26 -2.13
C CYS C 400 -11.53 -9.12 -3.22
N GLU C 401 -12.48 -8.55 -3.98
CA GLU C 401 -13.11 -9.30 -5.06
C GLU C 401 -12.13 -9.59 -6.19
N SER C 402 -11.25 -8.64 -6.49
CA SER C 402 -10.27 -8.83 -7.56
C SER C 402 -9.21 -9.86 -7.20
N ASN C 403 -9.03 -10.18 -5.92
CA ASN C 403 -8.05 -11.15 -5.47
C ASN C 403 -8.65 -12.55 -5.31
N ASN C 404 -9.83 -12.79 -5.89
CA ASN C 404 -10.49 -14.10 -5.88
C ASN C 404 -10.77 -14.57 -4.45
N ALA C 405 -11.59 -13.79 -3.75
CA ALA C 405 -11.98 -14.12 -2.39
C ALA C 405 -13.29 -14.89 -2.30
N MET C 406 -13.97 -15.09 -3.42
CA MET C 406 -15.29 -15.72 -3.41
C MET C 406 -15.24 -17.23 -3.64
N ASP C 407 -14.05 -17.80 -3.86
CA ASP C 407 -13.92 -19.24 -4.02
C ASP C 407 -13.16 -19.87 -2.86
N CYS C 408 -13.01 -19.16 -1.75
CA CYS C 408 -12.48 -19.75 -0.53
C CYS C 408 -13.51 -20.70 0.08
N ILE C 409 -13.03 -21.82 0.61
CA ILE C 409 -13.92 -22.83 1.17
C ILE C 409 -14.01 -22.74 2.69
N GLU C 410 -13.34 -21.77 3.30
CA GLU C 410 -13.36 -21.53 4.75
C GLU C 410 -12.97 -22.79 5.53
N CYS C 411 -11.73 -23.24 5.31
CA CYS C 411 -11.26 -24.49 5.88
C CYS C 411 -10.42 -24.32 7.14
N GLY C 412 -10.08 -23.09 7.52
CA GLY C 412 -9.37 -22.92 8.78
C GLY C 412 -7.85 -22.95 8.69
N SER C 413 -7.31 -23.84 7.85
CA SER C 413 -5.87 -24.11 7.73
C SER C 413 -4.98 -22.89 7.74
N CYS C 414 -5.36 -21.84 7.01
CA CYS C 414 -4.53 -20.64 6.92
C CYS C 414 -4.41 -19.94 8.28
N SER C 415 -5.49 -19.95 9.07
CA SER C 415 -5.46 -19.33 10.39
C SER C 415 -4.78 -20.20 11.44
N TYR C 416 -4.62 -21.49 11.17
CA TYR C 416 -4.01 -22.41 12.12
C TYR C 416 -2.50 -22.29 12.16
N ILE C 417 -1.86 -21.95 11.03
CA ILE C 417 -0.41 -21.99 10.91
C ILE C 417 0.24 -20.64 11.17
N CYS C 418 -0.54 -19.59 11.39
CA CYS C 418 0.02 -18.24 11.50
C CYS C 418 0.85 -18.06 12.76
N PRO C 419 2.12 -17.68 12.64
CA PRO C 419 2.91 -17.38 13.86
C PRO C 419 2.40 -16.18 14.63
N ALA C 420 1.77 -15.22 13.96
CA ALA C 420 1.30 -14.00 14.60
C ALA C 420 -0.10 -14.15 15.21
N LYS C 421 -0.72 -15.32 15.06
CA LYS C 421 -2.01 -15.65 15.68
C LYS C 421 -3.11 -14.67 15.25
N ARG C 422 -3.34 -14.63 13.94
CA ARG C 422 -4.32 -13.72 13.36
C ARG C 422 -5.60 -14.47 13.01
N THR C 423 -6.58 -13.71 12.49
CA THR C 423 -7.94 -14.18 12.28
C THR C 423 -8.32 -14.09 10.80
N LEU C 424 -7.48 -14.66 9.93
CA LEU C 424 -7.61 -14.45 8.48
C LEU C 424 -8.95 -14.94 7.94
N VAL C 425 -9.42 -16.10 8.40
CA VAL C 425 -10.64 -16.66 7.84
C VAL C 425 -11.86 -15.83 8.22
N SER C 426 -11.84 -15.19 9.40
CA SER C 426 -12.94 -14.31 9.79
C SER C 426 -13.02 -13.10 8.88
N SER C 427 -11.87 -12.50 8.55
CA SER C 427 -11.85 -11.36 7.63
C SER C 427 -12.29 -11.78 6.24
N ILE C 428 -11.90 -12.97 5.80
CA ILE C 428 -12.35 -13.48 4.50
C ILE C 428 -13.86 -13.67 4.49
N ARG C 429 -14.43 -14.16 5.59
CA ARG C 429 -15.87 -14.30 5.70
C ARG C 429 -16.58 -12.96 5.65
N VAL C 430 -16.01 -11.95 6.33
CA VAL C 430 -16.60 -10.60 6.29
C VAL C 430 -16.60 -10.06 4.86
N ALA C 431 -15.47 -10.22 4.15
CA ALA C 431 -15.38 -9.75 2.78
C ALA C 431 -16.37 -10.47 1.87
N LYS C 432 -16.51 -11.79 2.04
CA LYS C 432 -17.46 -12.55 1.23
C LYS C 432 -18.90 -12.09 1.49
N ARG C 433 -19.25 -11.86 2.76
CA ARG C 433 -20.60 -11.41 3.08
C ARG C 433 -20.88 -10.05 2.47
N GLU C 434 -19.92 -9.13 2.54
CA GLU C 434 -20.13 -7.80 1.98
C GLU C 434 -20.23 -7.83 0.46
N ILE C 435 -19.40 -8.66 -0.20
CA ILE C 435 -19.46 -8.76 -1.65
C ILE C 435 -20.79 -9.35 -2.10
N ILE C 436 -21.27 -10.38 -1.39
CA ILE C 436 -22.58 -10.97 -1.72
C ILE C 436 -23.69 -9.97 -1.50
N ALA C 437 -23.64 -9.22 -0.39
CA ALA C 437 -24.70 -8.26 -0.07
C ALA C 437 -24.74 -7.10 -1.07
N GLN C 438 -23.57 -6.67 -1.57
CA GLN C 438 -23.55 -5.55 -2.52
C GLN C 438 -24.13 -5.91 -3.87
N ARG C 439 -24.33 -7.20 -4.18
CA ARG C 439 -24.92 -7.59 -5.45
C ARG C 439 -26.43 -7.49 -5.46
N ARG C 440 -27.06 -7.37 -4.29
CA ARG C 440 -28.52 -7.27 -4.20
C ARG C 440 -29.02 -5.84 -4.09
N LYS C 441 -28.23 -4.94 -3.50
CA LYS C 441 -28.61 -3.54 -3.38
C LYS C 441 -28.08 -2.69 -4.52
N GLY C 442 -27.45 -3.30 -5.53
CA GLY C 442 -26.94 -2.55 -6.66
C GLY C 442 -27.43 -3.08 -7.99
N ASN C 443 -28.16 -4.20 -7.96
CA ASN C 443 -28.69 -4.80 -9.17
C ASN C 443 -30.22 -4.79 -9.16
N MET D 1 -27.49 -22.02 41.39
CA MET D 1 -27.54 -20.82 40.57
C MET D 1 -26.17 -20.52 39.97
N ASN D 2 -25.43 -21.56 39.62
CA ASN D 2 -24.09 -21.42 39.07
C ASN D 2 -24.16 -21.21 37.56
N GLU D 3 -23.54 -20.13 37.08
CA GLU D 3 -23.46 -19.85 35.66
C GLU D 3 -22.24 -20.56 35.07
N LEU D 4 -22.09 -20.45 33.75
CA LEU D 4 -20.96 -21.07 33.04
C LEU D 4 -19.97 -20.06 32.50
N ASN D 5 -20.46 -19.00 31.85
CA ASN D 5 -19.63 -17.94 31.27
C ASN D 5 -18.60 -18.51 30.29
N LEU D 6 -19.10 -19.10 29.22
CA LEU D 6 -18.25 -19.67 28.20
C LEU D 6 -17.68 -18.59 27.28
N THR D 7 -16.82 -19.00 26.36
CA THR D 7 -16.20 -18.10 25.41
C THR D 7 -16.74 -18.37 24.01
N VAL D 8 -17.04 -17.30 23.28
CA VAL D 8 -17.56 -17.39 21.92
C VAL D 8 -16.56 -16.73 20.99
N SER D 9 -16.25 -17.39 19.87
CA SER D 9 -15.32 -16.88 18.88
C SER D 9 -15.59 -17.57 17.56
N SER D 10 -14.70 -17.38 16.61
CA SER D 10 -14.80 -17.99 15.30
C SER D 10 -13.76 -19.10 15.14
N SER D 11 -13.99 -19.95 14.14
CA SER D 11 -13.09 -21.07 13.88
C SER D 11 -11.76 -20.57 13.33
N PRO D 12 -10.66 -21.31 13.52
CA PRO D 12 -10.50 -22.58 14.26
C PRO D 12 -10.41 -22.38 15.76
N HIS D 13 -10.46 -23.46 16.54
CA HIS D 13 -10.32 -23.40 17.98
C HIS D 13 -9.02 -24.00 18.47
N ILE D 14 -8.12 -24.38 17.56
CA ILE D 14 -6.80 -24.89 17.91
C ILE D 14 -5.77 -24.21 17.02
N ARG D 15 -4.54 -24.09 17.53
CA ARG D 15 -3.45 -23.43 16.83
C ARG D 15 -2.19 -24.29 16.93
N ALA D 16 -1.13 -23.85 16.26
CA ALA D 16 0.17 -24.51 16.30
C ALA D 16 0.95 -24.04 17.52
N LYS D 17 2.20 -24.51 17.61
CA LYS D 17 3.03 -24.19 18.76
C LYS D 17 4.04 -23.07 18.49
N HIS D 18 4.53 -22.95 17.25
CA HIS D 18 5.54 -21.95 16.94
C HIS D 18 4.94 -20.54 16.94
N SER D 19 5.78 -19.56 17.27
CA SER D 19 5.37 -18.17 17.33
C SER D 19 6.50 -17.31 16.74
N THR D 20 6.38 -15.99 16.93
CA THR D 20 7.37 -15.08 16.36
C THR D 20 8.69 -15.11 17.14
N ALA D 21 8.62 -15.19 18.47
CA ALA D 21 9.81 -15.12 19.29
C ALA D 21 10.71 -16.33 19.09
N SER D 22 10.11 -17.51 18.89
CA SER D 22 10.89 -18.73 18.73
C SER D 22 11.78 -18.68 17.50
N ILE D 23 11.27 -18.10 16.41
CA ILE D 23 12.04 -18.00 15.17
C ILE D 23 13.28 -17.14 15.38
N MET D 24 13.13 -16.00 16.05
CA MET D 24 14.26 -15.10 16.27
C MET D 24 15.26 -15.70 17.25
N GLN D 25 14.76 -16.42 18.27
CA GLN D 25 15.67 -17.10 19.18
C GLN D 25 16.47 -18.18 18.46
N ASN D 26 15.83 -18.90 17.53
CA ASN D 26 16.56 -19.90 16.74
C ASN D 26 17.59 -19.24 15.83
N VAL D 27 17.28 -18.05 15.29
CA VAL D 27 18.25 -17.31 14.50
C VAL D 27 19.47 -16.95 15.33
N ILE D 28 19.24 -16.48 16.58
CA ILE D 28 20.36 -16.14 17.47
C ILE D 28 21.19 -17.38 17.79
N ILE D 29 20.52 -18.50 18.05
CA ILE D 29 21.22 -19.76 18.34
C ILE D 29 22.08 -20.17 17.15
N ALA D 30 21.56 -20.00 15.93
CA ALA D 30 22.35 -20.30 14.73
C ALA D 30 23.53 -19.35 14.57
N LEU D 31 23.38 -18.08 14.97
CA LEU D 31 24.45 -17.10 14.82
C LEU D 31 25.52 -17.19 15.91
N LEU D 32 25.27 -17.94 16.98
CA LEU D 32 26.24 -18.04 18.08
C LEU D 32 27.65 -18.51 17.69
N PRO D 33 27.84 -19.58 16.89
CA PRO D 33 29.22 -20.03 16.62
C PRO D 33 30.10 -19.01 15.89
N ALA D 34 29.52 -18.20 15.00
CA ALA D 34 30.30 -17.13 14.37
C ALA D 34 30.77 -16.12 15.39
N LEU D 35 29.93 -15.81 16.39
CA LEU D 35 30.34 -14.94 17.48
C LEU D 35 31.47 -15.56 18.28
N ALA D 36 31.41 -16.87 18.51
CA ALA D 36 32.49 -17.54 19.22
C ALA D 36 33.81 -17.45 18.47
N VAL D 37 33.77 -17.68 17.15
CA VAL D 37 34.99 -17.60 16.34
C VAL D 37 35.53 -16.18 16.32
N ALA D 38 34.64 -15.18 16.20
CA ALA D 38 35.08 -13.79 16.21
C ALA D 38 35.73 -13.42 17.54
N GLY D 39 35.14 -13.86 18.66
CA GLY D 39 35.75 -13.59 19.95
C GLY D 39 37.08 -14.27 20.12
N TYR D 40 37.23 -15.49 19.58
CA TYR D 40 38.51 -16.18 19.66
C TYR D 40 39.58 -15.48 18.84
N VAL D 41 39.23 -14.98 17.66
CA VAL D 41 40.23 -14.44 16.75
C VAL D 41 40.59 -12.99 17.11
N PHE D 42 39.57 -12.12 17.19
CA PHE D 42 39.82 -10.69 17.29
C PHE D 42 39.98 -10.18 18.72
N GLY D 43 39.67 -10.98 19.73
CA GLY D 43 39.86 -10.58 21.10
C GLY D 43 38.56 -10.17 21.79
N LEU D 44 38.74 -9.42 22.88
CA LEU D 44 37.62 -9.04 23.74
C LEU D 44 36.88 -7.81 23.26
N TRP D 45 37.48 -7.00 22.37
CA TRP D 45 36.78 -5.83 21.84
C TRP D 45 35.80 -6.19 20.74
N ALA D 46 35.91 -7.40 20.16
CA ALA D 46 34.95 -7.82 19.14
C ALA D 46 33.59 -8.13 19.73
N LEU D 47 33.52 -8.60 20.98
CA LEU D 47 32.26 -8.87 21.63
C LEU D 47 31.56 -7.61 22.11
N ALA D 48 32.30 -6.70 22.75
CA ALA D 48 31.71 -5.52 23.38
C ALA D 48 30.95 -4.67 22.37
N LEU D 49 31.56 -4.45 21.19
CA LEU D 49 30.88 -3.73 20.12
C LEU D 49 29.50 -4.31 19.85
N VAL D 50 29.41 -5.63 19.72
CA VAL D 50 28.13 -6.29 19.48
C VAL D 50 27.13 -5.88 20.55
N ALA D 51 27.54 -5.98 21.82
CA ALA D 51 26.64 -5.64 22.92
C ALA D 51 26.14 -4.22 22.77
N ILE D 52 27.04 -3.28 22.45
CA ILE D 52 26.66 -1.88 22.31
C ILE D 52 25.55 -1.76 21.29
N CYS D 53 25.75 -2.35 20.11
CA CYS D 53 24.77 -2.24 19.05
C CYS D 53 23.43 -2.77 19.52
N VAL D 54 23.43 -3.95 20.15
CA VAL D 54 22.18 -4.57 20.59
C VAL D 54 21.44 -3.60 21.50
N ILE D 55 22.15 -3.05 22.49
CA ILE D 55 21.51 -2.20 23.47
C ILE D 55 20.85 -1.02 22.77
N SER D 56 21.60 -0.37 21.87
CA SER D 56 21.09 0.81 21.20
C SER D 56 19.79 0.49 20.47
N SER D 57 19.80 -0.63 19.73
CA SER D 57 18.62 -1.00 18.95
C SER D 57 17.41 -1.10 19.86
N VAL D 58 17.54 -1.89 20.93
CA VAL D 58 16.40 -2.11 21.81
C VAL D 58 15.91 -0.80 22.37
N ALA D 59 16.86 0.03 22.85
CA ALA D 59 16.47 1.28 23.48
C ALA D 59 15.67 2.14 22.52
N THR D 60 16.17 2.25 21.27
CA THR D 60 15.50 3.11 20.30
C THR D 60 14.05 2.68 20.13
N GLU D 61 13.85 1.37 19.93
CA GLU D 61 12.50 0.88 19.66
C GLU D 61 11.58 1.22 20.82
N ALA D 62 12.05 0.97 22.05
CA ALA D 62 11.20 1.21 23.21
C ALA D 62 10.78 2.66 23.26
N VAL D 63 11.72 3.58 23.03
CA VAL D 63 11.41 5.00 23.13
C VAL D 63 10.32 5.36 22.13
N ILE D 64 10.45 4.88 20.90
CA ILE D 64 9.45 5.21 19.89
C ILE D 64 8.11 4.62 20.28
N GLN D 65 8.12 3.38 20.78
CA GLN D 65 6.85 2.74 21.12
C GLN D 65 6.24 3.34 22.37
N LYS D 66 7.01 4.17 23.08
CA LYS D 66 6.42 4.90 24.21
C LYS D 66 5.83 6.22 23.73
N LEU D 67 6.40 6.82 22.69
CA LEU D 67 5.98 8.15 22.28
C LEU D 67 4.74 8.13 21.39
N LEU D 68 4.50 7.05 20.66
CA LEU D 68 3.39 6.96 19.73
C LEU D 68 2.15 6.30 20.35
N LYS D 69 2.19 5.99 21.65
CA LYS D 69 1.11 5.34 22.37
C LYS D 69 0.74 4.00 21.72
N LYS D 70 1.70 3.10 21.71
CA LYS D 70 1.59 1.76 21.16
C LYS D 70 2.07 0.75 22.18
N PRO D 71 1.59 -0.49 22.10
CA PRO D 71 2.14 -1.54 22.98
C PRO D 71 3.62 -1.76 22.70
N ILE D 72 4.38 -1.99 23.78
CA ILE D 72 5.83 -2.15 23.69
C ILE D 72 6.09 -3.63 23.44
N THR D 73 6.15 -4.01 22.16
CA THR D 73 6.40 -5.40 21.76
C THR D 73 7.89 -5.61 21.49
N VAL D 74 8.69 -5.36 22.52
CA VAL D 74 10.14 -5.55 22.42
C VAL D 74 10.57 -6.98 22.73
N ASN D 75 9.64 -7.83 23.15
CA ASN D 75 9.95 -9.20 23.54
C ASN D 75 9.77 -10.19 22.40
N ASP D 76 9.76 -9.72 21.15
CA ASP D 76 9.76 -10.61 19.99
C ASP D 76 11.16 -10.83 19.42
N TRP D 77 12.19 -10.23 20.04
CA TRP D 77 13.59 -10.52 19.74
C TRP D 77 13.98 -10.17 18.30
N SER D 78 13.35 -9.12 17.76
CA SER D 78 13.67 -8.70 16.40
C SER D 78 14.78 -7.64 16.37
N ALA D 79 14.71 -6.67 17.29
CA ALA D 79 15.76 -5.66 17.37
C ALA D 79 17.09 -6.26 17.78
N VAL D 80 17.08 -7.35 18.55
CA VAL D 80 18.31 -8.05 18.89
C VAL D 80 18.95 -8.65 17.63
N VAL D 81 18.13 -9.26 16.77
CA VAL D 81 18.63 -9.81 15.52
C VAL D 81 19.20 -8.72 14.63
N THR D 82 18.49 -7.59 14.52
CA THR D 82 18.98 -6.46 13.73
C THR D 82 20.31 -5.94 14.27
N GLY D 83 20.42 -5.79 15.59
CA GLY D 83 21.65 -5.30 16.18
C GLY D 83 22.82 -6.24 15.99
N VAL D 84 22.60 -7.54 16.17
CA VAL D 84 23.67 -8.51 15.97
C VAL D 84 24.13 -8.53 14.53
N LEU D 85 23.19 -8.54 13.58
CA LEU D 85 23.56 -8.57 12.16
C LEU D 85 24.25 -7.28 11.74
N LEU D 86 23.88 -6.15 12.34
CA LEU D 86 24.59 -4.91 12.05
C LEU D 86 26.00 -4.92 12.64
N ALA D 87 26.15 -5.47 13.85
CA ALA D 87 27.45 -5.49 14.49
C ALA D 87 28.40 -6.46 13.79
N PHE D 88 27.86 -7.47 13.11
CA PHE D 88 28.72 -8.38 12.35
C PHE D 88 29.32 -7.72 11.11
N ASN D 89 28.86 -6.51 10.74
CA ASN D 89 29.31 -5.82 9.55
C ASN D 89 30.27 -4.67 9.84
N LEU D 90 31.09 -4.78 10.88
CA LEU D 90 31.95 -3.69 11.30
C LEU D 90 33.39 -4.15 11.38
N PRO D 91 34.34 -3.25 11.12
CA PRO D 91 35.76 -3.58 11.33
C PRO D 91 36.12 -3.52 12.81
N ILE D 92 37.34 -3.97 13.13
CA ILE D 92 37.79 -4.02 14.52
C ILE D 92 38.27 -2.67 15.03
N ASN D 93 38.57 -1.72 14.14
CA ASN D 93 39.08 -0.40 14.53
C ASN D 93 38.01 0.67 14.42
N ALA D 94 36.77 0.36 14.78
CA ALA D 94 35.68 1.32 14.68
C ALA D 94 35.42 1.97 16.03
N PRO D 95 35.12 3.27 16.06
CA PRO D 95 34.80 3.95 17.32
C PRO D 95 33.44 3.49 17.86
N TRP D 96 33.20 3.85 19.12
CA TRP D 96 32.00 3.37 19.80
C TRP D 96 30.73 4.07 19.33
N TRP D 97 30.83 5.26 18.73
CA TRP D 97 29.62 5.97 18.32
C TRP D 97 29.11 5.55 16.95
N ILE D 98 29.94 4.86 16.15
CA ILE D 98 29.52 4.40 14.83
C ILE D 98 28.39 3.39 14.95
N GLY D 99 28.52 2.44 15.89
CA GLY D 99 27.45 1.47 16.10
C GLY D 99 26.17 2.11 16.59
N VAL D 100 26.28 3.11 17.45
CA VAL D 100 25.10 3.81 17.96
C VAL D 100 24.37 4.54 16.83
N VAL D 101 25.12 5.25 16.00
CA VAL D 101 24.52 5.99 14.88
C VAL D 101 23.88 5.02 13.89
N GLY D 102 24.58 3.91 13.60
CA GLY D 102 24.03 2.94 12.67
C GLY D 102 22.75 2.27 13.18
N SER D 103 22.73 1.93 14.47
CA SER D 103 21.54 1.33 15.06
C SER D 103 20.36 2.31 15.06
N VAL D 104 20.62 3.57 15.39
CA VAL D 104 19.55 4.57 15.38
C VAL D 104 19.00 4.75 13.97
N PHE D 105 19.88 4.80 12.96
CA PHE D 105 19.41 4.94 11.59
C PHE D 105 18.63 3.70 11.15
N ALA D 106 19.09 2.51 11.53
CA ALA D 106 18.43 1.28 11.09
C ALA D 106 17.06 1.11 11.72
N ILE D 107 16.91 1.48 12.99
CA ILE D 107 15.64 1.25 13.69
C ILE D 107 14.66 2.39 13.46
N ALA D 108 15.11 3.64 13.63
CA ALA D 108 14.18 4.77 13.63
C ALA D 108 13.65 5.08 12.23
N ILE D 109 14.53 5.10 11.23
CA ILE D 109 14.16 5.61 9.91
C ILE D 109 13.66 4.49 9.00
N VAL D 110 14.43 3.41 8.85
CA VAL D 110 14.06 2.37 7.90
C VAL D 110 12.85 1.59 8.38
N LYS D 111 12.82 1.22 9.66
CA LYS D 111 11.82 0.29 10.16
C LYS D 111 10.57 0.98 10.69
N GLN D 112 10.73 1.88 11.66
CA GLN D 112 9.58 2.42 12.38
C GLN D 112 8.85 3.54 11.64
N CYS D 113 9.44 4.09 10.58
CA CYS D 113 8.74 5.12 9.82
C CYS D 113 7.75 4.52 8.82
N PHE D 114 7.85 3.23 8.53
CA PHE D 114 6.96 2.57 7.59
C PHE D 114 5.86 1.77 8.28
N GLY D 115 5.82 1.78 9.61
CA GLY D 115 4.78 1.07 10.33
C GLY D 115 5.27 0.17 11.44
N GLY D 116 6.41 -0.48 11.24
CA GLY D 116 6.95 -1.36 12.25
C GLY D 116 7.49 -2.67 11.70
N LEU D 117 7.25 -3.77 12.42
CA LEU D 117 7.79 -5.07 12.03
C LEU D 117 7.06 -5.60 10.80
N GLY D 118 7.83 -6.01 9.79
CA GLY D 118 7.27 -6.63 8.61
C GLY D 118 6.59 -5.69 7.64
N GLN D 119 6.72 -4.38 7.82
CA GLN D 119 6.03 -3.41 6.99
C GLN D 119 6.97 -2.54 6.16
N ASN D 120 8.27 -2.84 6.17
CA ASN D 120 9.23 -2.15 5.30
C ASN D 120 9.48 -2.98 4.05
N PHE D 121 10.10 -2.34 3.06
CA PHE D 121 10.41 -3.00 1.80
C PHE D 121 11.91 -3.15 1.56
N ILE D 122 12.75 -2.71 2.50
CA ILE D 122 14.19 -2.69 2.31
C ILE D 122 14.85 -3.32 3.53
N ASN D 123 16.11 -3.73 3.35
CA ASN D 123 16.88 -4.35 4.43
C ASN D 123 17.46 -3.28 5.34
N PRO D 124 17.14 -3.28 6.64
CA PRO D 124 17.66 -2.24 7.53
C PRO D 124 19.15 -2.31 7.79
N ALA D 125 19.65 -3.53 8.06
CA ALA D 125 21.05 -3.70 8.44
C ALA D 125 22.01 -3.45 7.29
N LEU D 126 21.55 -3.57 6.04
CA LEU D 126 22.39 -3.27 4.90
C LEU D 126 22.31 -1.80 4.50
N ALA D 127 21.12 -1.20 4.63
CA ALA D 127 20.99 0.23 4.37
C ALA D 127 21.77 1.06 5.38
N ALA D 128 21.76 0.66 6.66
CA ALA D 128 22.57 1.36 7.65
C ALA D 128 24.06 1.24 7.34
N ARG D 129 24.51 0.06 6.89
CA ARG D 129 25.91 -0.12 6.52
C ARG D 129 26.28 0.74 5.32
N ALA D 130 25.40 0.81 4.32
CA ALA D 130 25.65 1.67 3.16
C ALA D 130 25.67 3.15 3.53
N PHE D 131 24.84 3.58 4.47
CA PHE D 131 24.89 4.95 4.96
C PHE D 131 26.18 5.24 5.72
N LEU D 132 26.62 4.31 6.57
CA LEU D 132 27.87 4.49 7.32
C LEU D 132 29.09 4.53 6.40
N LEU D 133 29.12 3.67 5.37
CA LEU D 133 30.27 3.64 4.47
C LEU D 133 30.38 4.93 3.67
N ALA D 134 29.25 5.50 3.25
CA ALA D 134 29.29 6.74 2.48
C ALA D 134 29.57 7.95 3.37
N SER D 135 29.05 7.96 4.60
CA SER D 135 29.22 9.13 5.46
C SER D 135 30.64 9.23 6.02
N TRP D 136 31.21 8.11 6.47
CA TRP D 136 32.55 8.09 7.06
C TRP D 136 33.40 7.04 6.35
N PRO D 137 33.94 7.38 5.17
CA PRO D 137 34.70 6.38 4.42
C PRO D 137 36.08 6.10 5.00
N GLY D 138 36.61 6.98 5.86
CA GLY D 138 37.93 6.76 6.39
C GLY D 138 37.99 5.72 7.49
N HIS D 139 36.88 5.54 8.21
CA HIS D 139 36.83 4.59 9.32
C HIS D 139 36.43 3.19 8.90
N MET D 140 36.12 2.97 7.62
CA MET D 140 35.57 1.70 7.17
C MET D 140 36.28 1.09 5.98
N THR D 141 37.46 1.58 5.59
CA THR D 141 38.06 1.20 4.32
C THR D 141 39.52 0.78 4.50
N SER D 142 39.80 -0.50 4.23
CA SER D 142 41.11 -1.02 3.86
C SER D 142 42.18 -0.98 4.95
N THR D 143 41.93 -0.30 6.06
CA THR D 143 42.92 -0.20 7.13
C THR D 143 42.35 -0.50 8.50
N ALA D 144 41.06 -0.24 8.75
CA ALA D 144 40.46 -0.56 10.03
C ALA D 144 40.35 -2.06 10.26
N TYR D 145 40.42 -2.86 9.21
CA TYR D 145 40.26 -4.31 9.34
C TYR D 145 41.50 -4.98 9.90
N ILE D 146 42.69 -4.47 9.60
CA ILE D 146 43.93 -5.08 10.08
C ILE D 146 44.14 -4.68 11.54
N PRO D 147 44.37 -5.63 12.44
CA PRO D 147 44.65 -5.29 13.83
C PRO D 147 45.98 -4.56 13.97
N LEU D 148 46.08 -3.77 15.04
CA LEU D 148 47.27 -2.94 15.26
C LEU D 148 48.51 -3.76 15.61
N THR D 149 48.36 -5.01 16.03
CA THR D 149 49.51 -5.83 16.39
C THR D 149 50.18 -6.45 15.17
N ASP D 150 49.49 -6.53 14.04
CA ASP D 150 50.05 -7.08 12.82
C ASP D 150 50.46 -5.95 11.88
N THR D 151 51.74 -5.94 11.49
CA THR D 151 52.29 -4.85 10.69
C THR D 151 52.81 -5.32 9.33
N VAL D 152 52.51 -6.55 8.92
CA VAL D 152 53.07 -7.10 7.68
C VAL D 152 51.99 -7.56 6.71
N THR D 153 50.73 -7.20 6.95
CA THR D 153 49.65 -7.66 6.08
C THR D 153 49.24 -6.61 5.05
N THR D 154 48.81 -5.44 5.52
CA THR D 154 48.53 -4.23 4.74
C THR D 154 47.41 -4.37 3.71
N ALA D 155 46.81 -5.55 3.59
CA ALA D 155 45.76 -5.77 2.60
C ALA D 155 44.95 -7.00 2.94
N THR D 156 43.63 -6.89 2.74
CA THR D 156 42.67 -7.97 2.91
C THR D 156 42.60 -8.81 1.64
N PRO D 157 42.17 -10.07 1.73
CA PRO D 157 42.28 -10.98 0.58
C PRO D 157 41.56 -10.53 -0.69
N LEU D 158 40.43 -9.82 -0.57
CA LEU D 158 39.73 -9.36 -1.77
C LEU D 158 40.42 -8.19 -2.46
N ALA D 159 41.26 -7.44 -1.75
CA ALA D 159 42.01 -6.34 -2.35
C ALA D 159 43.30 -6.78 -3.01
N LEU D 160 43.79 -7.98 -2.69
CA LEU D 160 44.97 -8.54 -3.34
C LEU D 160 44.61 -9.33 -4.60
N LEU D 161 43.32 -9.55 -4.84
CA LEU D 161 42.85 -10.28 -6.01
C LEU D 161 42.49 -9.37 -7.18
N LYS D 162 42.00 -8.17 -6.91
CA LYS D 162 41.70 -7.21 -7.96
C LYS D 162 42.93 -6.55 -8.54
N ALA D 163 44.07 -6.61 -7.86
CA ALA D 163 45.32 -6.04 -8.35
C ALA D 163 46.22 -7.07 -9.01
N GLY D 164 45.80 -8.32 -9.07
CA GLY D 164 46.57 -9.37 -9.70
C GLY D 164 47.60 -10.04 -8.81
N GLU D 165 47.78 -9.56 -7.57
CA GLU D 165 48.75 -10.15 -6.67
C GLU D 165 48.17 -11.36 -5.94
N THR D 166 47.96 -12.46 -6.67
CA THR D 166 47.41 -13.68 -6.10
C THR D 166 48.49 -14.63 -5.60
N GLY D 167 49.71 -14.15 -5.38
CA GLY D 167 50.78 -14.98 -4.88
C GLY D 167 51.05 -14.76 -3.41
N SER D 168 50.52 -13.66 -2.86
CA SER D 168 50.64 -13.35 -1.44
C SER D 168 49.33 -13.57 -0.69
N MET D 169 48.33 -14.15 -1.35
CA MET D 169 47.03 -14.40 -0.73
C MET D 169 47.11 -15.62 0.19
N PRO D 170 46.23 -15.69 1.20
CA PRO D 170 46.18 -16.88 2.05
C PRO D 170 45.69 -18.09 1.27
N SER D 171 45.92 -19.26 1.87
CA SER D 171 45.55 -20.52 1.23
C SER D 171 44.03 -20.66 1.21
N THR D 172 43.53 -21.58 0.39
CA THR D 172 42.10 -21.83 0.30
C THR D 172 41.53 -22.52 1.53
N LEU D 173 42.32 -23.38 2.18
CA LEU D 173 41.88 -23.99 3.43
C LEU D 173 41.81 -22.98 4.57
N ASP D 174 42.71 -22.00 4.60
CA ASP D 174 42.68 -20.95 5.61
C ASP D 174 41.57 -19.95 5.37
N LEU D 175 41.19 -19.71 4.12
CA LEU D 175 40.05 -18.86 3.81
C LEU D 175 38.71 -19.54 4.12
N PHE D 176 38.70 -20.86 4.24
CA PHE D 176 37.48 -21.62 4.53
C PHE D 176 37.26 -21.80 6.04
N THR D 177 38.30 -22.20 6.77
CA THR D 177 38.18 -22.32 8.21
C THR D 177 38.17 -20.96 8.89
N GLY D 178 38.97 -20.02 8.39
CA GLY D 178 39.00 -18.67 8.91
C GLY D 178 40.13 -18.34 9.85
N LEU D 179 41.18 -19.16 9.91
CA LEU D 179 42.28 -18.95 10.82
C LEU D 179 43.56 -18.63 10.06
N ASN D 180 44.63 -18.39 10.82
CA ASN D 180 45.98 -18.17 10.32
C ASN D 180 46.09 -16.97 9.38
N GLY D 181 45.66 -15.80 9.83
CA GLY D 181 45.92 -14.57 9.12
C GLY D 181 44.86 -14.09 8.15
N VAL D 182 43.59 -14.37 8.41
CA VAL D 182 42.50 -13.91 7.56
C VAL D 182 41.78 -12.77 8.28
N TYR D 183 41.65 -11.63 7.62
CA TYR D 183 41.10 -10.42 8.22
C TYR D 183 39.94 -9.89 7.38
N GLY D 184 39.11 -9.08 8.03
CA GLY D 184 37.92 -8.54 7.37
C GLY D 184 36.92 -8.09 8.40
N CYS D 185 35.64 -8.20 8.05
CA CYS D 185 34.58 -7.98 9.02
C CYS D 185 34.63 -9.06 10.09
N ILE D 186 34.23 -8.70 11.31
CA ILE D 186 34.43 -9.59 12.45
C ILE D 186 33.58 -10.83 12.35
N GLY D 187 32.42 -10.76 11.70
CA GLY D 187 31.54 -11.90 11.61
C GLY D 187 31.40 -12.50 10.23
N GLU D 188 32.49 -12.48 9.45
CA GLU D 188 32.47 -12.99 8.09
C GLU D 188 33.67 -13.87 7.74
N ILE D 189 34.69 -13.93 8.60
CA ILE D 189 35.95 -14.55 8.22
C ILE D 189 35.88 -16.07 8.14
N SER D 190 34.90 -16.69 8.79
CA SER D 190 34.79 -18.14 8.85
C SER D 190 33.59 -18.62 8.04
N ALA D 191 33.86 -19.31 6.94
CA ALA D 191 32.80 -19.90 6.13
C ALA D 191 32.39 -21.29 6.61
N LEU D 192 33.17 -21.91 7.49
CA LEU D 192 32.78 -23.19 8.08
C LEU D 192 31.73 -23.02 9.17
N ALA D 193 31.79 -21.92 9.92
CA ALA D 193 30.83 -21.68 11.00
C ALA D 193 29.54 -21.04 10.51
N LEU D 194 29.55 -20.38 9.36
CA LEU D 194 28.35 -19.81 8.78
C LEU D 194 27.57 -20.82 7.94
N LEU D 195 28.16 -21.98 7.66
CA LEU D 195 27.48 -23.07 6.97
C LEU D 195 26.91 -24.10 7.93
N ILE D 196 27.57 -24.32 9.06
CA ILE D 196 27.05 -25.21 10.09
C ILE D 196 25.75 -24.65 10.66
N GLY D 197 25.74 -23.35 10.97
CA GLY D 197 24.55 -22.71 11.50
C GLY D 197 23.52 -22.39 10.43
N GLY D 198 23.94 -22.39 9.17
CA GLY D 198 23.03 -22.15 8.07
C GLY D 198 22.25 -23.39 7.68
N LEU D 199 22.84 -24.56 7.93
CA LEU D 199 22.16 -25.82 7.70
C LEU D 199 21.22 -26.19 8.83
N TYR D 200 21.29 -25.50 9.97
CA TYR D 200 20.39 -25.72 11.09
C TYR D 200 19.05 -25.02 10.89
N LEU D 201 19.04 -23.87 10.19
CA LEU D 201 17.79 -23.19 9.88
C LEU D 201 17.01 -23.91 8.78
N ILE D 202 17.69 -24.59 7.87
CA ILE D 202 17.00 -25.38 6.84
C ILE D 202 16.30 -26.57 7.47
N TYR D 203 16.94 -27.24 8.43
CA TYR D 203 16.36 -28.42 9.06
C TYR D 203 15.15 -28.08 9.91
N LYS D 204 15.14 -26.91 10.56
CA LYS D 204 14.00 -26.50 11.36
C LYS D 204 12.86 -25.93 10.53
N GLY D 205 13.08 -25.67 9.25
CA GLY D 205 12.04 -25.19 8.37
C GLY D 205 11.88 -23.69 8.29
N ILE D 206 12.78 -22.92 8.89
CA ILE D 206 12.69 -21.46 8.81
C ILE D 206 13.00 -20.93 7.42
N ILE D 207 14.06 -21.42 6.76
CA ILE D 207 14.42 -21.01 5.42
C ILE D 207 14.49 -22.25 4.53
N SER D 208 14.56 -22.01 3.23
CA SER D 208 14.62 -23.07 2.23
C SER D 208 15.99 -23.10 1.56
N TRP D 209 16.18 -24.12 0.71
CA TRP D 209 17.44 -24.33 0.01
C TRP D 209 17.59 -23.46 -1.24
N ARG D 210 16.50 -22.83 -1.69
CA ARG D 210 16.46 -22.22 -3.02
C ARG D 210 17.44 -21.05 -3.14
N ILE D 211 17.25 -20.03 -2.31
CA ILE D 211 18.11 -18.84 -2.35
C ILE D 211 19.56 -19.20 -2.02
N PRO D 212 19.88 -19.93 -0.93
CA PRO D 212 21.29 -20.28 -0.69
C PRO D 212 21.94 -21.09 -1.79
N THR D 213 21.22 -22.00 -2.44
CA THR D 213 21.81 -22.78 -3.52
C THR D 213 22.00 -21.99 -4.81
N ILE D 214 20.98 -21.23 -5.22
CA ILE D 214 21.08 -20.52 -6.50
C ILE D 214 21.94 -19.27 -6.41
N TYR D 215 22.06 -18.66 -5.23
CA TYR D 215 23.01 -17.57 -5.05
C TYR D 215 24.44 -18.05 -5.25
N LEU D 216 24.78 -19.23 -4.72
CA LEU D 216 26.13 -19.75 -4.78
C LEU D 216 26.45 -20.43 -6.11
N LEU D 217 25.47 -20.99 -6.81
CA LEU D 217 25.72 -21.62 -8.09
C LEU D 217 26.05 -20.63 -9.20
N THR D 218 25.36 -19.49 -9.24
CA THR D 218 25.62 -18.45 -10.24
C THR D 218 27.01 -17.84 -10.11
N ILE D 219 27.48 -17.64 -8.88
CA ILE D 219 28.84 -17.14 -8.66
C ILE D 219 29.88 -18.13 -9.18
N ALA D 220 29.70 -19.43 -8.93
CA ALA D 220 30.61 -20.44 -9.45
C ALA D 220 30.58 -20.54 -10.97
N ILE D 221 29.42 -20.41 -11.60
CA ILE D 221 29.36 -20.43 -13.05
C ILE D 221 29.99 -19.19 -13.69
N PHE D 222 29.72 -18.00 -13.14
CA PHE D 222 30.29 -16.77 -13.65
C PHE D 222 31.81 -16.76 -13.55
N ALA D 223 32.36 -17.21 -12.43
CA ALA D 223 33.80 -17.31 -12.27
C ALA D 223 34.43 -18.38 -13.15
N LEU D 224 33.65 -19.35 -13.61
CA LEU D 224 34.14 -20.36 -14.55
C LEU D 224 34.11 -19.90 -16.00
N LEU D 225 33.14 -19.08 -16.38
CA LEU D 225 33.04 -18.62 -17.76
C LEU D 225 34.09 -17.57 -18.12
N VAL D 226 34.72 -16.93 -17.13
CA VAL D 226 35.72 -15.90 -17.39
C VAL D 226 37.13 -16.36 -17.05
N GLY D 227 37.31 -17.60 -16.62
CA GLY D 227 38.63 -18.13 -16.36
C GLY D 227 39.22 -17.75 -15.02
N GLN D 228 38.48 -18.02 -13.94
CA GLN D 228 38.96 -17.75 -12.58
C GLN D 228 38.62 -18.93 -11.70
N ASP D 229 38.91 -18.79 -10.40
CA ASP D 229 38.73 -19.86 -9.44
C ASP D 229 37.34 -19.78 -8.81
N PRO D 230 36.47 -20.77 -9.01
CA PRO D 230 35.14 -20.73 -8.38
C PRO D 230 35.17 -20.74 -6.86
N ILE D 231 36.15 -21.42 -6.25
CA ILE D 231 36.14 -21.61 -4.81
C ILE D 231 36.64 -20.38 -4.05
N VAL D 232 37.67 -19.70 -4.57
CA VAL D 232 38.23 -18.52 -3.92
C VAL D 232 37.20 -17.40 -3.90
N HIS D 233 36.37 -17.33 -4.93
CA HIS D 233 35.33 -16.32 -5.01
C HIS D 233 34.13 -16.60 -4.11
N MET D 234 34.05 -17.78 -3.50
CA MET D 234 32.93 -18.13 -2.63
C MET D 234 33.32 -18.16 -1.16
N VAL D 235 34.59 -18.37 -0.84
CA VAL D 235 35.03 -18.44 0.55
C VAL D 235 35.69 -17.13 1.00
N SER D 236 35.61 -16.10 0.18
CA SER D 236 36.16 -14.79 0.53
C SER D 236 35.08 -13.73 0.36
N GLY D 237 35.10 -12.73 1.23
CA GLY D 237 34.09 -11.68 1.21
C GLY D 237 32.86 -12.08 1.98
N GLY D 238 31.87 -11.19 1.92
CA GLY D 238 30.61 -11.41 2.62
C GLY D 238 29.55 -12.08 1.79
N VAL D 239 29.87 -13.25 1.24
CA VAL D 239 28.92 -14.00 0.42
C VAL D 239 28.17 -15.07 1.22
N MET D 240 28.86 -15.84 2.06
CA MET D 240 28.20 -16.86 2.86
C MET D 240 27.31 -16.29 3.95
N LEU D 241 27.66 -15.11 4.50
CA LEU D 241 26.77 -14.45 5.44
C LEU D 241 25.55 -13.87 4.74
N GLY D 242 25.72 -13.34 3.54
CA GLY D 242 24.60 -12.74 2.82
C GLY D 242 23.67 -13.76 2.21
N ALA D 243 24.20 -14.93 1.81
CA ALA D 243 23.37 -15.94 1.16
C ALA D 243 22.43 -16.61 2.14
N PHE D 244 22.92 -16.97 3.32
CA PHE D 244 22.14 -17.72 4.29
C PHE D 244 21.34 -16.85 5.25
N PHE D 245 21.84 -15.67 5.61
CA PHE D 245 21.25 -14.90 6.69
C PHE D 245 20.68 -13.54 6.29
N MET D 246 21.12 -12.94 5.19
CA MET D 246 20.69 -11.59 4.84
C MET D 246 19.85 -11.48 3.58
N ALA D 247 20.05 -12.34 2.58
CA ALA D 247 19.17 -12.37 1.43
C ALA D 247 17.87 -13.08 1.70
N THR D 248 17.76 -13.81 2.81
CA THR D 248 16.57 -14.56 3.16
C THR D 248 15.68 -13.83 4.15
N ASP D 249 15.74 -12.49 4.17
CA ASP D 249 14.87 -11.70 5.02
C ASP D 249 13.42 -11.88 4.60
N TYR D 250 12.53 -11.93 5.61
CA TYR D 250 11.13 -12.22 5.38
C TYR D 250 10.38 -11.09 4.70
N ALA D 251 10.62 -9.85 5.11
CA ALA D 251 9.84 -8.71 4.62
C ALA D 251 10.36 -8.14 3.31
N SER D 252 11.43 -8.69 2.75
CA SER D 252 12.01 -8.17 1.52
C SER D 252 12.12 -9.19 0.39
N SER D 253 11.74 -10.44 0.61
CA SER D 253 11.83 -11.51 -0.36
C SER D 253 10.45 -11.86 -0.92
N PRO D 254 10.38 -12.41 -2.12
CA PRO D 254 9.09 -12.85 -2.66
C PRO D 254 8.54 -14.06 -1.92
N VAL D 255 7.22 -14.20 -1.95
CA VAL D 255 6.55 -15.24 -1.19
C VAL D 255 6.33 -16.53 -1.98
N THR D 256 6.41 -16.47 -3.31
CA THR D 256 6.19 -17.64 -4.14
C THR D 256 7.51 -18.39 -4.36
N ALA D 257 7.42 -19.58 -4.94
CA ALA D 257 8.59 -20.40 -5.20
C ALA D 257 9.26 -20.10 -6.53
N LYS D 258 8.53 -19.53 -7.48
CA LYS D 258 9.11 -19.17 -8.77
C LYS D 258 9.84 -17.83 -8.73
N GLY D 259 9.42 -16.91 -7.86
CA GLY D 259 10.10 -15.63 -7.73
C GLY D 259 11.42 -15.70 -6.98
N GLN D 260 11.53 -16.63 -6.04
CA GLN D 260 12.76 -16.83 -5.28
C GLN D 260 13.89 -17.41 -6.12
N ILE D 261 13.59 -17.94 -7.30
CA ILE D 261 14.63 -18.40 -8.21
C ILE D 261 15.12 -17.26 -9.09
N ILE D 262 14.21 -16.42 -9.60
CA ILE D 262 14.61 -15.27 -10.40
C ILE D 262 15.36 -14.25 -9.55
N TYR D 263 14.93 -14.07 -8.29
CA TYR D 263 15.55 -13.12 -7.38
C TYR D 263 17.01 -13.47 -7.08
N ALA D 264 17.28 -14.76 -6.85
CA ALA D 264 18.64 -15.20 -6.52
C ALA D 264 19.59 -15.08 -7.70
N ILE D 265 19.10 -15.32 -8.92
CA ILE D 265 19.94 -15.19 -10.11
C ILE D 265 20.41 -13.75 -10.30
N GLY D 266 19.51 -12.77 -10.16
CA GLY D 266 19.92 -11.39 -10.18
C GLY D 266 20.84 -10.99 -9.05
N CYS D 267 20.56 -11.48 -7.84
CA CYS D 267 21.47 -11.22 -6.71
C CYS D 267 22.87 -11.76 -6.97
N GLY D 268 22.99 -12.91 -7.65
CA GLY D 268 24.30 -13.45 -7.97
C GLY D 268 24.97 -12.81 -9.17
N LEU D 269 24.19 -12.26 -10.10
CA LEU D 269 24.77 -11.60 -11.27
C LEU D 269 25.30 -10.20 -10.95
N ILE D 270 24.50 -9.39 -10.24
CA ILE D 270 24.94 -8.03 -9.92
C ILE D 270 26.14 -8.02 -8.98
N THR D 271 26.30 -9.04 -8.14
CA THR D 271 27.48 -9.14 -7.29
C THR D 271 28.76 -9.25 -8.11
N MET D 272 28.81 -10.20 -9.05
CA MET D 272 30.00 -10.41 -9.86
C MET D 272 30.17 -9.36 -10.95
N ILE D 273 29.12 -8.63 -11.31
CA ILE D 273 29.32 -7.47 -12.18
C ILE D 273 30.10 -6.35 -11.47
N ILE D 274 29.71 -6.02 -10.24
CA ILE D 274 30.44 -5.02 -9.45
C ILE D 274 31.82 -5.49 -9.02
N ARG D 275 31.96 -6.77 -8.67
CA ARG D 275 33.26 -7.31 -8.25
C ARG D 275 34.33 -7.23 -9.32
N LEU D 276 33.98 -7.47 -10.58
CA LEU D 276 34.98 -7.55 -11.65
C LEU D 276 35.14 -6.26 -12.45
N TYR D 277 34.06 -5.51 -12.67
CA TYR D 277 34.10 -4.30 -13.49
C TYR D 277 33.52 -3.11 -12.75
N GLY D 278 33.81 -2.99 -11.45
CA GLY D 278 33.23 -1.93 -10.67
C GLY D 278 34.23 -1.13 -9.86
N GLY D 279 33.75 -0.23 -9.02
CA GLY D 279 34.60 0.62 -8.22
C GLY D 279 34.70 0.19 -6.76
N TYR D 280 34.25 -1.03 -6.47
CA TYR D 280 34.29 -1.59 -5.14
C TYR D 280 34.97 -2.95 -5.19
N PRO D 281 35.66 -3.36 -4.13
CA PRO D 281 36.20 -4.73 -4.09
C PRO D 281 35.13 -5.79 -3.94
N GLU D 282 33.96 -5.43 -3.40
CA GLU D 282 32.87 -6.36 -3.17
C GLU D 282 31.55 -5.64 -3.39
N GLY D 283 30.59 -6.34 -3.98
CA GLY D 283 29.30 -5.73 -4.27
C GLY D 283 28.10 -6.53 -3.83
N CYS D 284 28.22 -7.26 -2.72
CA CYS D 284 27.11 -8.07 -2.22
C CYS D 284 25.99 -7.21 -1.68
N SER D 285 26.33 -6.17 -0.91
CA SER D 285 25.33 -5.35 -0.24
C SER D 285 24.43 -4.64 -1.24
N TYR D 286 25.02 -4.01 -2.25
CA TYR D 286 24.24 -3.30 -3.24
C TYR D 286 23.50 -4.23 -4.19
N SER D 287 24.04 -5.42 -4.46
CA SER D 287 23.31 -6.41 -5.26
C SER D 287 22.06 -6.87 -4.53
N ILE D 288 22.16 -7.11 -3.22
CA ILE D 288 20.96 -7.45 -2.45
C ILE D 288 20.00 -6.28 -2.34
N LEU D 289 20.49 -5.06 -2.10
CA LEU D 289 19.64 -3.89 -2.00
C LEU D 289 18.93 -3.53 -3.30
N LEU D 290 19.53 -3.81 -4.44
CA LEU D 290 18.93 -3.51 -5.74
C LEU D 290 17.84 -4.50 -6.13
N MET D 291 17.83 -5.70 -5.51
CA MET D 291 16.79 -6.69 -5.76
C MET D 291 15.65 -6.59 -4.76
N ASN D 292 15.78 -5.75 -3.73
CA ASN D 292 14.67 -5.40 -2.87
C ASN D 292 13.75 -4.37 -3.51
N VAL D 293 14.24 -3.64 -4.51
CA VAL D 293 13.43 -2.69 -5.26
C VAL D 293 12.61 -3.36 -6.35
N ALA D 294 13.17 -4.35 -7.04
CA ALA D 294 12.49 -5.04 -8.13
C ALA D 294 11.58 -6.16 -7.65
N THR D 295 11.55 -6.44 -6.35
CA THR D 295 10.73 -7.50 -5.78
C THR D 295 9.23 -7.30 -6.01
N PRO D 296 8.65 -6.09 -5.81
CA PRO D 296 7.23 -5.92 -6.15
C PRO D 296 6.90 -6.11 -7.63
N LEU D 297 7.88 -6.01 -8.52
CA LEU D 297 7.66 -6.24 -9.94
C LEU D 297 7.73 -7.71 -10.33
N ILE D 298 8.57 -8.51 -9.67
CA ILE D 298 8.58 -9.96 -9.87
C ILE D 298 7.32 -10.62 -9.36
N GLU D 299 6.76 -10.13 -8.25
CA GLU D 299 5.62 -10.77 -7.60
C GLU D 299 4.33 -10.68 -8.40
N ARG D 300 4.20 -9.71 -9.31
CA ARG D 300 2.98 -9.57 -10.10
C ARG D 300 3.01 -10.40 -11.38
N PHE D 301 4.12 -11.04 -11.70
CA PHE D 301 4.22 -11.89 -12.88
C PHE D 301 4.43 -13.37 -12.55
N THR D 302 4.60 -13.72 -11.28
CA THR D 302 4.92 -15.09 -10.89
C THR D 302 3.89 -15.67 -9.94
N LYS D 303 2.63 -15.27 -10.08
CA LYS D 303 1.58 -15.84 -9.25
C LYS D 303 1.22 -17.25 -9.73
N GLU D 304 0.55 -17.99 -8.87
CA GLU D 304 0.15 -19.35 -9.17
C GLU D 304 -1.24 -19.37 -9.80
N ARG D 305 -1.73 -20.57 -10.10
CA ARG D 305 -3.02 -20.75 -10.75
C ARG D 305 -4.04 -21.23 -9.73
N ILE D 306 -5.18 -20.54 -9.66
CA ILE D 306 -6.22 -20.86 -8.70
C ILE D 306 -6.95 -22.13 -9.13
N TYR D 307 -7.29 -22.95 -8.14
CA TYR D 307 -8.05 -24.18 -8.37
C TYR D 307 -9.37 -23.87 -9.08
N GLY D 308 -9.62 -24.56 -10.19
CA GLY D 308 -10.84 -24.42 -10.94
C GLY D 308 -10.81 -23.34 -12.01
N VAL D 309 -9.88 -22.40 -11.92
CA VAL D 309 -9.76 -21.32 -12.90
C VAL D 309 -8.74 -21.73 -13.95
N THR D 310 -9.20 -22.39 -15.01
CA THR D 310 -8.29 -22.74 -16.11
C THR D 310 -8.48 -21.85 -17.33
N LYS D 311 -9.65 -21.23 -17.47
CA LYS D 311 -10.03 -20.40 -18.62
C LYS D 311 -9.64 -21.02 -19.96
N ILE D 312 -9.22 -20.18 -20.91
CA ILE D 312 -8.69 -20.65 -22.18
C ILE D 312 -7.31 -20.02 -22.40
N LYS D 313 -7.24 -18.69 -22.29
CA LYS D 313 -6.02 -17.97 -22.58
C LYS D 313 -5.95 -16.73 -21.68
N LYS D 314 -5.13 -15.75 -22.03
CA LYS D 314 -4.86 -14.57 -21.21
C LYS D 314 -5.64 -13.37 -21.72
N GLU D 315 -6.90 -13.62 -22.12
CA GLU D 315 -7.75 -12.55 -22.65
C GLU D 315 -7.97 -11.45 -21.63
N ALA D 316 -8.22 -11.82 -20.37
CA ALA D 316 -8.40 -10.90 -19.26
C ALA D 316 -9.50 -9.88 -19.52
N LYS D 317 -9.12 -8.61 -19.72
CA LYS D 317 -10.06 -7.53 -19.93
C LYS D 317 -10.16 -7.12 -21.40
N ALA D 318 -9.63 -7.93 -22.30
CA ALA D 318 -9.68 -7.62 -23.73
C ALA D 318 -10.95 -8.19 -24.36
N MET E 1 -7.28 45.53 1.40
CA MET E 1 -8.23 44.44 1.55
C MET E 1 -7.93 43.34 0.54
N ASN E 2 -8.13 43.66 -0.75
CA ASN E 2 -7.87 42.73 -1.82
C ASN E 2 -6.40 42.69 -2.24
N PHE E 3 -5.58 43.62 -1.74
CA PHE E 3 -4.16 43.64 -2.06
C PHE E 3 -3.34 42.92 -1.00
N MET E 4 -3.71 43.05 0.27
CA MET E 4 -2.96 42.40 1.35
C MET E 4 -3.20 40.90 1.37
N LYS E 5 -4.42 40.47 1.00
CA LYS E 5 -4.71 39.04 0.97
C LYS E 5 -3.89 38.32 -0.09
N ASN E 6 -3.77 38.92 -1.28
CA ASN E 6 -2.97 38.31 -2.34
C ASN E 6 -1.49 38.29 -1.97
N LEU E 7 -1.00 39.35 -1.33
CA LEU E 7 0.40 39.41 -0.90
C LEU E 7 0.68 38.39 0.18
N THR E 8 -0.23 38.20 1.13
CA THR E 8 -0.01 37.35 2.29
C THR E 8 -0.50 35.92 2.10
N ARG E 9 -1.06 35.58 0.93
CA ARG E 9 -1.31 34.17 0.65
C ARG E 9 0.03 33.44 0.63
N GLY E 10 0.85 33.74 -0.37
CA GLY E 10 2.30 33.76 -0.26
C GLY E 10 3.01 32.69 0.53
N ILE E 11 3.55 33.13 1.67
CA ILE E 11 4.51 32.33 2.43
C ILE E 11 3.82 31.18 3.15
N ILE E 12 2.89 31.51 4.04
CA ILE E 12 2.39 30.52 5.00
C ILE E 12 1.28 29.66 4.41
N ARG E 13 0.24 30.29 3.85
CA ARG E 13 -0.97 29.56 3.48
C ARG E 13 -0.75 28.62 2.29
N GLU E 14 -0.01 29.07 1.28
CA GLU E 14 0.14 28.35 0.02
C GLU E 14 1.60 28.31 -0.40
N ASN E 15 2.48 27.87 0.51
CA ASN E 15 3.89 27.77 0.20
C ASN E 15 4.13 26.82 -0.97
N PRO E 16 4.83 27.26 -2.03
CA PRO E 16 5.09 26.37 -3.16
C PRO E 16 5.90 25.13 -2.80
N THR E 17 6.79 25.23 -1.81
CA THR E 17 7.66 24.11 -1.48
C THR E 17 7.01 23.15 -0.48
N PHE E 18 6.28 23.68 0.50
CA PHE E 18 5.75 22.86 1.58
C PHE E 18 4.28 22.48 1.42
N VAL E 19 3.51 23.25 0.66
CA VAL E 19 2.08 23.00 0.54
C VAL E 19 1.67 22.60 -0.87
N LEU E 20 2.36 23.11 -1.91
CA LEU E 20 2.05 22.73 -3.28
C LEU E 20 3.01 21.70 -3.86
N VAL E 21 4.22 21.61 -3.32
CA VAL E 21 5.27 20.70 -3.78
C VAL E 21 5.51 20.89 -5.26
N LEU E 22 6.04 22.06 -5.64
CA LEU E 22 6.37 22.37 -7.02
C LEU E 22 7.77 22.97 -7.07
N GLY E 23 8.45 22.75 -8.19
CA GLY E 23 9.82 23.20 -8.33
C GLY E 23 10.76 22.43 -7.41
N MET E 24 10.89 21.12 -7.64
CA MET E 24 11.65 20.25 -6.77
C MET E 24 13.06 19.95 -7.27
N CYS E 25 13.39 20.32 -8.50
CA CYS E 25 14.73 20.03 -9.00
C CYS E 25 15.76 21.02 -8.44
N PRO E 26 15.58 22.35 -8.55
CA PRO E 26 16.55 23.25 -7.89
C PRO E 26 16.57 23.12 -6.37
N THR E 27 15.42 22.82 -5.76
CA THR E 27 15.33 22.72 -4.31
C THR E 27 16.22 21.59 -3.79
N LEU E 28 16.17 20.43 -4.44
CA LEU E 28 17.01 19.32 -4.03
C LEU E 28 18.40 19.38 -4.64
N ALA E 29 18.62 20.24 -5.62
CA ALA E 29 19.91 20.27 -6.32
C ALA E 29 20.89 21.29 -5.75
N VAL E 30 20.42 22.49 -5.42
CA VAL E 30 21.34 23.58 -5.07
C VAL E 30 21.42 23.88 -3.59
N THR E 31 20.57 23.27 -2.76
CA THR E 31 20.50 23.59 -1.33
C THR E 31 21.54 22.80 -0.53
N THR E 32 22.81 22.97 -0.91
CA THR E 32 23.92 22.45 -0.14
C THR E 32 24.61 23.52 0.70
N SER E 33 24.09 24.76 0.66
CA SER E 33 24.65 25.86 1.43
C SER E 33 23.56 26.89 1.65
N ALA E 34 23.80 27.79 2.60
CA ALA E 34 22.82 28.82 2.93
C ALA E 34 22.90 30.02 1.99
N ILE E 35 23.87 30.06 1.08
CA ILE E 35 24.04 31.17 0.16
C ILE E 35 23.40 30.88 -1.19
N ASN E 36 23.53 29.64 -1.68
CA ASN E 36 22.97 29.28 -2.97
C ASN E 36 21.45 29.41 -3.00
N GLY E 37 20.79 28.99 -1.90
CA GLY E 37 19.34 29.06 -1.85
C GLY E 37 18.82 30.48 -1.92
N MET E 38 19.48 31.41 -1.22
CA MET E 38 19.04 32.81 -1.25
C MET E 38 19.18 33.41 -2.64
N GLY E 39 20.32 33.15 -3.30
CA GLY E 39 20.52 33.68 -4.65
C GLY E 39 19.53 33.10 -5.65
N MET E 40 19.29 31.79 -5.57
CA MET E 40 18.30 31.17 -6.45
C MET E 40 16.92 31.73 -6.20
N GLY E 41 16.56 31.93 -4.93
CA GLY E 41 15.26 32.51 -4.61
C GLY E 41 15.09 33.93 -5.14
N LEU E 42 16.14 34.74 -5.01
CA LEU E 42 16.06 36.12 -5.51
C LEU E 42 15.94 36.16 -7.02
N ALA E 43 16.73 35.33 -7.73
CA ALA E 43 16.62 35.29 -9.18
C ALA E 43 15.25 34.82 -9.64
N THR E 44 14.72 33.77 -9.00
CA THR E 44 13.40 33.28 -9.34
C THR E 44 12.32 34.31 -9.03
N MET E 45 12.50 35.06 -7.94
CA MET E 45 11.55 36.13 -7.60
C MET E 45 11.52 37.21 -8.67
N LEU E 46 12.70 37.64 -9.14
CA LEU E 46 12.74 38.66 -10.19
C LEU E 46 12.09 38.16 -11.48
N VAL E 47 12.41 36.93 -11.88
CA VAL E 47 11.84 36.38 -13.10
C VAL E 47 10.33 36.24 -12.98
N LEU E 48 9.85 35.76 -11.82
CA LEU E 48 8.42 35.59 -11.61
C LEU E 48 7.68 36.92 -11.65
N ILE E 49 8.23 37.95 -11.00
CA ILE E 49 7.59 39.26 -11.00
C ILE E 49 7.49 39.80 -12.42
N GLY E 50 8.60 39.76 -13.16
CA GLY E 50 8.59 40.29 -14.52
C GLY E 50 7.62 39.54 -15.43
N SER E 51 7.66 38.21 -15.39
CA SER E 51 6.80 37.41 -16.25
C SER E 51 5.33 37.58 -15.90
N ASN E 52 5.00 37.63 -14.60
CA ASN E 52 3.61 37.80 -14.21
C ASN E 52 3.07 39.15 -14.64
N VAL E 53 3.84 40.22 -14.44
CA VAL E 53 3.37 41.54 -14.86
C VAL E 53 3.20 41.59 -16.38
N ALA E 54 4.18 41.06 -17.13
CA ALA E 54 4.10 41.11 -18.58
C ALA E 54 2.94 40.30 -19.12
N ILE E 55 2.68 39.11 -18.55
CA ILE E 55 1.59 38.27 -19.02
C ILE E 55 0.23 38.89 -18.66
N SER E 56 0.10 39.42 -17.43
CA SER E 56 -1.15 40.05 -17.04
C SER E 56 -1.42 41.34 -17.81
N ALA E 57 -0.39 41.99 -18.35
CA ALA E 57 -0.61 43.20 -19.13
C ALA E 57 -1.30 42.90 -20.45
N LEU E 58 -1.09 41.71 -21.01
CA LEU E 58 -1.57 41.35 -22.34
C LEU E 58 -2.58 40.21 -22.32
N ARG E 59 -3.51 40.22 -21.36
CA ARG E 59 -4.55 39.18 -21.33
C ARG E 59 -5.80 39.59 -22.09
N LYS E 60 -5.64 40.13 -23.29
CA LYS E 60 -6.78 40.41 -24.17
C LYS E 60 -6.54 40.08 -25.64
N VAL E 61 -5.30 39.86 -26.06
CA VAL E 61 -4.98 39.68 -27.48
C VAL E 61 -4.40 38.32 -27.79
N ILE E 62 -4.02 37.53 -26.78
CA ILE E 62 -3.43 36.21 -27.00
C ILE E 62 -4.57 35.20 -27.10
N PRO E 63 -4.73 34.51 -28.23
CA PRO E 63 -5.77 33.48 -28.32
C PRO E 63 -5.41 32.28 -27.46
N ASP E 64 -6.38 31.35 -27.37
CA ASP E 64 -6.22 30.16 -26.55
C ASP E 64 -5.55 29.02 -27.29
N ASN E 65 -5.14 29.22 -28.54
CA ASN E 65 -4.48 28.19 -29.32
C ASN E 65 -2.97 28.34 -29.36
N ILE E 66 -2.45 29.56 -29.13
CA ILE E 66 -1.02 29.82 -29.17
C ILE E 66 -0.57 30.41 -27.83
N ARG E 67 -1.19 29.95 -26.74
CA ARG E 67 -0.95 30.53 -25.43
C ARG E 67 0.42 30.17 -24.87
N ILE E 68 0.73 28.87 -24.83
CA ILE E 68 2.01 28.44 -24.25
C ILE E 68 3.22 28.92 -25.04
N PRO E 69 3.24 28.86 -26.38
CA PRO E 69 4.36 29.52 -27.10
C PRO E 69 4.48 31.01 -26.81
N ALA E 70 3.36 31.70 -26.60
CA ALA E 70 3.44 33.12 -26.28
C ALA E 70 3.99 33.35 -24.87
N PHE E 71 3.70 32.44 -23.94
CA PHE E 71 4.19 32.59 -22.58
C PHE E 71 5.68 32.30 -22.48
N VAL E 72 6.14 31.23 -23.14
CA VAL E 72 7.52 30.79 -22.96
C VAL E 72 8.49 31.79 -23.57
N VAL E 73 8.07 32.54 -24.60
CA VAL E 73 8.94 33.54 -25.20
C VAL E 73 9.26 34.65 -24.19
N VAL E 74 8.22 35.15 -23.52
CA VAL E 74 8.42 36.20 -22.52
C VAL E 74 9.26 35.68 -21.35
N ILE E 75 8.95 34.46 -20.88
CA ILE E 75 9.69 33.91 -19.74
C ILE E 75 11.16 33.72 -20.10
N ALA E 76 11.44 33.20 -21.30
CA ALA E 76 12.81 32.99 -21.73
C ALA E 76 13.55 34.30 -21.95
N SER E 77 12.87 35.35 -22.43
CA SER E 77 13.51 36.64 -22.59
C SER E 77 13.95 37.20 -21.24
N PHE E 78 13.05 37.14 -20.25
CA PHE E 78 13.41 37.62 -18.92
C PHE E 78 14.55 36.80 -18.31
N VAL E 79 14.50 35.48 -18.48
CA VAL E 79 15.54 34.61 -17.96
C VAL E 79 16.88 34.93 -18.60
N THR E 80 16.90 35.15 -19.92
CA THR E 80 18.14 35.46 -20.62
C THR E 80 18.72 36.80 -20.17
N ILE E 81 17.87 37.81 -19.98
CA ILE E 81 18.38 39.11 -19.53
C ILE E 81 18.96 38.99 -18.13
N VAL E 82 18.27 38.29 -17.23
CA VAL E 82 18.76 38.12 -15.86
C VAL E 82 20.07 37.35 -15.86
N GLY E 83 20.17 36.31 -16.69
CA GLY E 83 21.40 35.54 -16.76
C GLY E 83 22.57 36.34 -17.31
N MET E 84 22.32 37.18 -18.32
CA MET E 84 23.38 38.04 -18.83
C MET E 84 23.88 39.00 -17.76
N LEU E 85 22.96 39.61 -17.01
CA LEU E 85 23.38 40.53 -15.95
C LEU E 85 24.16 39.81 -14.86
N MET E 86 23.69 38.63 -14.46
CA MET E 86 24.37 37.87 -13.41
C MET E 86 25.76 37.42 -13.86
N LYS E 87 25.89 36.98 -15.11
CA LYS E 87 27.21 36.62 -15.63
C LYS E 87 28.12 37.83 -15.73
N ALA E 88 27.56 39.01 -16.00
CA ALA E 88 28.37 40.21 -16.09
C ALA E 88 28.90 40.64 -14.73
N TYR E 89 28.05 40.60 -13.68
CA TYR E 89 28.43 41.20 -12.42
C TYR E 89 28.65 40.21 -11.27
N VAL E 90 28.03 39.04 -11.30
CA VAL E 90 28.21 38.07 -10.21
C VAL E 90 28.67 36.74 -10.80
N PRO E 91 29.96 36.58 -11.11
CA PRO E 91 30.40 35.33 -11.75
C PRO E 91 30.39 34.12 -10.82
N ALA E 92 30.61 34.31 -9.53
CA ALA E 92 30.67 33.17 -8.61
C ALA E 92 29.32 32.49 -8.48
N LEU E 93 28.25 33.27 -8.36
CA LEU E 93 26.91 32.68 -8.25
C LEU E 93 26.51 31.97 -9.55
N ASP E 94 26.91 32.54 -10.70
CA ASP E 94 26.64 31.88 -11.97
C ASP E 94 27.40 30.57 -12.08
N ALA E 95 28.64 30.53 -11.59
CA ALA E 95 29.43 29.30 -11.65
C ALA E 95 28.89 28.25 -10.69
N ALA E 96 28.37 28.68 -9.54
CA ALA E 96 27.86 27.71 -8.57
C ALA E 96 26.54 27.09 -9.02
N LEU E 97 25.76 27.83 -9.81
CA LEU E 97 24.45 27.39 -10.29
C LEU E 97 24.42 27.24 -11.80
N GLY E 98 25.44 26.63 -12.38
CA GLY E 98 25.67 26.66 -13.82
C GLY E 98 24.57 26.20 -14.74
N ILE E 99 23.91 25.08 -14.41
CA ILE E 99 22.93 24.53 -15.34
C ILE E 99 21.53 25.05 -15.04
N PHE E 100 21.23 25.32 -13.77
CA PHE E 100 19.87 25.66 -13.38
C PHE E 100 19.51 27.13 -13.56
N ILE E 101 20.44 27.97 -14.00
CA ILE E 101 20.11 29.36 -14.30
C ILE E 101 19.49 29.46 -15.69
N PRO E 102 19.97 28.76 -16.74
CA PRO E 102 19.16 28.66 -17.96
C PRO E 102 17.82 27.95 -17.75
N LEU E 103 17.68 27.15 -16.70
CA LEU E 103 16.50 26.32 -16.51
C LEU E 103 15.41 26.99 -15.67
N ILE E 104 15.58 28.27 -15.33
CA ILE E 104 14.53 28.99 -14.61
C ILE E 104 13.28 29.12 -15.47
N VAL E 105 13.44 29.09 -16.80
CA VAL E 105 12.29 29.18 -17.71
C VAL E 105 11.33 28.02 -17.49
N VAL E 106 11.83 26.88 -17.06
CA VAL E 106 11.00 25.71 -16.76
C VAL E 106 11.21 25.39 -15.29
N ASN E 107 10.38 25.98 -14.43
CA ASN E 107 10.52 25.85 -12.98
C ASN E 107 9.27 25.31 -12.30
N CYS E 108 8.22 24.99 -13.07
CA CYS E 108 6.99 24.33 -12.61
C CYS E 108 6.12 25.24 -11.74
N ILE E 109 6.62 26.42 -11.38
CA ILE E 109 5.85 27.36 -10.58
C ILE E 109 5.61 28.69 -11.31
N ILE E 110 6.41 29.01 -12.33
CA ILE E 110 6.19 30.25 -13.08
C ILE E 110 5.06 30.06 -14.08
N LEU E 111 5.11 28.96 -14.84
CA LEU E 111 4.07 28.69 -15.83
C LEU E 111 2.73 28.41 -15.16
N ALA E 112 2.75 27.72 -14.01
CA ALA E 112 1.51 27.42 -13.30
C ALA E 112 0.85 28.70 -12.79
N ARG E 113 1.64 29.60 -12.20
CA ARG E 113 1.07 30.87 -11.73
C ARG E 113 0.62 31.73 -12.90
N ALA E 114 1.34 31.68 -14.02
CA ALA E 114 0.92 32.43 -15.21
C ALA E 114 -0.41 31.91 -15.75
N GLU E 115 -0.60 30.59 -15.75
CA GLU E 115 -1.85 30.03 -16.22
C GLU E 115 -3.00 30.33 -15.25
N ALA E 116 -2.72 30.28 -13.94
CA ALA E 116 -3.79 30.39 -12.95
C ALA E 116 -4.16 31.85 -12.68
N PHE E 117 -3.22 32.64 -12.18
CA PHE E 117 -3.53 33.95 -11.60
C PHE E 117 -3.15 35.12 -12.49
N ALA E 118 -2.57 34.89 -13.67
CA ALA E 118 -2.14 35.99 -14.52
C ALA E 118 -3.02 36.24 -15.72
N PHE E 119 -3.67 35.21 -16.26
CA PHE E 119 -4.52 35.35 -17.43
C PHE E 119 -5.98 35.65 -17.09
N SER E 120 -6.29 35.82 -15.81
CA SER E 120 -7.66 36.10 -15.39
C SER E 120 -7.80 37.25 -14.40
N ASN E 121 -6.70 37.83 -13.92
CA ASN E 121 -6.74 38.92 -12.94
C ASN E 121 -6.14 40.18 -13.56
N GLY E 122 -5.98 41.20 -12.73
CA GLY E 122 -5.45 42.48 -13.16
C GLY E 122 -3.94 42.54 -13.08
N ILE E 123 -3.42 43.77 -13.03
CA ILE E 123 -1.99 44.01 -12.95
C ILE E 123 -1.52 44.13 -11.50
N ALA E 124 -2.38 44.59 -10.59
CA ALA E 124 -2.00 44.81 -9.21
C ALA E 124 -2.04 43.55 -8.36
N ASP E 125 -2.89 42.59 -8.69
CA ASP E 125 -2.95 41.34 -7.93
C ASP E 125 -1.78 40.42 -8.29
N SER E 126 -1.41 40.39 -9.57
CA SER E 126 -0.34 39.50 -10.02
C SER E 126 1.00 39.89 -9.41
N PHE E 127 1.24 41.20 -9.25
CA PHE E 127 2.49 41.66 -8.62
C PHE E 127 2.59 41.16 -7.19
N ALA E 128 1.51 41.30 -6.41
CA ALA E 128 1.51 40.84 -5.03
C ALA E 128 1.65 39.32 -4.95
N ASP E 129 0.97 38.61 -5.85
CA ASP E 129 1.08 37.15 -5.86
C ASP E 129 2.51 36.70 -6.16
N ALA E 130 3.16 37.35 -7.13
CA ALA E 130 4.55 37.03 -7.45
C ALA E 130 5.48 37.31 -6.28
N VAL E 131 5.28 38.45 -5.61
CA VAL E 131 6.11 38.80 -4.46
C VAL E 131 5.96 37.77 -3.35
N GLY E 132 4.71 37.38 -3.06
CA GLY E 132 4.48 36.39 -2.01
C GLY E 132 5.09 35.04 -2.33
N MET E 133 4.92 34.58 -3.58
CA MET E 133 5.47 33.28 -3.96
C MET E 133 6.99 33.29 -3.94
N GLY E 134 7.60 34.39 -4.39
CA GLY E 134 9.05 34.49 -4.34
C GLY E 134 9.59 34.51 -2.92
N LEU E 135 8.90 35.22 -2.02
CA LEU E 135 9.33 35.24 -0.62
C LEU E 135 9.22 33.86 0.00
N GLY E 136 8.13 33.15 -0.27
CA GLY E 136 8.00 31.79 0.26
C GLY E 136 9.06 30.85 -0.27
N PHE E 137 9.35 30.93 -1.57
CA PHE E 137 10.40 30.11 -2.17
C PHE E 137 11.75 30.39 -1.53
N THR E 138 12.09 31.68 -1.36
CA THR E 138 13.37 32.05 -0.77
C THR E 138 13.49 31.56 0.67
N LEU E 139 12.43 31.73 1.46
CA LEU E 139 12.49 31.29 2.86
C LEU E 139 12.64 29.78 2.97
N ALA E 140 11.88 29.03 2.18
CA ALA E 140 12.00 27.57 2.23
C ALA E 140 13.38 27.09 1.80
N LEU E 141 13.92 27.69 0.73
CA LEU E 141 15.24 27.30 0.27
C LEU E 141 16.31 27.63 1.30
N THR E 142 16.21 28.80 1.94
CA THR E 142 17.18 29.17 2.96
C THR E 142 17.13 28.22 4.15
N ILE E 143 15.93 27.85 4.60
CA ILE E 143 15.80 26.95 5.74
C ILE E 143 16.41 25.59 5.41
N LEU E 144 16.07 25.04 4.23
CA LEU E 144 16.60 23.73 3.85
C LEU E 144 18.12 23.76 3.70
N GLY E 145 18.65 24.83 3.10
CA GLY E 145 20.09 24.95 2.93
C GLY E 145 20.83 25.04 4.25
N SER E 146 20.31 25.84 5.19
CA SER E 146 20.95 25.94 6.50
C SER E 146 20.92 24.60 7.23
N ILE E 147 19.78 23.91 7.20
CA ILE E 147 19.66 22.62 7.89
C ILE E 147 20.63 21.61 7.31
N ARG E 148 20.73 21.53 5.98
CA ARG E 148 21.66 20.59 5.36
C ARG E 148 23.11 20.97 5.64
N GLU E 149 23.44 22.27 5.58
CA GLU E 149 24.83 22.70 5.70
C GLU E 149 25.37 22.50 7.11
N ILE E 150 24.52 22.72 8.14
CA ILE E 150 24.98 22.59 9.52
C ILE E 150 25.45 21.15 9.78
N LEU E 151 24.67 20.17 9.34
CA LEU E 151 25.07 18.78 9.55
C LEU E 151 26.18 18.34 8.60
N GLY E 152 26.10 18.72 7.33
CA GLY E 152 27.05 18.18 6.35
C GLY E 152 28.36 18.90 6.23
N ALA E 153 28.53 20.07 6.87
CA ALA E 153 29.79 20.80 6.76
C ALA E 153 30.25 21.28 8.13
N GLY E 154 29.34 21.35 9.09
CA GLY E 154 29.69 21.84 10.41
C GLY E 154 29.86 23.34 10.50
N SER E 155 29.21 24.09 9.61
CA SER E 155 29.33 25.54 9.59
C SER E 155 28.03 26.13 9.06
N ILE E 156 27.75 27.37 9.46
CA ILE E 156 26.61 28.12 8.98
C ILE E 156 27.10 29.43 8.39
N PHE E 157 26.70 29.70 7.14
CA PHE E 157 27.10 30.90 6.40
C PHE E 157 28.62 31.06 6.34
N GLY E 158 29.35 29.95 6.28
CA GLY E 158 30.80 29.99 6.22
C GLY E 158 31.49 30.11 7.56
N PHE E 159 30.75 30.18 8.66
CA PHE E 159 31.32 30.32 9.99
C PHE E 159 31.26 28.98 10.71
N SER E 160 32.41 28.47 11.12
CA SER E 160 32.49 27.16 11.76
C SER E 160 31.89 27.19 13.16
N LEU E 161 31.36 26.04 13.58
CA LEU E 161 30.69 25.93 14.88
C LEU E 161 31.27 24.83 15.75
N PHE E 162 31.64 23.69 15.17
CA PHE E 162 31.98 22.49 15.94
C PHE E 162 33.49 22.28 16.08
N GLY E 163 34.30 23.24 15.64
CA GLY E 163 35.74 23.13 15.77
C GLY E 163 36.39 22.67 14.48
N ALA E 164 37.71 22.50 14.56
CA ALA E 164 38.52 22.10 13.42
C ALA E 164 38.77 20.60 13.35
N ALA E 165 38.20 19.82 14.27
CA ALA E 165 38.37 18.38 14.29
C ALA E 165 37.06 17.64 14.00
N TYR E 166 36.00 18.36 13.65
CA TYR E 166 34.72 17.73 13.39
C TYR E 166 34.77 16.93 12.09
N GLU E 167 34.17 15.74 12.11
CA GLU E 167 34.07 14.89 10.94
C GLU E 167 32.64 14.89 10.45
N PRO E 168 32.33 15.53 9.32
CA PRO E 168 30.93 15.74 8.94
C PRO E 168 30.27 14.47 8.43
N VAL E 169 28.94 14.51 8.42
CA VAL E 169 28.12 13.47 7.80
C VAL E 169 28.05 13.79 6.31
N LEU E 170 28.90 13.14 5.52
CA LEU E 170 29.06 13.47 4.11
C LEU E 170 27.96 12.89 3.23
N LEU E 171 26.87 12.40 3.82
CA LEU E 171 25.71 11.99 3.04
C LEU E 171 24.69 13.11 2.86
N MET E 172 24.68 14.10 3.74
CA MET E 172 23.74 15.22 3.63
C MET E 172 24.05 16.12 2.45
N ILE E 173 25.28 16.10 1.94
CA ILE E 173 25.65 16.86 0.76
C ILE E 173 25.65 15.97 -0.49
N LEU E 174 24.94 14.85 -0.45
CA LEU E 174 24.82 13.90 -1.53
C LEU E 174 23.37 13.85 -2.00
N PRO E 175 23.10 13.33 -3.20
CA PRO E 175 21.72 13.26 -3.70
C PRO E 175 20.77 12.50 -2.77
N PRO E 176 21.16 11.38 -2.14
CA PRO E 176 20.21 10.73 -1.22
C PRO E 176 20.01 11.47 0.10
N GLY E 177 20.84 12.43 0.44
CA GLY E 177 20.72 13.13 1.71
C GLY E 177 19.72 14.26 1.69
N ALA E 178 19.25 14.62 0.50
CA ALA E 178 18.24 15.65 0.37
C ALA E 178 16.83 15.13 0.62
N PHE E 179 16.41 14.15 -0.20
CA PHE E 179 15.05 13.59 -0.17
C PHE E 179 14.57 13.38 1.26
N LEU E 180 15.27 12.50 1.99
CA LEU E 180 14.87 12.12 3.34
C LEU E 180 14.61 13.34 4.21
N THR E 181 15.58 14.28 4.23
CA THR E 181 15.45 15.45 5.07
C THR E 181 14.18 16.22 4.74
N LEU E 182 13.96 16.50 3.45
CA LEU E 182 12.78 17.25 3.06
C LEU E 182 11.51 16.53 3.50
N GLY E 183 11.48 15.21 3.30
CA GLY E 183 10.31 14.45 3.70
C GLY E 183 10.00 14.64 5.17
N LEU E 184 11.03 14.52 6.02
CA LEU E 184 10.83 14.66 7.45
C LEU E 184 10.24 16.03 7.77
N LEU E 185 10.80 17.08 7.14
CA LEU E 185 10.31 18.42 7.38
C LEU E 185 8.82 18.51 7.07
N ILE E 186 8.42 18.00 5.90
CA ILE E 186 7.02 18.08 5.51
C ILE E 186 6.16 17.37 6.53
N GLY E 187 6.61 16.18 6.97
CA GLY E 187 5.85 15.42 7.95
C GLY E 187 5.61 16.23 9.21
N LEU E 188 6.67 16.90 9.69
CA LEU E 188 6.53 17.70 10.90
C LEU E 188 5.45 18.76 10.73
N ILE E 189 5.47 19.46 9.59
CA ILE E 189 4.48 20.50 9.34
C ILE E 189 3.08 19.90 9.38
N ASN E 190 2.90 18.75 8.72
CA ASN E 190 1.60 18.11 8.68
C ASN E 190 1.12 17.80 10.09
N TRP E 191 2.03 17.28 10.93
CA TRP E 191 1.67 16.98 12.30
C TRP E 191 1.19 18.24 13.01
N LYS E 192 1.97 19.33 12.89
CA LYS E 192 1.63 20.55 13.60
C LYS E 192 0.43 21.23 12.96
N THR E 193 0.01 20.77 11.78
CA THR E 193 -1.20 21.30 11.18
C THR E 193 -2.42 20.52 11.66
N LYS E 194 -2.25 19.22 11.92
CA LYS E 194 -3.42 18.38 12.14
C LYS E 194 -3.70 18.11 13.61
N LYS E 195 -2.72 18.30 14.50
CA LYS E 195 -2.95 18.14 15.92
C LYS E 195 -3.30 19.45 16.63
N ALA E 196 -3.30 20.57 15.90
CA ALA E 196 -3.61 21.86 16.49
C ALA E 196 -5.01 22.32 16.10
N MET F 1 -9.03 16.73 -50.47
CA MET F 1 -9.89 17.88 -50.71
C MET F 1 -10.07 18.72 -49.45
N GLU F 2 -9.11 18.59 -48.53
CA GLU F 2 -9.07 19.34 -47.27
C GLU F 2 -10.33 19.11 -46.43
N THR F 3 -10.53 17.85 -46.02
CA THR F 3 -11.60 17.35 -45.15
C THR F 3 -12.96 18.02 -45.41
N LYS F 4 -13.47 17.85 -46.63
CA LYS F 4 -14.80 18.33 -47.03
C LYS F 4 -14.90 19.84 -47.02
N GLU F 5 -13.89 20.52 -47.56
CA GLU F 5 -13.95 21.93 -47.97
C GLU F 5 -14.30 22.84 -46.79
N LYS F 6 -13.35 22.95 -45.87
CA LYS F 6 -13.43 23.93 -44.78
C LYS F 6 -13.78 25.31 -45.32
N VAL F 7 -14.75 25.96 -44.66
CA VAL F 7 -15.47 27.08 -45.26
C VAL F 7 -14.69 28.38 -45.16
N GLN F 8 -13.87 28.65 -46.18
CA GLN F 8 -13.24 29.94 -46.47
C GLN F 8 -12.65 30.66 -45.26
N ILE F 9 -13.53 31.14 -44.37
CA ILE F 9 -13.12 31.97 -43.24
C ILE F 9 -12.16 31.28 -42.30
N ASP F 10 -12.07 29.95 -42.35
CA ASP F 10 -11.08 29.23 -41.56
C ASP F 10 -9.66 29.65 -41.91
N TRP F 11 -9.42 30.06 -43.15
CA TRP F 11 -8.14 30.65 -43.51
C TRP F 11 -8.00 32.08 -43.04
N LYS F 12 -9.10 32.84 -42.98
CA LYS F 12 -9.03 34.26 -42.64
C LYS F 12 -8.53 34.49 -41.22
N VAL F 13 -8.85 33.58 -40.29
CA VAL F 13 -8.32 33.71 -38.94
C VAL F 13 -6.87 33.28 -38.86
N VAL F 14 -6.39 32.49 -39.83
CA VAL F 14 -5.02 31.99 -39.78
C VAL F 14 -4.01 33.14 -39.84
N PHE F 15 -4.24 34.10 -40.74
CA PHE F 15 -3.39 35.28 -40.81
C PHE F 15 -3.43 36.08 -39.52
N LYS F 16 -4.51 35.95 -38.73
CA LYS F 16 -4.56 36.61 -37.44
C LYS F 16 -3.71 35.88 -36.40
N LEU F 17 -3.63 34.55 -36.51
CA LEU F 17 -2.96 33.78 -35.47
C LEU F 17 -1.44 33.92 -35.54
N GLY F 18 -0.88 33.89 -36.75
CA GLY F 18 0.57 33.97 -36.89
C GLY F 18 1.13 35.33 -36.53
N LEU F 19 0.51 36.40 -37.07
CA LEU F 19 1.12 37.72 -37.05
C LEU F 19 1.45 38.19 -35.64
N ILE F 20 0.50 38.06 -34.71
CA ILE F 20 0.75 38.47 -33.33
C ILE F 20 1.97 37.75 -32.77
N LEU F 21 2.02 36.42 -32.96
CA LEU F 21 3.19 35.66 -32.53
C LEU F 21 4.45 36.22 -33.16
N PHE F 22 4.40 36.47 -34.47
CA PHE F 22 5.53 37.09 -35.17
C PHE F 22 5.97 38.36 -34.46
N VAL F 23 5.01 39.24 -34.17
CA VAL F 23 5.34 40.50 -33.52
C VAL F 23 6.02 40.24 -32.19
N ILE F 24 5.44 39.34 -31.40
CA ILE F 24 6.01 39.04 -30.08
C ILE F 24 7.44 38.57 -30.23
N SER F 25 7.68 37.66 -31.17
CA SER F 25 9.02 37.12 -31.34
C SER F 25 9.99 38.24 -31.69
N ALA F 26 9.58 39.13 -32.60
CA ALA F 26 10.45 40.23 -33.00
C ALA F 26 10.82 41.07 -31.79
N VAL F 27 9.82 41.39 -30.94
CA VAL F 27 10.07 42.22 -29.77
C VAL F 27 11.11 41.57 -28.88
N ALA F 28 11.01 40.24 -28.71
CA ALA F 28 11.97 39.53 -27.87
C ALA F 28 13.38 39.73 -28.39
N ALA F 29 13.58 39.55 -29.70
CA ALA F 29 14.91 39.76 -30.26
C ALA F 29 15.33 41.21 -30.10
N CYS F 30 14.39 42.14 -30.27
CA CYS F 30 14.71 43.56 -30.17
C CYS F 30 15.20 43.91 -28.77
N ALA F 31 14.86 43.09 -27.78
CA ALA F 31 15.48 43.27 -26.47
C ALA F 31 16.87 42.63 -26.43
N LEU F 32 16.94 41.33 -26.76
CA LEU F 32 18.08 40.52 -26.32
C LEU F 32 19.39 41.02 -26.90
N ALA F 33 19.40 41.26 -28.22
CA ALA F 33 20.62 41.74 -28.88
C ALA F 33 21.13 43.01 -28.23
N LEU F 34 20.22 43.93 -27.88
CA LEU F 34 20.65 45.18 -27.24
C LEU F 34 21.38 44.88 -25.94
N THR F 35 20.84 43.99 -25.11
CA THR F 35 21.51 43.63 -23.87
C THR F 35 22.87 43.03 -24.16
N ASN F 36 22.96 42.20 -25.20
CA ASN F 36 24.25 41.63 -25.59
C ASN F 36 25.24 42.72 -25.93
N TYR F 37 24.77 43.77 -26.63
CA TYR F 37 25.66 44.84 -27.05
C TYR F 37 26.22 45.58 -25.84
N VAL F 38 25.53 45.53 -24.71
CA VAL F 38 26.02 46.20 -23.51
C VAL F 38 26.89 45.26 -22.68
N THR F 39 26.71 43.95 -22.86
CA THR F 39 27.23 43.01 -21.88
C THR F 39 28.48 42.26 -22.32
N ALA F 40 28.43 41.62 -23.49
CA ALA F 40 29.34 40.52 -23.82
C ALA F 40 30.80 40.91 -23.67
N GLY F 41 31.20 42.01 -24.31
CA GLY F 41 32.59 42.42 -24.26
C GLY F 41 33.10 42.62 -22.84
N THR F 42 32.27 43.25 -22.00
CA THR F 42 32.64 43.43 -20.59
C THR F 42 32.97 42.11 -19.94
N ILE F 43 32.13 41.08 -20.17
CA ILE F 43 32.39 39.76 -19.62
C ILE F 43 33.76 39.27 -20.04
N GLU F 44 34.09 39.44 -21.32
CA GLU F 44 35.38 39.01 -21.84
C GLU F 44 36.51 39.65 -21.05
N GLU F 45 36.41 40.95 -20.79
CA GLU F 45 37.44 41.64 -20.02
C GLU F 45 37.64 40.98 -18.68
N MET F 46 36.54 40.70 -17.96
CA MET F 46 36.64 40.07 -16.65
C MET F 46 37.39 38.76 -16.75
N ASN F 47 37.07 37.96 -17.78
CA ASN F 47 37.73 36.67 -17.95
C ASN F 47 39.24 36.85 -18.04
N VAL F 48 39.69 37.76 -18.92
CA VAL F 48 41.12 37.88 -19.12
C VAL F 48 41.78 38.38 -17.84
N GLN F 49 41.07 39.23 -17.08
CA GLN F 49 41.63 39.72 -15.83
C GLN F 49 41.91 38.57 -14.89
N THR F 50 40.96 37.64 -14.76
CA THR F 50 41.16 36.48 -13.92
C THR F 50 42.37 35.69 -14.40
N ASN F 51 42.48 35.50 -15.71
CA ASN F 51 43.61 34.77 -16.26
C ASN F 51 44.92 35.46 -15.91
N THR F 52 44.94 36.79 -15.99
CA THR F 52 46.14 37.52 -15.63
C THR F 52 46.51 37.27 -14.18
N VAL F 53 45.51 37.28 -13.29
CA VAL F 53 45.76 36.97 -11.89
C VAL F 53 46.30 35.55 -11.75
N ALA F 54 45.71 34.62 -12.51
CA ALA F 54 46.17 33.24 -12.46
C ALA F 54 47.61 33.11 -12.92
N ARG F 55 48.04 33.99 -13.82
CA ARG F 55 49.42 33.93 -14.30
C ARG F 55 50.36 34.64 -13.32
N GLN F 56 49.84 35.55 -12.51
CA GLN F 56 50.72 36.35 -11.66
C GLN F 56 50.91 35.70 -10.29
N GLU F 57 49.89 35.01 -9.78
CA GLU F 57 49.99 34.42 -8.45
C GLU F 57 50.91 33.22 -8.43
N VAL F 58 50.92 32.44 -9.52
CA VAL F 58 51.71 31.21 -9.56
C VAL F 58 53.20 31.53 -9.58
N LEU F 59 53.60 32.57 -10.32
CA LEU F 59 54.98 33.03 -10.39
C LEU F 59 55.07 34.40 -9.74
N PRO F 60 55.19 34.50 -8.42
CA PRO F 60 55.13 35.82 -7.76
C PRO F 60 56.40 36.61 -7.88
N LYS F 61 56.39 37.63 -8.74
CA LYS F 61 57.49 38.59 -8.89
C LYS F 61 56.99 39.71 -9.80
N ALA F 62 57.86 40.69 -10.03
CA ALA F 62 57.58 41.79 -10.95
C ALA F 62 58.27 41.48 -12.27
N ALA F 63 57.50 41.01 -13.24
CA ALA F 63 58.04 40.59 -14.53
C ALA F 63 56.96 40.73 -15.59
N ASP F 64 57.35 40.51 -16.84
CA ASP F 64 56.45 40.54 -17.98
C ASP F 64 56.29 39.13 -18.54
N PHE F 65 55.29 38.95 -19.39
CA PHE F 65 54.97 37.65 -19.95
C PHE F 65 54.83 37.74 -21.45
N GLU F 66 55.19 36.64 -22.13
CA GLU F 66 55.06 36.53 -23.58
C GLU F 66 54.39 35.21 -23.91
N ALA F 67 53.62 35.22 -25.00
CA ALA F 67 52.80 34.07 -25.38
C ALA F 67 53.43 33.36 -26.58
N VAL F 68 53.49 32.04 -26.49
CA VAL F 68 53.96 31.22 -27.61
C VAL F 68 52.95 31.31 -28.75
N PRO F 69 53.38 31.36 -30.03
CA PRO F 69 52.42 31.49 -31.14
C PRO F 69 51.49 30.30 -31.34
N ALA F 70 51.55 29.31 -30.44
CA ALA F 70 50.63 28.18 -30.34
C ALA F 70 50.83 27.15 -31.45
N LYS F 71 51.77 27.42 -32.37
CA LYS F 71 52.21 26.36 -33.27
C LYS F 71 53.43 25.64 -32.74
N ASP F 72 54.27 26.35 -31.97
CA ASP F 72 55.36 25.67 -31.25
C ASP F 72 54.81 24.75 -30.17
N VAL F 73 53.70 25.15 -29.54
CA VAL F 73 53.07 24.29 -28.54
C VAL F 73 52.58 23.00 -29.20
N GLU F 74 51.96 23.12 -30.38
CA GLU F 74 51.52 21.92 -31.09
C GLU F 74 52.70 21.08 -31.58
N LYS F 75 53.82 21.72 -31.92
CA LYS F 75 55.01 20.97 -32.29
C LYS F 75 55.57 20.20 -31.10
N ILE F 76 55.56 20.81 -29.91
CA ILE F 76 56.02 20.12 -28.71
C ILE F 76 55.09 18.98 -28.37
N ALA F 77 53.77 19.18 -28.54
CA ALA F 77 52.81 18.11 -28.31
C ALA F 77 53.03 16.96 -29.28
N SER F 78 53.35 17.27 -30.54
CA SER F 78 53.66 16.22 -31.52
C SER F 78 54.92 15.46 -31.14
N GLU F 79 55.96 16.17 -30.68
CA GLU F 79 57.19 15.51 -30.25
C GLU F 79 57.03 14.96 -28.85
N ILE F 80 58.13 14.38 -28.33
CA ILE F 80 58.34 13.83 -26.98
C ILE F 80 57.45 12.61 -26.73
N GLY F 81 56.49 12.35 -27.61
CA GLY F 81 55.65 11.17 -27.51
C GLY F 81 54.48 11.34 -26.57
N MET F 82 53.75 12.44 -26.70
CA MET F 82 52.58 12.72 -25.88
C MET F 82 51.41 11.97 -26.47
N GLU F 83 50.97 10.90 -25.80
CA GLU F 83 50.10 9.92 -26.44
C GLU F 83 48.71 10.48 -26.72
N LYS F 84 48.26 11.46 -25.94
CA LYS F 84 46.96 12.09 -26.16
C LYS F 84 47.14 13.57 -26.48
N PRO F 85 46.76 14.03 -27.68
CA PRO F 85 46.89 15.45 -28.03
C PRO F 85 45.87 16.35 -27.34
N GLU F 86 45.89 17.63 -27.71
CA GLU F 86 44.98 18.70 -27.27
C GLU F 86 44.69 18.70 -25.77
N GLU F 87 45.62 18.20 -24.96
CA GLU F 87 45.54 18.36 -23.52
C GLU F 87 46.47 19.45 -22.99
N LEU F 88 47.21 20.12 -23.86
CA LEU F 88 48.08 21.24 -23.48
C LEU F 88 47.48 22.52 -24.06
N LEU F 89 47.18 23.50 -23.20
CA LEU F 89 46.40 24.65 -23.60
C LEU F 89 47.25 25.90 -23.82
N GLU F 90 48.01 26.34 -22.82
CA GLU F 90 48.75 27.60 -22.94
C GLU F 90 50.13 27.46 -22.31
N VAL F 91 51.14 27.99 -22.99
CA VAL F 91 52.50 28.06 -22.48
C VAL F 91 52.97 29.51 -22.59
N TYR F 92 53.45 30.07 -21.48
CA TYR F 92 53.89 31.45 -21.42
C TYR F 92 55.30 31.53 -20.88
N ILE F 93 56.03 32.56 -21.30
CA ILE F 93 57.42 32.76 -20.91
C ILE F 93 57.53 34.04 -20.11
N GLY F 94 58.16 33.96 -18.94
CA GLY F 94 58.39 35.12 -18.12
C GLY F 94 59.71 35.80 -18.42
N LYS F 95 59.73 37.13 -18.26
CA LYS F 95 60.91 37.93 -18.56
C LYS F 95 61.07 38.99 -17.50
N SER F 96 62.25 39.03 -16.87
CA SER F 96 62.59 40.03 -15.85
C SER F 96 63.98 40.57 -16.17
N ASN F 97 64.03 41.66 -16.93
CA ASN F 97 65.27 42.35 -17.30
C ASN F 97 66.23 41.43 -18.05
N GLY F 98 65.77 40.94 -19.20
CA GLY F 98 66.62 40.18 -20.10
C GLY F 98 66.77 38.72 -19.78
N GLU F 99 67.24 38.41 -18.57
CA GLU F 99 67.50 37.04 -18.18
C GLU F 99 66.21 36.23 -18.09
N VAL F 100 66.32 34.94 -18.38
CA VAL F 100 65.16 34.05 -18.33
C VAL F 100 64.74 33.85 -16.88
N VAL F 101 63.44 33.60 -16.68
CA VAL F 101 62.86 33.43 -15.35
C VAL F 101 62.29 32.03 -15.17
N GLY F 102 61.42 31.60 -16.08
CA GLY F 102 60.76 30.31 -15.95
C GLY F 102 59.67 30.19 -17.00
N TYR F 103 58.76 29.26 -16.74
CA TYR F 103 57.66 28.99 -17.66
C TYR F 103 56.38 28.74 -16.88
N THR F 104 55.25 28.98 -17.56
CA THR F 104 53.92 28.79 -16.99
C THR F 104 53.09 27.99 -17.98
N VAL F 105 52.66 26.80 -17.58
CA VAL F 105 52.03 25.84 -18.48
C VAL F 105 50.65 25.50 -17.96
N LYS F 106 49.66 25.55 -18.84
CA LYS F 106 48.28 25.20 -18.53
C LYS F 106 47.92 23.92 -19.25
N THR F 107 47.32 22.97 -18.53
CA THR F 107 46.95 21.70 -19.14
C THR F 107 45.64 21.19 -18.55
N GLY F 108 44.83 20.58 -19.40
CA GLY F 108 43.63 19.92 -18.97
C GLY F 108 43.75 18.41 -19.04
N PRO F 109 43.98 17.77 -17.90
CA PRO F 109 44.07 16.30 -17.89
C PRO F 109 42.72 15.63 -17.69
N THR F 110 42.50 14.57 -18.46
CA THR F 110 41.29 13.77 -18.35
C THR F 110 41.45 12.71 -17.26
N SER F 111 40.56 11.72 -17.26
CA SER F 111 40.58 10.59 -16.32
C SER F 111 40.36 11.04 -14.88
N GLY F 112 39.63 12.13 -14.69
CA GLY F 112 39.15 12.50 -13.37
C GLY F 112 37.87 11.76 -13.03
N TYR F 113 37.29 12.13 -11.89
CA TYR F 113 36.04 11.50 -11.48
C TYR F 113 34.85 12.00 -12.29
N ALA F 114 34.84 13.29 -12.65
CA ALA F 114 33.70 13.87 -13.34
C ALA F 114 34.14 14.64 -14.59
N GLY F 115 35.13 14.13 -15.31
CA GLY F 115 35.52 14.73 -16.56
C GLY F 115 36.93 15.32 -16.58
N GLU F 116 37.03 16.59 -16.94
CA GLU F 116 38.31 17.26 -17.15
C GLU F 116 38.48 18.38 -16.13
N VAL F 117 39.66 18.42 -15.51
CA VAL F 117 40.07 19.53 -14.66
C VAL F 117 41.08 20.36 -15.43
N GLN F 118 41.38 21.55 -14.91
CA GLN F 118 42.36 22.44 -15.53
C GLN F 118 43.41 22.80 -14.48
N VAL F 119 44.67 22.49 -14.77
CA VAL F 119 45.78 22.67 -13.84
C VAL F 119 46.81 23.60 -14.47
N LEU F 120 47.26 24.59 -13.70
CA LEU F 120 48.29 25.53 -14.12
C LEU F 120 49.53 25.35 -13.25
N THR F 121 50.70 25.24 -13.89
CA THR F 121 51.95 24.99 -13.19
C THR F 121 52.99 26.03 -13.58
N GLY F 122 53.73 26.52 -12.59
CA GLY F 122 54.79 27.48 -12.85
C GLY F 122 56.13 26.99 -12.35
N ILE F 123 57.16 27.09 -13.20
CA ILE F 123 58.49 26.60 -12.88
C ILE F 123 59.50 27.71 -13.09
N SER F 124 60.49 27.77 -12.20
CA SER F 124 61.52 28.80 -12.23
C SER F 124 62.63 28.40 -13.20
N ALA F 125 63.74 29.13 -13.17
CA ALA F 125 64.87 28.83 -14.06
C ALA F 125 65.51 27.51 -13.71
N ASP F 126 66.08 27.40 -12.52
CA ASP F 126 66.49 26.11 -11.99
C ASP F 126 65.23 25.32 -11.62
N GLY F 127 65.33 24.00 -11.71
CA GLY F 127 64.13 23.19 -11.51
C GLY F 127 63.62 23.22 -10.08
N VAL F 128 62.56 23.99 -9.86
CA VAL F 128 61.83 24.07 -8.60
C VAL F 128 60.39 24.44 -8.91
N ILE F 129 59.44 23.68 -8.38
CA ILE F 129 58.03 24.02 -8.55
C ILE F 129 57.67 25.08 -7.53
N THR F 130 57.22 26.24 -8.01
CA THR F 130 56.90 27.37 -7.15
C THR F 130 55.41 27.49 -6.85
N GLY F 131 54.62 26.49 -7.23
CA GLY F 131 53.21 26.46 -6.89
C GLY F 131 52.33 26.03 -8.05
N ILE F 132 51.21 25.37 -7.72
CA ILE F 132 50.21 24.97 -8.69
C ILE F 132 48.86 25.50 -8.22
N THR F 133 47.91 25.55 -9.16
CA THR F 133 46.57 26.02 -8.85
C THR F 133 45.57 25.32 -9.77
N ILE F 134 44.30 25.35 -9.36
CA ILE F 134 43.21 24.74 -10.10
C ILE F 134 42.35 25.85 -10.67
N ILE F 135 42.12 25.80 -11.98
CA ILE F 135 41.35 26.83 -12.68
C ILE F 135 39.89 26.44 -12.83
N LYS F 136 39.62 25.22 -13.30
CA LYS F 136 38.26 24.76 -13.52
C LYS F 136 38.13 23.30 -13.14
N SER F 137 37.07 22.98 -12.39
CA SER F 137 36.76 21.62 -12.00
C SER F 137 35.25 21.49 -11.85
N ASN F 138 34.77 20.25 -11.98
CA ASN F 138 33.35 19.96 -11.89
C ASN F 138 33.10 18.71 -11.05
N GLU F 139 33.80 18.62 -9.92
CA GLU F 139 33.72 17.47 -9.04
C GLU F 139 32.76 17.75 -7.89
N THR F 140 32.70 16.79 -6.96
CA THR F 140 31.82 16.92 -5.81
C THR F 140 32.29 18.05 -4.90
N PRO F 141 31.41 18.95 -4.47
CA PRO F 141 31.84 20.09 -3.64
C PRO F 141 32.46 19.68 -2.31
N GLY F 142 32.02 18.58 -1.72
CA GLY F 142 32.54 18.13 -0.44
C GLY F 142 33.57 17.02 -0.49
N LEU F 143 33.84 16.45 -1.66
CA LEU F 143 34.76 15.33 -1.78
C LEU F 143 35.93 15.59 -2.72
N GLY F 144 35.69 16.19 -3.87
CA GLY F 144 36.74 16.38 -4.85
C GLY F 144 37.11 17.83 -5.08
N ALA F 145 36.36 18.76 -4.46
CA ALA F 145 36.62 20.17 -4.60
C ALA F 145 37.61 20.69 -3.57
N LYS F 146 38.17 19.82 -2.73
CA LYS F 146 39.14 20.20 -1.73
C LYS F 146 40.56 20.33 -2.28
N ALA F 147 40.75 20.07 -3.58
CA ALA F 147 42.08 20.21 -4.18
C ALA F 147 42.51 21.67 -4.25
N SER F 148 41.56 22.60 -4.33
CA SER F 148 41.86 24.03 -4.33
C SER F 148 41.85 24.61 -2.92
N GLY F 149 42.62 23.99 -2.03
CA GLY F 149 42.71 24.44 -0.66
C GLY F 149 44.12 24.35 -0.10
N VAL F 150 44.27 23.68 1.05
CA VAL F 150 45.58 23.49 1.65
C VAL F 150 46.35 22.35 1.00
N TRP F 151 45.70 21.54 0.16
CA TRP F 151 46.40 20.45 -0.52
C TRP F 151 47.38 20.97 -1.57
N ASN F 152 47.12 22.16 -2.11
CA ASN F 152 47.99 22.70 -3.15
C ASN F 152 49.33 23.20 -2.59
N ASP F 153 49.33 23.72 -1.36
CA ASP F 153 50.52 24.38 -0.82
C ASP F 153 51.68 23.41 -0.64
N GLN F 154 51.40 22.11 -0.53
CA GLN F 154 52.47 21.13 -0.40
C GLN F 154 53.22 20.89 -1.71
N PHE F 155 52.70 21.39 -2.83
CA PHE F 155 53.35 21.15 -4.11
C PHE F 155 54.60 21.99 -4.32
N THR F 156 54.78 23.05 -3.54
CA THR F 156 55.97 23.89 -3.66
C THR F 156 57.19 23.19 -3.09
N GLY F 157 58.33 23.39 -3.75
CA GLY F 157 59.58 22.86 -3.26
C GLY F 157 60.12 21.67 -4.03
N LYS F 158 59.24 20.94 -4.71
CA LYS F 158 59.66 19.75 -5.45
C LYS F 158 60.48 20.14 -6.67
N SER F 159 61.63 19.48 -6.84
CA SER F 159 62.53 19.79 -7.94
C SER F 159 62.01 19.23 -9.26
N ALA F 160 62.40 19.88 -10.35
CA ALA F 160 61.94 19.51 -11.68
C ALA F 160 62.97 18.64 -12.41
N LYS F 161 63.21 17.47 -11.86
CA LYS F 161 64.09 16.47 -12.46
C LYS F 161 63.41 15.14 -12.74
N GLU F 162 62.54 14.67 -11.84
CA GLU F 162 61.86 13.39 -12.02
C GLU F 162 60.36 13.59 -11.81
N GLU F 163 59.61 12.52 -12.04
CA GLU F 163 58.16 12.55 -11.93
C GLU F 163 57.76 12.44 -10.46
N LEU F 164 56.46 12.34 -10.20
CA LEU F 164 55.92 12.29 -8.85
C LEU F 164 55.05 11.06 -8.68
N VAL F 165 55.02 10.54 -7.46
CA VAL F 165 54.29 9.32 -7.13
C VAL F 165 53.36 9.62 -5.94
N VAL F 166 52.09 9.23 -6.07
CA VAL F 166 51.10 9.41 -5.02
C VAL F 166 51.07 8.17 -4.15
N VAL F 167 51.07 8.37 -2.84
CA VAL F 167 51.04 7.28 -1.87
C VAL F 167 49.83 7.46 -0.96
N LYS F 168 49.27 6.33 -0.51
CA LYS F 168 48.11 6.34 0.37
C LYS F 168 48.54 6.07 1.81
N GLY F 169 48.98 7.13 2.47
CA GLY F 169 49.42 7.03 3.85
C GLY F 169 49.61 8.40 4.47
N THR F 170 49.48 8.45 5.79
CA THR F 170 49.76 9.70 6.51
C THR F 170 51.23 10.09 6.39
N THR F 171 52.12 9.11 6.50
CA THR F 171 53.54 9.38 6.34
C THR F 171 53.86 9.79 4.90
N LYS F 172 54.72 10.79 4.75
CA LYS F 172 55.07 11.33 3.44
C LYS F 172 56.38 10.75 2.90
N GLU F 173 56.97 9.78 3.59
CA GLU F 173 58.23 9.14 3.20
C GLU F 173 59.34 10.16 2.95
N GLY F 174 59.74 10.33 1.69
CA GLY F 174 60.83 11.22 1.36
C GLY F 174 60.60 12.06 0.13
N SER F 175 61.53 12.01 -0.82
CA SER F 175 61.46 12.84 -2.01
C SER F 175 60.32 12.38 -2.93
N ASN F 176 59.87 13.31 -3.76
CA ASN F 176 58.84 13.16 -4.81
C ASN F 176 57.67 12.26 -4.41
N GLU F 177 57.21 12.38 -3.17
CA GLU F 177 56.07 11.62 -2.66
C GLU F 177 54.93 12.59 -2.38
N ILE F 178 53.74 12.27 -2.87
CA ILE F 178 52.57 13.11 -2.70
C ILE F 178 51.52 12.32 -1.92
N GLN F 179 51.05 12.89 -0.82
CA GLN F 179 50.00 12.28 -0.02
C GLN F 179 48.63 12.74 -0.52
N ALA F 180 47.78 11.78 -0.85
CA ALA F 180 46.47 12.09 -1.41
C ALA F 180 45.49 12.46 -0.30
N ILE F 181 44.31 12.94 -0.70
CA ILE F 181 43.26 13.30 0.24
C ILE F 181 42.51 12.03 0.63
N THR F 182 42.11 11.96 1.89
CA THR F 182 41.35 10.80 2.36
C THR F 182 39.96 10.80 1.73
N GLY F 183 39.60 9.67 1.11
CA GLY F 183 38.34 9.57 0.41
C GLY F 183 38.30 10.26 -0.93
N SER F 184 39.45 10.67 -1.47
CA SER F 184 39.51 11.32 -2.77
C SER F 184 40.88 11.03 -3.37
N THR F 185 40.93 10.07 -4.29
CA THR F 185 42.19 9.59 -4.84
C THR F 185 42.32 9.76 -6.35
N ILE F 186 41.22 9.73 -7.09
CA ILE F 186 41.29 9.88 -8.54
C ILE F 186 41.71 11.29 -8.92
N THR F 187 41.18 12.29 -8.20
CA THR F 187 41.51 13.69 -8.48
C THR F 187 43.00 13.96 -8.25
N SER F 188 43.57 13.39 -7.18
CA SER F 188 44.99 13.56 -6.92
C SER F 188 45.84 12.97 -8.03
N LYS F 189 45.47 11.79 -8.53
CA LYS F 189 46.19 11.19 -9.65
C LYS F 189 46.06 12.02 -10.92
N ALA F 190 44.87 12.60 -11.17
CA ALA F 190 44.71 13.45 -12.35
C ALA F 190 45.58 14.70 -12.26
N VAL F 191 45.61 15.35 -11.09
CA VAL F 191 46.45 16.53 -10.91
C VAL F 191 47.93 16.16 -11.05
N THR F 192 48.33 15.02 -10.50
CA THR F 192 49.71 14.56 -10.63
C THR F 192 50.07 14.26 -12.09
N SER F 193 49.14 13.69 -12.85
CA SER F 193 49.40 13.43 -14.27
C SER F 193 49.56 14.73 -15.05
N GLY F 194 48.72 15.73 -14.73
CA GLY F 194 48.89 17.03 -15.37
C GLY F 194 50.22 17.68 -15.04
N VAL F 195 50.63 17.58 -13.77
CA VAL F 195 51.92 18.12 -13.36
C VAL F 195 53.07 17.39 -14.05
N ASN F 196 52.94 16.07 -14.22
CA ASN F 196 53.96 15.29 -14.91
C ASN F 196 54.05 15.68 -16.39
N MET F 197 52.92 15.90 -17.04
CA MET F 197 52.95 16.34 -18.43
C MET F 197 53.58 17.72 -18.55
N SER F 198 53.24 18.64 -17.64
CA SER F 198 53.86 19.96 -17.67
C SER F 198 55.36 19.89 -17.43
N ILE F 199 55.80 19.02 -16.51
CA ILE F 199 57.21 18.93 -16.18
C ILE F 199 57.97 18.26 -17.34
N GLN F 200 57.33 17.33 -18.06
CA GLN F 200 57.94 16.77 -19.26
C GLN F 200 58.09 17.83 -20.35
N VAL F 201 57.07 18.70 -20.50
CA VAL F 201 57.16 19.79 -21.45
C VAL F 201 58.30 20.72 -21.10
N TYR F 202 58.45 21.05 -19.80
CA TYR F 202 59.55 21.90 -19.37
C TYR F 202 60.90 21.25 -19.61
N GLN F 203 61.02 19.94 -19.35
CA GLN F 203 62.28 19.24 -19.59
C GLN F 203 62.62 19.22 -21.06
N ASN F 204 61.63 19.02 -21.93
CA ASN F 204 61.90 19.00 -23.37
C ASN F 204 62.26 20.38 -23.89
N LEU F 205 61.59 21.42 -23.39
CA LEU F 205 61.84 22.77 -23.90
C LEU F 205 63.17 23.34 -23.42
N SER F 206 63.50 23.14 -22.15
CA SER F 206 64.67 23.79 -21.54
C SER F 206 65.95 23.00 -21.77
N LYS F 207 66.29 22.77 -23.04
CA LYS F 207 67.54 22.11 -23.39
C LYS F 207 67.93 22.44 -24.83
NA NA G . 3.24 17.97 -7.63
FE1 FES H . 9.25 20.36 -11.83
FE2 FES H . 11.79 20.32 -12.73
S1 FES H . 10.78 21.93 -11.63
S2 FES H . 10.20 18.86 -13.13
FE1 SF4 I . -34.18 -2.22 23.40
FE2 SF4 I . -32.33 -4.25 23.37
FE3 SF4 I . -32.56 -2.63 25.57
FE4 SF4 I . -31.51 -1.63 23.24
S1 SF4 I . -30.63 -3.29 24.55
S2 SF4 I . -33.06 -0.64 24.59
S3 SF4 I . -32.76 -2.75 21.70
S4 SF4 I . -34.14 -4.06 24.75
FE1 SF4 J . -22.34 1.78 15.55
FE2 SF4 J . -23.53 0.31 17.53
FE3 SF4 J . -21.75 -0.88 15.83
FE4 SF4 J . -24.21 -0.11 14.91
S1 SF4 J . -23.78 -1.70 16.49
S2 SF4 J . -22.19 0.22 13.89
S3 SF4 J . -24.54 1.80 16.12
S4 SF4 J . -21.31 0.79 17.33
FE1 SF4 K . -14.56 20.25 -7.89
FE2 SF4 K . -11.87 20.54 -7.47
FE3 SF4 K . -12.88 20.62 -10.02
FE4 SF4 K . -12.84 18.26 -8.64
S1 SF4 K . -11.04 19.49 -9.32
S2 SF4 K . -14.57 19.10 -9.86
S3 SF4 K . -13.24 18.99 -6.52
S4 SF4 K . -13.29 22.10 -8.32
FE1 SF4 L . -21.16 11.04 9.73
FE2 SF4 L . -22.73 11.07 7.49
FE3 SF4 L . -23.61 12.29 9.78
FE4 SF4 L . -23.46 9.55 9.65
S1 SF4 L . -24.81 10.91 8.42
S2 SF4 L . -22.75 10.89 11.36
S3 SF4 L . -21.61 9.29 8.35
S4 SF4 L . -21.79 12.87 8.52
FE1 SF4 M . -47.04 11.12 20.83
FE2 SF4 M . -48.45 13.41 20.33
FE3 SF4 M . -49.01 11.13 18.94
FE4 SF4 M . -46.67 12.47 18.48
S1 SF4 M . -48.79 13.22 18.09
S2 SF4 M . -46.94 10.21 18.74
S3 SF4 M . -46.19 13.21 20.57
S4 SF4 M . -49.27 11.46 21.17
FE1 SF4 N . -45.69 1.85 23.75
FE2 SF4 N . -43.96 1.98 25.87
FE3 SF4 N . -43.80 -0.09 24.09
FE4 SF4 N . -45.92 0.07 25.81
S1 SF4 N . -43.73 -0.23 26.36
S2 SF4 N . -46.00 -0.40 23.58
S3 SF4 N . -46.22 2.33 25.92
S4 SF4 N . -43.42 2.12 23.65
FE1 SF4 O . -55.55 23.66 22.08
FE2 SF4 O . -55.38 25.24 19.85
FE3 SF4 O . -57.69 23.86 20.37
FE4 SF4 O . -55.42 22.51 19.60
S1 SF4 O . -56.61 24.03 18.37
S2 SF4 O . -56.85 21.96 21.29
S3 SF4 O . -53.81 23.76 20.61
S4 SF4 O . -56.77 25.54 21.63
FE1 SF4 P . -59.17 32.55 15.48
FE2 SF4 P . -61.88 32.90 15.35
FE3 SF4 P . -60.31 34.83 16.50
FE4 SF4 P . -60.67 32.41 17.76
S1 SF4 P . -62.26 33.98 17.33
S2 SF4 P . -58.70 33.54 17.49
S3 SF4 P . -60.76 31.00 15.98
S4 SF4 P . -60.28 34.16 14.32
FE1 SF4 Q . 0.42 -14.96 9.12
FE2 SF4 Q . 2.82 -15.38 7.88
FE3 SF4 Q . 1.51 -12.99 7.57
FE4 SF4 Q . 0.52 -15.26 6.41
S1 SF4 Q . 2.50 -14.23 5.93
S2 SF4 Q . -0.66 -13.70 7.57
S3 SF4 Q . 1.06 -16.83 7.98
S4 SF4 Q . 2.37 -13.84 9.51
FE1 SF4 R . -7.57 -20.07 4.39
FE2 SF4 R . -8.58 -22.49 3.65
FE3 SF4 R . -7.21 -20.97 1.83
FE4 SF4 R . -9.69 -20.19 2.67
S1 SF4 R . -9.18 -22.07 1.49
S2 SF4 R . -7.84 -18.88 2.47
S3 SF4 R . -9.65 -20.88 4.85
S4 SF4 R . -6.39 -21.90 3.75
N1 FMN S . -18.08 -34.27 4.78
C2 FMN S . -17.86 -35.50 5.29
O2 FMN S . -18.69 -36.40 5.14
N3 FMN S . -16.73 -35.82 5.97
C4 FMN S . -15.74 -34.89 6.19
O4 FMN S . -14.73 -35.22 6.80
C4A FMN S . -15.92 -33.59 5.69
N5 FMN S . -15.00 -32.70 5.89
C5A FMN S . -15.21 -31.44 5.38
C6 FMN S . -14.21 -30.47 5.60
C7 FMN S . -14.35 -29.19 5.12
C7M FMN S . -13.26 -28.17 5.36
C8 FMN S . -15.52 -28.83 4.41
C8M FMN S . -15.70 -27.44 3.89
C9 FMN S . -16.51 -29.78 4.21
C9A FMN S . -16.38 -31.09 4.68
N10 FMN S . -17.34 -32.08 4.49
C10 FMN S . -17.16 -33.35 4.97
C1' FMN S . -18.59 -31.76 3.75
C2' FMN S . -18.46 -32.00 2.27
O2' FMN S . -17.86 -30.87 1.65
C3' FMN S . -19.81 -32.29 1.62
O3' FMN S . -20.72 -31.23 1.91
C4' FMN S . -20.43 -33.61 2.05
O4' FMN S . -19.65 -34.70 1.53
C5' FMN S . -21.86 -33.77 1.59
O5' FMN S . -22.45 -34.96 2.19
P FMN S . -24.02 -35.24 1.98
O1P FMN S . -24.21 -35.44 0.49
O2P FMN S . -24.33 -36.47 2.79
O3P FMN S . -24.71 -34.00 2.50
N1 FMN T . 32.56 -4.16 1.05
C2 FMN T . 32.35 -3.30 0.02
O2 FMN T . 33.27 -2.58 -0.39
N3 FMN T . 31.16 -3.17 -0.59
C4 FMN T . 30.07 -3.92 -0.22
O4 FMN T . 29.01 -3.77 -0.79
C4A FMN T . 30.23 -4.83 0.84
N5 FMN T . 29.20 -5.54 1.21
C5A FMN T . 29.39 -6.43 2.24
C6 FMN T . 28.29 -7.21 2.65
C7 FMN T . 28.40 -8.11 3.68
C7M FMN T . 27.20 -8.93 4.11
C8 FMN T . 29.65 -8.26 4.35
C8M FMN T . 29.79 -9.24 5.49
C9 FMN T . 30.73 -7.50 3.96
C9A FMN T . 30.63 -6.58 2.90
N10 FMN T . 31.70 -5.80 2.47
C10 FMN T . 31.54 -4.90 1.44
C1' FMN T . 33.01 -5.93 3.14
C2' FMN T . 33.93 -6.88 2.39
O2' FMN T . 33.34 -8.17 2.32
C3' FMN T . 35.30 -7.00 3.07
O3' FMN T . 35.13 -7.54 4.38
C4' FMN T . 36.06 -5.68 3.16
O4' FMN T . 36.28 -5.15 1.85
C5' FMN T . 37.36 -5.80 3.92
O5' FMN T . 38.33 -6.72 3.33
P FMN T . 39.16 -6.26 2.02
O1P FMN T . 38.34 -6.69 0.85
O2P FMN T . 39.42 -4.80 2.18
N1 RBF U . 17.02 -8.05 10.03
C2 RBF U . 17.95 -7.27 9.44
O2 RBF U . 18.12 -6.12 9.76
N3 RBF U . 18.72 -7.81 8.43
C4 RBF U . 18.66 -9.08 7.95
O4 RBF U . 19.36 -9.50 7.07
C4A RBF U . 17.62 -9.90 8.61
N5 RBF U . 17.49 -11.12 8.23
C5A RBF U . 16.57 -11.89 8.81
C6 RBF U . 16.43 -13.21 8.37
C7 RBF U . 15.51 -14.08 8.91
C7M RBF U . 15.39 -15.48 8.42
C8 RBF U . 14.68 -13.59 9.95
C8M RBF U . 13.66 -14.48 10.57
C9 RBF U . 14.80 -12.29 10.39
C9A RBF U . 15.74 -11.39 9.84
N10 RBF U . 15.88 -10.09 10.24
C10 RBF U . 16.84 -9.30 9.67
C1' RBF U . 15.02 -9.58 11.34
C2' RBF U . 14.10 -8.38 11.04
O2' RBF U . 13.73 -7.77 12.25
C3' RBF U . 12.87 -8.73 10.16
O3' RBF U . 13.05 -9.91 9.42
C4' RBF U . 12.45 -7.60 9.20
O4' RBF U . 13.39 -7.34 8.19
C5' RBF U . 12.09 -6.32 9.96
O5' RBF U . 11.37 -5.48 9.10
NA NA V . 14.63 24.44 -12.89
NA NA W . -3.67 26.12 -22.66
N1 FMN X . 36.48 10.51 -5.75
C2 FMN X . 37.13 11.65 -6.08
O2 FMN X . 38.34 11.63 -6.32
N3 FMN X . 36.50 12.84 -6.16
C4 FMN X . 35.16 12.97 -5.92
O4 FMN X . 34.62 14.06 -6.00
C4A FMN X . 34.44 11.81 -5.57
N5 FMN X . 33.16 11.91 -5.34
C5A FMN X . 32.48 10.76 -5.01
C6 FMN X . 31.10 10.86 -4.75
C7 FMN X . 30.36 9.75 -4.42
C7M FMN X . 28.88 9.89 -4.15
C8 FMN X . 30.99 8.48 -4.32
C8M FMN X . 30.20 7.26 -3.96
C9 FMN X . 32.35 8.38 -4.56
C9A FMN X . 33.12 9.51 -4.91
N10 FMN X . 34.48 9.44 -5.16
C10 FMN X . 35.19 10.58 -5.51
C1' FMN X . 35.19 8.15 -5.09
C2' FMN X . 35.82 7.86 -3.74
O2' FMN X . 36.45 9.04 -3.23
C3' FMN X . 36.88 6.76 -3.83
O3' FMN X . 37.17 6.28 -2.52
C4' FMN X . 38.20 7.19 -4.49
O4' FMN X . 38.03 7.36 -5.90
C5' FMN X . 39.33 6.23 -4.24
O5' FMN X . 39.78 6.31 -2.87
P FMN X . 41.38 6.43 -2.57
O1P FMN X . 42.00 5.33 -3.36
O2P FMN X . 41.52 6.47 -1.10
#